data_7AYY
#
_entry.id   7AYY
#
_cell.length_a   86.025
_cell.length_b   86.025
_cell.length_c   427.602
_cell.angle_alpha   90.000
_cell.angle_beta   90.000
_cell.angle_gamma   90.000
#
_symmetry.space_group_name_H-M   'P 41 21 2'
#
loop_
_entity.id
_entity.type
_entity.pdbx_description
1 polymer 'N-glycosylase/DNA lyase'
2 non-polymer ~{N}-cyclohexyl-2-cyclopropyl-quinazolin-4-amine
3 non-polymer '2-(N-MORPHOLINO)-ETHANESULFONIC ACID'
4 non-polymer GLYCEROL
5 water water
#
_entity_poly.entity_id   1
_entity_poly.type   'polypeptide(L)'
_entity_poly.pdbx_seq_one_letter_code
;MGSSHHHHHHSSGLVPRGSHMGHRTLASTPALWASIPCPRSELRLDLVLPSGQSFRWREQSPAHWSGVLADQVWTLTQTE
EQLHCTVYRGDKSQASRPTPDELEAVRKYFQLDVTLAQLYHHWGSVDSHFQEVAQKFQGVRLLRQDPIECLFSFICSSNN
NIARITGMVERLCQAFGPRLIQLDDVTYHGFPSLQALAGPEVEAHLRKLGLGYRARYVSASARAILEEQGGLAWLQQLRE
SSYEEAHKALCILPGVGTKVADCICLMALDKPQAVPVDVHMWHIAQRDYSWHPTTSQAKGPSPQTNKELGNFFRSLWGPY
AGWAQAVLFSADLRQSR
;
_entity_poly.pdbx_strand_id   AAA,BBB,CCC,DDD,EEE
#
# COMPACT_ATOMS: atom_id res chain seq x y z
N MET A 21 -17.87 -52.66 3.85
CA MET A 21 -16.72 -52.22 4.73
C MET A 21 -16.75 -50.70 4.93
N GLY A 22 -16.42 -50.26 6.15
CA GLY A 22 -16.52 -48.85 6.55
C GLY A 22 -15.20 -48.33 7.07
N HIS A 23 -15.03 -47.00 7.05
CA HIS A 23 -13.92 -46.29 7.70
C HIS A 23 -13.92 -46.64 9.20
N ARG A 24 -12.78 -47.08 9.74
CA ARG A 24 -12.63 -47.40 11.17
C ARG A 24 -12.49 -46.12 11.98
N THR A 25 -12.99 -46.14 13.21
CA THR A 25 -12.74 -45.10 14.24
C THR A 25 -12.05 -45.80 15.42
N LEU A 26 -11.37 -45.04 16.27
CA LEU A 26 -10.50 -45.57 17.37
C LEU A 26 -11.41 -46.19 18.44
N ALA A 27 -12.57 -45.56 18.65
CA ALA A 27 -13.62 -45.93 19.63
C ALA A 27 -14.17 -47.32 19.32
N SER A 28 -14.55 -47.57 18.06
CA SER A 28 -15.35 -48.74 17.62
C SER A 28 -14.50 -50.00 17.37
N THR A 29 -13.18 -49.90 17.19
CA THR A 29 -12.30 -51.06 16.88
C THR A 29 -10.90 -50.87 17.47
N PRO A 30 -10.75 -50.55 18.78
CA PRO A 30 -9.45 -50.27 19.38
C PRO A 30 -8.34 -51.29 19.12
N ALA A 31 -8.67 -52.58 18.93
CA ALA A 31 -7.66 -53.65 18.78
C ALA A 31 -6.93 -53.53 17.42
N LEU A 32 -7.55 -52.89 16.42
CA LEU A 32 -7.00 -52.78 15.03
C LEU A 32 -6.05 -51.57 14.90
N TRP A 33 -5.83 -50.82 15.98
CA TRP A 33 -5.02 -49.57 15.99
C TRP A 33 -3.69 -49.80 16.72
N ALA A 34 -2.57 -49.44 16.11
CA ALA A 34 -1.26 -49.33 16.80
C ALA A 34 -0.99 -47.85 17.13
N SER A 35 -0.36 -47.60 18.26
CA SER A 35 -0.09 -46.25 18.83
C SER A 35 1.40 -45.92 18.66
N ILE A 36 1.69 -44.67 18.32
CA ILE A 36 3.07 -44.12 18.23
C ILE A 36 3.14 -43.02 19.27
N PRO A 37 4.20 -42.97 20.12
CA PRO A 37 4.38 -41.87 21.06
C PRO A 37 4.59 -40.57 20.26
N CYS A 38 3.65 -39.63 20.35
CA CYS A 38 3.64 -38.44 19.47
C CYS A 38 2.78 -37.35 20.07
N PRO A 39 3.37 -36.39 20.81
CA PRO A 39 2.60 -35.29 21.39
C PRO A 39 2.10 -34.31 20.31
N ARG A 40 1.05 -33.53 20.64
CA ARG A 40 0.40 -32.56 19.72
C ARG A 40 1.42 -31.49 19.31
N SER A 41 2.45 -31.28 20.12
CA SER A 41 3.59 -30.37 19.84
C SER A 41 4.43 -30.88 18.66
N GLU A 42 4.49 -32.20 18.46
CA GLU A 42 5.30 -32.80 17.37
C GLU A 42 4.43 -32.97 16.11
N LEU A 43 3.11 -33.14 16.22
CA LEU A 43 2.24 -33.39 15.03
C LEU A 43 0.80 -33.00 15.32
N ARG A 44 0.19 -32.24 14.40
CA ARG A 44 -1.27 -32.03 14.32
C ARG A 44 -1.72 -32.47 12.93
N LEU A 45 -2.43 -33.60 12.84
CA LEU A 45 -2.87 -34.15 11.54
C LEU A 45 -3.66 -33.06 10.82
N ASP A 46 -4.45 -32.29 11.57
CA ASP A 46 -5.45 -31.35 11.02
C ASP A 46 -4.73 -30.12 10.43
N LEU A 47 -3.46 -29.87 10.77
CA LEU A 47 -2.69 -28.77 10.14
C LEU A 47 -1.73 -29.32 9.06
N VAL A 48 -1.66 -30.64 8.86
CA VAL A 48 -0.66 -31.24 7.92
C VAL A 48 -1.40 -31.85 6.73
N LEU A 49 -2.28 -32.83 6.96
CA LEU A 49 -2.82 -33.69 5.89
C LEU A 49 -3.72 -32.91 4.92
N PRO A 50 -4.50 -31.89 5.34
CA PRO A 50 -5.33 -31.12 4.41
C PRO A 50 -4.71 -29.81 3.88
N SER A 51 -3.46 -29.54 4.24
CA SER A 51 -2.85 -28.19 4.21
C SER A 51 -1.90 -28.08 3.02
N GLY A 52 -2.26 -28.71 1.89
CA GLY A 52 -1.62 -28.52 0.59
C GLY A 52 -0.22 -29.10 0.49
N GLN A 53 0.08 -30.18 1.21
CA GLN A 53 1.31 -30.98 1.01
C GLN A 53 0.94 -32.22 0.20
N SER A 54 0.13 -33.10 0.80
CA SER A 54 -0.50 -34.28 0.16
C SER A 54 -1.96 -33.94 -0.12
N PHE A 55 -2.53 -34.49 -1.20
CA PHE A 55 -3.97 -34.30 -1.53
C PHE A 55 -4.69 -35.64 -1.47
N ARG A 56 -4.14 -36.61 -0.72
CA ARG A 56 -4.64 -38.01 -0.67
C ARG A 56 -5.29 -38.31 0.69
N TRP A 57 -5.51 -37.29 1.53
CA TRP A 57 -6.08 -37.46 2.89
C TRP A 57 -7.38 -36.66 2.99
N ARG A 58 -8.43 -37.31 3.51
CA ARG A 58 -9.73 -36.69 3.82
C ARG A 58 -10.13 -37.11 5.24
N GLU A 59 -10.64 -36.15 6.00
CA GLU A 59 -11.23 -36.41 7.34
C GLU A 59 -12.59 -37.09 7.12
N GLN A 60 -12.61 -38.41 6.86
CA GLN A 60 -13.84 -39.18 6.49
C GLN A 60 -14.71 -39.35 7.73
N SER A 61 -14.13 -39.15 8.92
CA SER A 61 -14.86 -38.93 10.21
C SER A 61 -14.08 -37.91 11.04
N PRO A 62 -14.78 -37.19 11.94
CA PRO A 62 -14.11 -36.20 12.79
C PRO A 62 -12.83 -36.74 13.45
N ALA A 63 -11.70 -36.04 13.23
CA ALA A 63 -10.36 -36.29 13.80
C ALA A 63 -9.74 -37.59 13.26
N HIS A 64 -10.32 -38.17 12.20
CA HIS A 64 -9.93 -39.48 11.61
C HIS A 64 -9.61 -39.29 10.13
N TRP A 65 -8.32 -39.38 9.77
CA TRP A 65 -7.79 -39.04 8.43
C TRP A 65 -7.48 -40.32 7.68
N SER A 66 -8.11 -40.49 6.51
CA SER A 66 -8.04 -41.71 5.69
C SER A 66 -7.34 -41.38 4.36
N GLY A 67 -6.43 -42.24 3.93
CA GLY A 67 -5.62 -41.96 2.74
C GLY A 67 -4.72 -43.11 2.40
N VAL A 68 -4.10 -43.00 1.23
CA VAL A 68 -3.21 -44.04 0.67
C VAL A 68 -1.78 -43.66 1.05
N LEU A 69 -1.09 -44.57 1.70
CA LEU A 69 0.34 -44.42 2.07
C LEU A 69 1.04 -45.72 1.67
N ALA A 70 2.01 -45.65 0.77
CA ALA A 70 2.78 -46.83 0.32
C ALA A 70 1.79 -47.92 -0.10
N ASP A 71 0.93 -47.60 -1.08
CA ASP A 71 0.01 -48.52 -1.81
C ASP A 71 -0.94 -49.30 -0.87
N GLN A 72 -1.17 -48.81 0.35
CA GLN A 72 -2.21 -49.37 1.28
C GLN A 72 -3.06 -48.21 1.82
N VAL A 73 -4.29 -48.49 2.22
CA VAL A 73 -5.16 -47.46 2.84
C VAL A 73 -4.89 -47.42 4.34
N TRP A 74 -4.77 -46.23 4.90
CA TRP A 74 -4.66 -46.02 6.36
C TRP A 74 -5.69 -45.00 6.84
N THR A 75 -6.07 -45.16 8.10
CA THR A 75 -6.78 -44.15 8.90
C THR A 75 -5.85 -43.78 10.06
N LEU A 76 -5.69 -42.48 10.28
CA LEU A 76 -4.82 -41.90 11.34
C LEU A 76 -5.69 -41.01 12.22
N THR A 77 -5.47 -41.04 13.53
CA THR A 77 -6.15 -40.14 14.50
C THR A 77 -5.21 -40.00 15.68
N GLN A 78 -5.37 -38.96 16.50
CA GLN A 78 -4.43 -38.76 17.63
C GLN A 78 -5.20 -38.37 18.88
N THR A 79 -4.63 -38.69 20.04
CA THR A 79 -5.09 -38.24 21.37
C THR A 79 -4.01 -37.26 21.80
N GLU A 80 -3.97 -36.84 23.05
CA GLU A 80 -3.10 -35.71 23.47
C GLU A 80 -1.63 -36.12 23.29
N GLU A 81 -1.29 -37.40 23.49
CA GLU A 81 0.12 -37.88 23.59
C GLU A 81 0.44 -38.96 22.55
N GLN A 82 -0.51 -39.43 21.75
CA GLN A 82 -0.28 -40.58 20.85
C GLN A 82 -0.90 -40.35 19.48
N LEU A 83 -0.18 -40.79 18.44
CA LEU A 83 -0.70 -40.98 17.06
C LEU A 83 -1.19 -42.42 16.93
N HIS A 84 -2.43 -42.63 16.50
CA HIS A 84 -3.04 -43.97 16.32
C HIS A 84 -3.25 -44.24 14.85
N CYS A 85 -2.81 -45.42 14.40
CA CYS A 85 -2.77 -45.86 12.99
C CYS A 85 -3.46 -47.22 12.84
N THR A 86 -4.32 -47.33 11.84
CA THR A 86 -4.92 -48.58 11.36
C THR A 86 -4.63 -48.68 9.86
N VAL A 87 -4.47 -49.91 9.38
CA VAL A 87 -4.18 -50.21 7.94
C VAL A 87 -5.24 -51.20 7.45
N TYR A 88 -5.78 -50.96 6.26
CA TYR A 88 -6.76 -51.84 5.60
C TYR A 88 -6.00 -52.68 4.57
N ARG A 89 -5.91 -53.99 4.79
CA ARG A 89 -5.34 -54.97 3.84
C ARG A 89 -6.49 -55.71 3.15
N SER A 93 -7.39 -60.84 3.50
CA SER A 93 -7.00 -61.48 4.78
C SER A 93 -7.93 -61.02 5.92
N GLN A 94 -7.54 -61.27 7.18
CA GLN A 94 -8.27 -60.83 8.40
C GLN A 94 -7.67 -59.50 8.90
N ALA A 95 -8.53 -58.58 9.37
CA ALA A 95 -8.11 -57.29 9.96
C ALA A 95 -7.25 -57.55 11.20
N SER A 96 -6.13 -56.83 11.32
CA SER A 96 -5.29 -56.73 12.54
C SER A 96 -4.49 -55.41 12.54
N ARG A 97 -4.06 -55.00 13.73
CA ARG A 97 -3.11 -53.89 14.05
C ARG A 97 -2.03 -53.79 12.97
N PRO A 98 -1.56 -52.58 12.60
CA PRO A 98 -0.34 -52.48 11.77
C PRO A 98 0.84 -53.19 12.47
N THR A 99 1.59 -53.97 11.70
CA THR A 99 2.89 -54.57 12.12
C THR A 99 3.89 -53.46 12.41
N PRO A 100 4.95 -53.68 13.21
CA PRO A 100 5.97 -52.67 13.44
C PRO A 100 6.63 -52.19 12.13
N ASP A 101 6.77 -53.09 11.16
CA ASP A 101 7.34 -52.80 9.82
C ASP A 101 6.42 -51.84 9.07
N GLU A 102 5.11 -52.11 9.03
CA GLU A 102 4.11 -51.21 8.38
C GLU A 102 4.17 -49.83 9.04
N LEU A 103 4.29 -49.73 10.37
CA LEU A 103 4.31 -48.43 11.10
C LEU A 103 5.54 -47.61 10.72
N GLU A 104 6.58 -48.26 10.18
CA GLU A 104 7.83 -47.55 9.81
C GLU A 104 7.54 -46.63 8.62
N ALA A 105 6.69 -47.08 7.68
CA ALA A 105 6.17 -46.22 6.58
C ALA A 105 5.58 -44.93 7.19
N VAL A 106 4.75 -45.04 8.22
CA VAL A 106 4.10 -43.89 8.90
C VAL A 106 5.16 -43.00 9.54
N ARG A 107 6.10 -43.58 10.29
CA ARG A 107 7.22 -42.81 10.91
C ARG A 107 7.98 -42.04 9.82
N LYS A 108 8.34 -42.72 8.72
CA LYS A 108 9.11 -42.13 7.59
C LYS A 108 8.33 -40.96 6.98
N TYR A 109 7.03 -41.17 6.71
CA TYR A 109 6.12 -40.19 6.04
C TYR A 109 6.06 -38.89 6.85
N PHE A 110 5.97 -38.98 8.18
CA PHE A 110 5.80 -37.79 9.05
C PHE A 110 7.18 -37.29 9.54
N GLN A 111 8.27 -37.92 9.09
CA GLN A 111 9.66 -37.55 9.49
C GLN A 111 9.72 -37.40 11.01
N LEU A 112 9.24 -38.41 11.74
CA LEU A 112 9.10 -38.38 13.22
C LEU A 112 10.47 -38.46 13.93
N ASP A 113 11.56 -38.78 13.20
CA ASP A 113 12.94 -38.63 13.70
C ASP A 113 13.24 -37.17 13.99
N VAL A 114 12.78 -36.27 13.11
CA VAL A 114 13.03 -34.81 13.25
C VAL A 114 12.22 -34.27 14.43
N THR A 115 12.91 -33.82 15.49
CA THR A 115 12.30 -33.19 16.68
C THR A 115 11.94 -31.75 16.34
N LEU A 116 10.66 -31.53 16.04
CA LEU A 116 10.07 -30.27 15.58
C LEU A 116 10.33 -29.16 16.60
N ALA A 117 10.22 -29.47 17.90
CA ALA A 117 10.35 -28.50 19.01
C ALA A 117 11.66 -27.71 18.86
N GLN A 118 12.77 -28.38 18.53
CA GLN A 118 14.10 -27.76 18.28
C GLN A 118 13.99 -26.74 17.13
N LEU A 119 13.32 -27.14 16.03
CA LEU A 119 13.15 -26.29 14.81
C LEU A 119 12.24 -25.11 15.15
N TYR A 120 11.11 -25.35 15.83
CA TYR A 120 10.15 -24.29 16.26
C TYR A 120 10.89 -23.24 17.10
N HIS A 121 11.79 -23.64 18.00
CA HIS A 121 12.53 -22.64 18.84
C HIS A 121 13.46 -21.80 17.96
N HIS A 122 14.33 -22.46 17.18
CA HIS A 122 15.34 -21.82 16.30
C HIS A 122 14.65 -20.78 15.41
N TRP A 123 13.52 -21.11 14.80
CA TRP A 123 12.73 -20.17 13.95
C TRP A 123 12.18 -19.07 14.84
N GLY A 124 11.67 -19.42 16.02
CA GLY A 124 10.99 -18.50 16.95
C GLY A 124 11.91 -17.38 17.40
N SER A 125 13.16 -17.72 17.70
CA SER A 125 14.26 -16.79 18.07
C SER A 125 14.51 -15.74 16.98
N VAL A 126 14.83 -16.21 15.75
CA VAL A 126 15.32 -15.39 14.61
C VAL A 126 14.16 -14.67 13.90
N ASP A 127 12.92 -14.83 14.37
CA ASP A 127 11.72 -14.23 13.70
C ASP A 127 10.57 -14.20 14.71
N SER A 128 10.12 -13.00 15.06
CA SER A 128 9.16 -12.72 16.16
C SER A 128 7.72 -12.94 15.71
N HIS A 129 7.38 -12.63 14.46
CA HIS A 129 6.05 -12.97 13.89
C HIS A 129 5.85 -14.50 13.95
N PHE A 130 6.90 -15.25 13.62
CA PHE A 130 6.87 -16.73 13.55
C PHE A 130 6.60 -17.27 14.96
N GLN A 131 7.43 -16.84 15.91
CA GLN A 131 7.27 -17.13 17.36
C GLN A 131 5.80 -16.98 17.75
N GLU A 132 5.12 -15.91 17.31
CA GLU A 132 3.70 -15.66 17.66
C GLU A 132 2.81 -16.75 17.03
N VAL A 133 3.00 -17.04 15.75
CA VAL A 133 2.15 -18.02 14.99
C VAL A 133 2.41 -19.42 15.56
N ALA A 134 3.66 -19.71 15.93
CA ALA A 134 4.17 -21.06 16.30
C ALA A 134 3.46 -21.61 17.55
N GLN A 135 3.11 -20.74 18.49
CA GLN A 135 2.49 -21.15 19.77
C GLN A 135 0.97 -21.25 19.61
N LYS A 136 0.41 -20.87 18.46
CA LYS A 136 -1.03 -21.10 18.14
C LYS A 136 -1.16 -22.29 17.16
N PHE A 137 -0.05 -22.70 16.52
CA PHE A 137 -0.04 -23.72 15.43
C PHE A 137 1.16 -24.63 15.63
N GLN A 138 1.04 -25.51 16.62
CA GLN A 138 2.05 -26.53 16.97
C GLN A 138 1.92 -27.71 16.00
N GLY A 139 2.98 -28.49 15.85
CA GLY A 139 2.91 -29.80 15.20
C GLY A 139 2.73 -29.70 13.69
N VAL A 140 3.15 -28.60 13.06
CA VAL A 140 3.13 -28.50 11.57
C VAL A 140 4.43 -29.10 11.07
N ARG A 141 4.34 -30.34 10.61
CA ARG A 141 5.48 -31.10 10.06
C ARG A 141 5.38 -31.04 8.53
N LEU A 142 6.51 -31.31 7.90
CA LEU A 142 6.61 -31.53 6.46
C LEU A 142 6.62 -33.04 6.20
N LEU A 143 5.68 -33.51 5.40
CA LEU A 143 5.63 -34.93 4.98
C LEU A 143 6.86 -35.20 4.10
N ARG A 144 7.42 -36.41 4.20
CA ARG A 144 8.39 -36.95 3.21
C ARG A 144 7.57 -37.83 2.26
N GLN A 145 7.29 -37.30 1.08
CA GLN A 145 6.33 -37.85 0.10
C GLN A 145 7.10 -38.64 -0.95
N ASP A 146 6.44 -39.62 -1.55
CA ASP A 146 6.97 -40.37 -2.71
C ASP A 146 7.20 -39.37 -3.85
N PRO A 147 8.38 -39.42 -4.51
CA PRO A 147 8.69 -38.49 -5.61
C PRO A 147 7.68 -38.47 -6.75
N ILE A 148 7.24 -39.63 -7.22
CA ILE A 148 6.28 -39.72 -8.37
C ILE A 148 4.95 -39.11 -7.97
N GLU A 149 4.36 -39.54 -6.85
CA GLU A 149 3.09 -38.98 -6.32
C GLU A 149 3.23 -37.45 -6.21
N CYS A 150 4.31 -36.97 -5.61
CA CYS A 150 4.53 -35.53 -5.33
C CYS A 150 4.63 -34.76 -6.65
N LEU A 151 5.43 -35.27 -7.60
CA LEU A 151 5.69 -34.60 -8.90
C LEU A 151 4.37 -34.40 -9.64
N PHE A 152 3.60 -35.47 -9.83
CA PHE A 152 2.36 -35.45 -10.65
C PHE A 152 1.25 -34.69 -9.88
N SER A 153 1.17 -34.83 -8.55
CA SER A 153 0.23 -34.04 -7.71
C SER A 153 0.48 -32.54 -7.91
N PHE A 154 1.75 -32.10 -7.87
CA PHE A 154 2.10 -30.65 -7.97
C PHE A 154 1.99 -30.17 -9.43
N ILE A 155 2.24 -31.03 -10.42
CA ILE A 155 1.85 -30.70 -11.83
C ILE A 155 0.34 -30.40 -11.86
N CYS A 156 -0.46 -31.13 -11.08
CA CYS A 156 -1.93 -30.90 -11.03
C CYS A 156 -2.25 -29.65 -10.22
N SER A 157 -1.28 -29.03 -9.53
CA SER A 157 -1.54 -27.95 -8.53
C SER A 157 -1.65 -26.55 -9.18
N SER A 158 -1.16 -26.37 -10.40
CA SER A 158 -1.00 -25.02 -11.01
C SER A 158 -2.38 -24.37 -11.16
N ASN A 159 -2.47 -23.09 -10.78
CA ASN A 159 -3.65 -22.21 -10.97
C ASN A 159 -4.89 -22.92 -10.43
N ASN A 160 -4.81 -23.43 -9.20
CA ASN A 160 -5.82 -24.37 -8.64
C ASN A 160 -5.85 -24.20 -7.12
N ASN A 161 -7.01 -24.36 -6.48
CA ASN A 161 -7.09 -24.40 -5.01
C ASN A 161 -7.01 -25.86 -4.54
N ILE A 162 -6.88 -26.08 -3.23
CA ILE A 162 -6.66 -27.42 -2.59
C ILE A 162 -7.86 -28.32 -2.91
N ALA A 163 -9.08 -27.81 -2.76
CA ALA A 163 -10.34 -28.50 -3.12
C ALA A 163 -10.25 -29.13 -4.53
N ARG A 164 -9.90 -28.34 -5.54
CA ARG A 164 -9.98 -28.78 -6.96
C ARG A 164 -8.78 -29.68 -7.27
N ILE A 165 -7.60 -29.36 -6.73
CA ILE A 165 -6.39 -30.23 -6.84
C ILE A 165 -6.76 -31.63 -6.31
N THR A 166 -7.33 -31.70 -5.12
CA THR A 166 -7.70 -32.96 -4.43
C THR A 166 -8.60 -33.79 -5.36
N GLY A 167 -9.56 -33.12 -6.02
CA GLY A 167 -10.50 -33.78 -6.95
C GLY A 167 -9.77 -34.33 -8.16
N MET A 168 -8.91 -33.52 -8.79
CA MET A 168 -8.13 -33.92 -10.00
C MET A 168 -7.23 -35.10 -9.67
N VAL A 169 -6.52 -35.05 -8.53
CA VAL A 169 -5.59 -36.14 -8.14
C VAL A 169 -6.40 -37.43 -7.92
N GLU A 170 -7.54 -37.32 -7.23
CA GLU A 170 -8.48 -38.46 -7.01
C GLU A 170 -8.87 -39.09 -8.37
N ARG A 171 -9.26 -38.27 -9.34
CA ARG A 171 -9.70 -38.74 -10.69
C ARG A 171 -8.52 -39.32 -11.48
N LEU A 172 -7.33 -38.71 -11.37
CA LEU A 172 -6.09 -39.25 -11.97
C LEU A 172 -5.83 -40.67 -11.44
N CYS A 173 -5.97 -40.89 -10.13
CA CYS A 173 -5.63 -42.18 -9.46
C CYS A 173 -6.71 -43.21 -9.80
N GLN A 174 -7.98 -42.77 -9.81
CA GLN A 174 -9.13 -43.63 -10.22
C GLN A 174 -8.88 -44.20 -11.62
N ALA A 175 -8.48 -43.34 -12.56
CA ALA A 175 -8.32 -43.68 -13.99
C ALA A 175 -7.13 -44.62 -14.19
N PHE A 176 -5.98 -44.31 -13.59
CA PHE A 176 -4.67 -44.86 -14.01
C PHE A 176 -3.94 -45.61 -12.90
N GLY A 177 -4.46 -45.64 -11.68
CA GLY A 177 -3.84 -46.36 -10.54
C GLY A 177 -4.62 -47.63 -10.19
N PRO A 178 -4.01 -48.63 -9.52
CA PRO A 178 -4.73 -49.85 -9.15
C PRO A 178 -5.78 -49.58 -8.05
N ARG A 179 -6.97 -50.19 -8.21
CA ARG A 179 -8.04 -50.20 -7.17
C ARG A 179 -7.49 -50.95 -5.95
N LEU A 180 -7.53 -50.37 -4.75
CA LEU A 180 -6.99 -51.04 -3.52
C LEU A 180 -8.16 -51.61 -2.71
N ILE A 181 -9.15 -50.78 -2.43
CA ILE A 181 -10.28 -51.18 -1.53
C ILE A 181 -11.35 -50.11 -1.66
N GLN A 182 -12.59 -50.45 -1.29
CA GLN A 182 -13.68 -49.48 -1.07
C GLN A 182 -14.00 -49.46 0.43
N LEU A 183 -14.14 -48.27 1.01
CA LEU A 183 -14.65 -48.06 2.38
C LEU A 183 -15.82 -47.08 2.30
N ASP A 184 -17.02 -47.51 2.72
CA ASP A 184 -18.28 -46.77 2.51
C ASP A 184 -18.40 -46.55 0.98
N ASP A 185 -18.53 -45.31 0.50
CA ASP A 185 -18.65 -45.07 -0.96
C ASP A 185 -17.35 -44.48 -1.53
N VAL A 186 -16.22 -44.61 -0.82
CA VAL A 186 -14.90 -44.12 -1.31
C VAL A 186 -14.08 -45.31 -1.80
N THR A 187 -13.77 -45.33 -3.10
CA THR A 187 -12.86 -46.31 -3.76
C THR A 187 -11.45 -45.72 -3.78
N TYR A 188 -10.52 -46.33 -3.05
CA TYR A 188 -9.10 -45.92 -2.94
C TYR A 188 -8.30 -46.59 -4.06
N HIS A 189 -7.52 -45.81 -4.79
CA HIS A 189 -6.53 -46.32 -5.78
C HIS A 189 -5.10 -45.99 -5.33
N GLY A 190 -4.16 -46.88 -5.64
CA GLY A 190 -2.72 -46.57 -5.60
C GLY A 190 -2.43 -45.42 -6.55
N PHE A 191 -1.34 -44.70 -6.33
CA PHE A 191 -0.88 -43.64 -7.25
C PHE A 191 -0.45 -44.31 -8.55
N PRO A 192 -0.76 -43.75 -9.74
CA PRO A 192 -0.36 -44.40 -10.99
C PRO A 192 1.17 -44.49 -11.06
N SER A 193 1.66 -45.52 -11.73
CA SER A 193 3.08 -45.68 -12.11
C SER A 193 3.40 -44.76 -13.29
N LEU A 194 4.69 -44.48 -13.53
CA LEU A 194 5.17 -43.81 -14.76
C LEU A 194 4.59 -44.51 -15.99
N GLN A 195 4.65 -45.84 -16.02
CA GLN A 195 4.24 -46.67 -17.19
C GLN A 195 2.79 -46.34 -17.57
N ALA A 196 1.90 -46.29 -16.59
CA ALA A 196 0.46 -45.95 -16.74
C ALA A 196 0.30 -44.51 -17.26
N LEU A 197 1.03 -43.54 -16.73
CA LEU A 197 0.88 -42.11 -17.12
C LEU A 197 1.55 -41.82 -18.48
N ALA A 198 2.42 -42.70 -18.97
CA ALA A 198 3.21 -42.47 -20.20
C ALA A 198 2.45 -42.90 -21.48
N GLY A 199 1.32 -43.60 -21.34
CA GLY A 199 0.56 -44.16 -22.46
C GLY A 199 0.03 -43.09 -23.43
N PRO A 200 -0.08 -43.40 -24.75
CA PRO A 200 -0.50 -42.40 -25.75
C PRO A 200 -1.98 -41.94 -25.71
N GLU A 201 -2.81 -42.55 -24.87
CA GLU A 201 -4.25 -42.19 -24.68
C GLU A 201 -4.43 -41.35 -23.41
N VAL A 202 -3.40 -41.26 -22.56
CA VAL A 202 -3.52 -40.69 -21.18
C VAL A 202 -3.94 -39.23 -21.25
N GLU A 203 -3.32 -38.44 -22.11
CA GLU A 203 -3.54 -36.97 -22.25
C GLU A 203 -5.01 -36.68 -22.61
N ALA A 204 -5.57 -37.39 -23.59
CA ALA A 204 -6.98 -37.19 -24.00
C ALA A 204 -7.89 -37.58 -22.83
N HIS A 205 -7.61 -38.68 -22.12
CA HIS A 205 -8.50 -39.14 -21.00
C HIS A 205 -8.42 -38.14 -19.84
N LEU A 206 -7.22 -37.68 -19.46
CA LEU A 206 -7.05 -36.70 -18.37
C LEU A 206 -7.76 -35.39 -18.72
N ARG A 207 -7.79 -34.96 -20.00
CA ARG A 207 -8.60 -33.77 -20.41
C ARG A 207 -10.09 -34.03 -20.14
N LYS A 208 -10.56 -35.25 -20.39
CA LYS A 208 -11.99 -35.62 -20.16
C LYS A 208 -12.29 -35.51 -18.66
N LEU A 209 -11.26 -35.65 -17.79
CA LEU A 209 -11.42 -35.67 -16.32
C LEU A 209 -11.26 -34.26 -15.75
N GLY A 210 -11.00 -33.26 -16.61
CA GLY A 210 -11.01 -31.83 -16.25
C GLY A 210 -9.64 -31.31 -15.85
N LEU A 211 -8.56 -32.04 -16.15
CA LEU A 211 -7.18 -31.57 -15.82
C LEU A 211 -6.76 -30.47 -16.81
N GLY A 212 -7.50 -30.27 -17.88
CA GLY A 212 -7.20 -29.22 -18.86
C GLY A 212 -5.78 -29.35 -19.38
N TYR A 213 -5.07 -28.22 -19.46
CA TYR A 213 -3.69 -28.09 -19.95
C TYR A 213 -2.75 -28.99 -19.13
N ARG A 214 -3.14 -29.37 -17.90
CA ARG A 214 -2.26 -30.14 -16.99
C ARG A 214 -2.16 -31.59 -17.51
N ALA A 215 -3.13 -32.03 -18.30
CA ALA A 215 -3.19 -33.37 -18.93
C ALA A 215 -1.92 -33.62 -19.77
N ARG A 216 -1.56 -32.67 -20.64
CA ARG A 216 -0.38 -32.75 -21.54
C ARG A 216 0.90 -32.85 -20.70
N TYR A 217 0.99 -32.03 -19.65
CA TYR A 217 2.13 -31.97 -18.71
C TYR A 217 2.35 -33.35 -18.07
N VAL A 218 1.28 -33.97 -17.58
CA VAL A 218 1.31 -35.26 -16.84
C VAL A 218 1.86 -36.34 -17.77
N SER A 219 1.29 -36.43 -18.98
CA SER A 219 1.56 -37.52 -19.95
C SER A 219 2.98 -37.35 -20.49
N ALA A 220 3.33 -36.14 -20.90
CA ALA A 220 4.62 -35.76 -21.51
C ALA A 220 5.75 -35.87 -20.47
N SER A 221 5.48 -35.56 -19.19
CA SER A 221 6.49 -35.70 -18.10
C SER A 221 6.73 -37.19 -17.78
N ALA A 222 5.67 -37.99 -17.72
CA ALA A 222 5.77 -39.45 -17.51
C ALA A 222 6.67 -40.05 -18.60
N ARG A 223 6.44 -39.66 -19.84
CA ARG A 223 7.22 -40.14 -21.01
C ARG A 223 8.69 -39.72 -20.89
N ALA A 224 8.94 -38.43 -20.65
CA ALA A 224 10.30 -37.86 -20.49
C ALA A 224 11.07 -38.68 -19.43
N ILE A 225 10.48 -38.91 -18.26
CA ILE A 225 11.13 -39.63 -17.12
C ILE A 225 11.46 -41.07 -17.55
N LEU A 226 10.56 -41.74 -18.27
CA LEU A 226 10.73 -43.18 -18.65
C LEU A 226 11.77 -43.30 -19.76
N GLU A 227 11.61 -42.48 -20.81
CA GLU A 227 12.33 -42.64 -22.10
C GLU A 227 13.64 -41.84 -22.11
N GLU A 228 13.73 -40.72 -21.38
CA GLU A 228 14.91 -39.82 -21.48
C GLU A 228 15.73 -39.79 -20.19
N GLN A 229 15.13 -39.91 -19.00
CA GLN A 229 15.82 -39.71 -17.69
C GLN A 229 16.12 -41.03 -16.98
N GLY A 230 15.53 -42.15 -17.39
CA GLY A 230 15.88 -43.48 -16.85
C GLY A 230 15.04 -43.88 -15.65
N GLY A 231 13.79 -43.45 -15.59
CA GLY A 231 12.78 -43.95 -14.64
C GLY A 231 13.03 -43.46 -13.23
N LEU A 232 12.57 -44.22 -12.23
CA LEU A 232 12.59 -43.88 -10.79
C LEU A 232 14.02 -43.59 -10.30
N ALA A 233 15.03 -44.22 -10.92
CA ALA A 233 16.47 -44.00 -10.66
C ALA A 233 16.80 -42.49 -10.70
N TRP A 234 16.20 -41.72 -11.61
CA TRP A 234 16.44 -40.25 -11.72
C TRP A 234 15.99 -39.52 -10.45
N LEU A 235 14.82 -39.86 -9.89
CA LEU A 235 14.28 -39.12 -8.73
C LEU A 235 15.10 -39.49 -7.50
N GLN A 236 15.67 -40.70 -7.42
CA GLN A 236 16.64 -41.05 -6.34
C GLN A 236 17.92 -40.21 -6.54
N GLN A 237 18.41 -40.10 -7.77
CA GLN A 237 19.58 -39.25 -8.12
C GLN A 237 19.32 -37.81 -7.65
N LEU A 238 18.12 -37.28 -7.91
CA LEU A 238 17.78 -35.89 -7.52
C LEU A 238 17.68 -35.79 -5.99
N ARG A 239 17.23 -36.85 -5.31
CA ARG A 239 17.26 -36.90 -3.83
C ARG A 239 18.68 -36.70 -3.29
N GLU A 240 19.69 -37.26 -3.96
CA GLU A 240 21.10 -37.31 -3.47
C GLU A 240 21.87 -36.07 -3.94
N SER A 241 21.28 -35.27 -4.83
CA SER A 241 21.90 -34.06 -5.43
C SER A 241 21.63 -32.84 -4.56
N SER A 242 22.32 -31.73 -4.81
CA SER A 242 22.03 -30.41 -4.20
C SER A 242 20.64 -29.94 -4.61
N TYR A 243 20.05 -29.08 -3.81
CA TYR A 243 18.85 -28.28 -4.14
C TYR A 243 19.01 -27.66 -5.54
N GLU A 244 20.18 -27.06 -5.81
CA GLU A 244 20.46 -26.27 -7.04
C GLU A 244 20.40 -27.20 -8.25
N GLU A 245 21.07 -28.35 -8.17
CA GLU A 245 21.05 -29.39 -9.22
C GLU A 245 19.62 -29.89 -9.42
N ALA A 246 18.94 -30.33 -8.35
CA ALA A 246 17.64 -31.04 -8.41
C ALA A 246 16.58 -30.11 -9.01
N HIS A 247 16.55 -28.86 -8.55
CA HIS A 247 15.60 -27.80 -9.02
C HIS A 247 15.76 -27.60 -10.53
N LYS A 248 16.99 -27.33 -10.96
CA LYS A 248 17.35 -27.14 -12.39
C LYS A 248 16.90 -28.39 -13.18
N ALA A 249 17.21 -29.59 -12.65
CA ALA A 249 16.93 -30.88 -13.31
C ALA A 249 15.41 -31.03 -13.54
N LEU A 250 14.58 -30.73 -12.53
CA LEU A 250 13.12 -30.88 -12.64
C LEU A 250 12.58 -29.93 -13.70
N CYS A 251 13.16 -28.75 -13.87
CA CYS A 251 12.65 -27.70 -14.79
C CYS A 251 12.84 -28.07 -16.26
N ILE A 252 13.33 -29.27 -16.58
CA ILE A 252 13.35 -29.75 -18.00
C ILE A 252 11.99 -30.42 -18.30
N LEU A 253 11.16 -30.69 -17.30
CA LEU A 253 9.92 -31.47 -17.50
C LEU A 253 8.80 -30.55 -17.98
N PRO A 254 7.99 -30.96 -18.98
CA PRO A 254 6.80 -30.20 -19.33
C PRO A 254 5.92 -29.90 -18.10
N GLY A 255 5.64 -28.62 -17.87
CA GLY A 255 4.75 -28.13 -16.79
C GLY A 255 5.46 -27.95 -15.47
N VAL A 256 6.78 -28.17 -15.42
CA VAL A 256 7.53 -28.03 -14.14
C VAL A 256 8.43 -26.80 -14.26
N GLY A 257 7.98 -25.68 -13.70
CA GLY A 257 8.76 -24.43 -13.54
C GLY A 257 9.25 -24.28 -12.10
N THR A 258 9.63 -23.06 -11.72
CA THR A 258 10.24 -22.74 -10.41
C THR A 258 9.34 -23.23 -9.27
N LYS A 259 8.05 -22.95 -9.39
CA LYS A 259 7.05 -23.17 -8.31
C LYS A 259 6.93 -24.67 -8.07
N VAL A 260 6.63 -25.44 -9.11
CA VAL A 260 6.44 -26.91 -8.95
C VAL A 260 7.77 -27.54 -8.56
N ALA A 261 8.89 -27.16 -9.17
CA ALA A 261 10.23 -27.69 -8.85
C ALA A 261 10.53 -27.49 -7.37
N ASP A 262 10.23 -26.30 -6.83
CA ASP A 262 10.44 -25.97 -5.40
C ASP A 262 9.55 -26.87 -4.53
N CYS A 263 8.28 -27.09 -4.90
CA CYS A 263 7.36 -27.98 -4.15
C CYS A 263 7.95 -29.40 -4.03
N ILE A 264 8.41 -29.96 -5.15
CA ILE A 264 8.95 -31.36 -5.19
C ILE A 264 10.25 -31.42 -4.37
N CYS A 265 11.14 -30.44 -4.57
CA CYS A 265 12.40 -30.28 -3.80
C CYS A 265 12.11 -30.37 -2.29
N LEU A 266 11.19 -29.55 -1.80
CA LEU A 266 10.86 -29.46 -0.36
C LEU A 266 10.21 -30.77 0.12
N MET A 267 9.23 -31.30 -0.63
CA MET A 267 8.25 -32.27 -0.07
C MET A 267 8.59 -33.72 -0.44
N ALA A 268 9.43 -33.96 -1.44
CA ALA A 268 9.85 -35.33 -1.86
C ALA A 268 11.36 -35.51 -2.02
N LEU A 269 12.16 -34.46 -2.22
CA LEU A 269 13.62 -34.63 -2.55
C LEU A 269 14.52 -34.15 -1.42
N ASP A 270 13.98 -34.02 -0.20
CA ASP A 270 14.74 -33.70 1.03
C ASP A 270 15.60 -32.44 0.81
N LYS A 271 15.03 -31.39 0.21
CA LYS A 271 15.68 -30.05 0.14
C LYS A 271 14.90 -29.13 1.08
N PRO A 272 15.19 -29.18 2.40
CA PRO A 272 14.39 -28.42 3.36
C PRO A 272 14.57 -26.89 3.24
N GLN A 273 15.54 -26.41 2.46
CA GLN A 273 15.73 -24.95 2.23
C GLN A 273 14.88 -24.48 1.05
N ALA A 274 14.16 -25.38 0.34
CA ALA A 274 13.30 -24.99 -0.81
C ALA A 274 12.12 -24.16 -0.32
N VAL A 275 11.80 -23.05 -0.99
CA VAL A 275 10.65 -22.18 -0.63
C VAL A 275 9.83 -21.84 -1.86
N PRO A 276 8.79 -22.64 -2.22
CA PRO A 276 7.95 -22.31 -3.37
C PRO A 276 7.27 -20.96 -3.13
N VAL A 277 7.29 -20.07 -4.13
CA VAL A 277 6.69 -18.71 -4.00
C VAL A 277 5.63 -18.54 -5.09
N ASP A 278 4.38 -18.32 -4.68
CA ASP A 278 3.26 -17.89 -5.56
C ASP A 278 2.64 -16.61 -4.97
N VAL A 279 1.54 -16.15 -5.57
CA VAL A 279 0.80 -14.91 -5.17
C VAL A 279 0.27 -15.07 -3.74
N HIS A 280 -0.07 -16.30 -3.35
CA HIS A 280 -0.50 -16.64 -1.97
C HIS A 280 0.62 -16.29 -0.98
N MET A 281 1.86 -16.73 -1.23
CA MET A 281 3.01 -16.60 -0.27
C MET A 281 3.44 -15.14 -0.17
N TRP A 282 2.71 -14.29 -0.88
CA TRP A 282 3.16 -12.96 -1.34
C TRP A 282 2.28 -11.94 -0.62
N HIS A 283 0.96 -12.15 -0.66
CA HIS A 283 -0.06 -11.53 0.21
C HIS A 283 0.30 -11.76 1.68
N ILE A 284 0.95 -12.89 2.02
CA ILE A 284 1.41 -13.24 3.39
C ILE A 284 2.64 -12.38 3.74
N ALA A 285 3.63 -12.30 2.85
CA ALA A 285 4.87 -11.54 3.11
C ALA A 285 4.58 -10.03 3.04
N GLN A 286 3.71 -9.58 2.13
CA GLN A 286 3.32 -8.15 1.99
C GLN A 286 2.79 -7.67 3.35
N ARG A 287 1.69 -8.28 3.80
CA ARG A 287 0.94 -7.93 5.02
C ARG A 287 1.80 -8.18 6.27
N ASP A 288 2.22 -9.42 6.51
CA ASP A 288 2.73 -9.85 7.84
C ASP A 288 4.25 -9.59 7.95
N TYR A 289 4.95 -9.16 6.88
CA TYR A 289 6.42 -8.93 6.90
C TYR A 289 6.83 -7.56 6.34
N SER A 290 5.89 -6.72 5.88
CA SER A 290 6.18 -5.39 5.28
C SER A 290 7.27 -5.53 4.21
N TRP A 291 7.06 -6.45 3.26
CA TRP A 291 7.96 -6.72 2.11
C TRP A 291 7.30 -6.15 0.84
N HIS A 292 8.12 -5.84 -0.18
CA HIS A 292 7.70 -5.36 -1.52
C HIS A 292 8.84 -5.58 -2.51
N PRO A 293 8.55 -5.85 -3.80
CA PRO A 293 9.60 -6.10 -4.79
C PRO A 293 10.44 -4.85 -5.08
N THR A 294 11.76 -4.97 -4.98
CA THR A 294 12.74 -3.85 -5.12
C THR A 294 12.82 -3.42 -6.59
N PRO A 301 4.09 -9.36 -9.01
CA PRO A 301 4.62 -10.72 -8.80
C PRO A 301 5.19 -11.28 -10.12
N SER A 302 6.47 -11.64 -10.11
CA SER A 302 7.29 -11.93 -11.31
C SER A 302 8.42 -12.90 -10.97
N PRO A 303 9.00 -13.63 -11.97
CA PRO A 303 10.12 -14.52 -11.70
C PRO A 303 11.16 -13.86 -10.78
N GLN A 304 11.57 -12.62 -11.07
CA GLN A 304 12.64 -11.90 -10.33
C GLN A 304 12.22 -11.66 -8.88
N THR A 305 10.97 -11.23 -8.69
CA THR A 305 10.44 -10.82 -7.37
C THR A 305 10.22 -12.08 -6.53
N ASN A 306 9.80 -13.18 -7.18
CA ASN A 306 9.56 -14.51 -6.54
C ASN A 306 10.88 -15.05 -5.98
N LYS A 307 11.97 -14.97 -6.75
CA LYS A 307 13.30 -15.47 -6.35
C LYS A 307 13.84 -14.67 -5.16
N GLU A 308 13.63 -13.34 -5.16
CA GLU A 308 14.08 -12.43 -4.06
C GLU A 308 13.45 -12.91 -2.75
N LEU A 309 12.14 -13.11 -2.78
CA LEU A 309 11.29 -13.55 -1.65
C LEU A 309 11.82 -14.90 -1.14
N GLY A 310 12.02 -15.86 -2.05
CA GLY A 310 12.65 -17.15 -1.73
C GLY A 310 13.92 -16.93 -0.93
N ASN A 311 14.82 -16.09 -1.46
CA ASN A 311 16.18 -15.85 -0.89
C ASN A 311 16.07 -15.24 0.51
N PHE A 312 15.09 -14.36 0.71
CA PHE A 312 14.84 -13.65 1.99
C PHE A 312 14.55 -14.67 3.09
N PHE A 313 13.58 -15.55 2.82
CA PHE A 313 13.09 -16.57 3.79
C PHE A 313 14.22 -17.57 4.07
N ARG A 314 15.05 -17.92 3.07
CA ARG A 314 16.22 -18.79 3.32
C ARG A 314 17.22 -18.06 4.24
N SER A 315 17.47 -16.77 4.00
CA SER A 315 18.39 -15.90 4.79
C SER A 315 17.87 -15.82 6.22
N LEU A 316 16.56 -15.57 6.36
CA LEU A 316 15.89 -15.38 7.67
C LEU A 316 15.84 -16.71 8.45
N TRP A 317 15.18 -17.76 7.93
CA TRP A 317 14.84 -18.97 8.72
C TRP A 317 15.98 -19.98 8.74
N GLY A 318 16.87 -19.97 7.74
CA GLY A 318 18.05 -20.87 7.66
C GLY A 318 17.77 -22.14 6.86
N PRO A 319 18.59 -23.20 7.04
CA PRO A 319 18.56 -24.35 6.14
C PRO A 319 17.28 -25.19 6.07
N TYR A 320 16.28 -24.93 6.96
CA TYR A 320 14.97 -25.61 7.02
C TYR A 320 13.85 -24.58 6.77
N ALA A 321 14.07 -23.60 5.89
CA ALA A 321 13.14 -22.47 5.63
C ALA A 321 11.80 -22.96 5.04
N GLY A 322 11.83 -24.01 4.21
CA GLY A 322 10.59 -24.60 3.64
C GLY A 322 9.67 -25.15 4.73
N TRP A 323 10.27 -25.75 5.76
CA TRP A 323 9.51 -26.25 6.95
C TRP A 323 8.86 -25.08 7.68
N ALA A 324 9.58 -23.99 7.91
CA ALA A 324 9.03 -22.80 8.61
C ALA A 324 7.87 -22.23 7.78
N GLN A 325 8.04 -22.18 6.44
CA GLN A 325 6.98 -21.72 5.49
C GLN A 325 5.71 -22.55 5.68
N ALA A 326 5.85 -23.86 5.93
CA ALA A 326 4.71 -24.79 6.07
C ALA A 326 3.86 -24.36 7.28
N VAL A 327 4.51 -23.97 8.37
CA VAL A 327 3.82 -23.49 9.61
C VAL A 327 2.94 -22.29 9.26
N LEU A 328 3.52 -21.26 8.61
CA LEU A 328 2.78 -20.03 8.23
C LEU A 328 1.66 -20.35 7.25
N PHE A 329 1.91 -21.19 6.24
CA PHE A 329 0.88 -21.50 5.21
C PHE A 329 -0.28 -22.24 5.90
N SER A 330 0.01 -23.29 6.67
CA SER A 330 -1.01 -24.07 7.44
C SER A 330 -1.81 -23.13 8.34
N ALA A 331 -1.10 -22.33 9.15
CA ALA A 331 -1.68 -21.28 10.03
C ALA A 331 -2.65 -20.42 9.21
N ASP A 332 -2.20 -19.90 8.08
CA ASP A 332 -2.98 -18.95 7.23
C ASP A 332 -4.23 -19.60 6.65
N LEU A 333 -4.21 -20.91 6.36
CA LEU A 333 -5.39 -21.61 5.80
C LEU A 333 -6.53 -21.65 6.82
N ARG A 334 -6.22 -21.62 8.12
CA ARG A 334 -7.23 -21.82 9.20
C ARG A 334 -8.03 -20.54 9.44
N MET B 21 -25.73 9.43 -16.47
CA MET B 21 -26.58 9.44 -17.68
C MET B 21 -25.87 10.16 -18.85
N GLY B 22 -25.00 11.14 -18.58
CA GLY B 22 -24.13 11.80 -19.60
C GLY B 22 -22.65 11.43 -19.44
N HIS B 23 -21.88 11.46 -20.53
CA HIS B 23 -20.41 11.29 -20.55
C HIS B 23 -19.78 12.50 -19.85
N ARG B 24 -18.96 12.28 -18.81
CA ARG B 24 -18.32 13.37 -18.03
C ARG B 24 -17.21 14.00 -18.88
N THR B 25 -17.01 15.31 -18.76
CA THR B 25 -15.74 15.99 -19.17
C THR B 25 -15.10 16.52 -17.90
N LEU B 26 -13.79 16.80 -17.94
CA LEU B 26 -12.99 17.28 -16.77
C LEU B 26 -13.47 18.68 -16.37
N ALA B 27 -13.77 19.53 -17.36
CA ALA B 27 -14.28 20.91 -17.18
C ALA B 27 -15.61 20.87 -16.40
N SER B 28 -16.56 20.04 -16.82
CA SER B 28 -17.96 20.04 -16.35
C SER B 28 -18.09 19.48 -14.92
N THR B 29 -17.39 18.41 -14.56
CA THR B 29 -17.53 17.76 -13.22
C THR B 29 -16.17 17.47 -12.59
N PRO B 30 -15.33 18.51 -12.34
CA PRO B 30 -13.95 18.31 -11.90
C PRO B 30 -13.74 17.52 -10.58
N ALA B 31 -14.76 17.46 -9.71
CA ALA B 31 -14.71 16.77 -8.41
C ALA B 31 -14.80 15.25 -8.62
N LEU B 32 -15.33 14.81 -9.78
CA LEU B 32 -15.52 13.36 -10.07
C LEU B 32 -14.27 12.75 -10.73
N TRP B 33 -13.17 13.51 -10.84
CA TRP B 33 -11.89 13.05 -11.42
C TRP B 33 -10.82 12.91 -10.33
N ALA B 34 -10.00 11.87 -10.44
CA ALA B 34 -8.69 11.75 -9.74
C ALA B 34 -7.59 11.88 -10.79
N SER B 35 -6.44 12.42 -10.40
CA SER B 35 -5.25 12.59 -11.26
C SER B 35 -4.18 11.54 -10.92
N ILE B 36 -3.40 11.19 -11.94
CA ILE B 36 -2.17 10.38 -11.85
C ILE B 36 -1.08 11.26 -12.45
N PRO B 37 0.08 11.42 -11.79
CA PRO B 37 1.19 12.15 -12.40
C PRO B 37 1.63 11.31 -13.61
N CYS B 38 1.71 11.95 -14.78
CA CYS B 38 1.96 11.26 -16.06
C CYS B 38 2.15 12.30 -17.16
N PRO B 39 3.40 12.61 -17.56
CA PRO B 39 3.63 13.51 -18.68
C PRO B 39 3.25 12.88 -20.02
N ARG B 40 3.09 13.70 -21.08
CA ARG B 40 2.81 13.25 -22.47
C ARG B 40 3.91 12.32 -22.97
N SER B 41 5.17 12.60 -22.62
CA SER B 41 6.35 11.76 -22.93
C SER B 41 6.11 10.30 -22.48
N GLU B 42 5.34 10.07 -21.42
CA GLU B 42 5.06 8.70 -20.90
C GLU B 42 3.76 8.11 -21.51
N LEU B 43 2.82 8.92 -22.00
CA LEU B 43 1.49 8.43 -22.46
C LEU B 43 0.81 9.50 -23.30
N ARG B 44 0.40 9.15 -24.51
CA ARG B 44 -0.59 9.89 -25.32
C ARG B 44 -1.76 8.95 -25.58
N LEU B 45 -2.91 9.26 -24.95
CA LEU B 45 -4.12 8.41 -25.01
C LEU B 45 -4.51 8.23 -26.49
N ASP B 46 -4.37 9.29 -27.28
CA ASP B 46 -4.87 9.34 -28.69
C ASP B 46 -3.96 8.47 -29.57
N LEU B 47 -2.74 8.15 -29.14
CA LEU B 47 -1.83 7.23 -29.87
C LEU B 47 -1.86 5.82 -29.31
N VAL B 48 -2.67 5.54 -28.29
CA VAL B 48 -2.71 4.21 -27.62
C VAL B 48 -4.11 3.60 -27.76
N LEU B 49 -5.17 4.30 -27.31
CA LEU B 49 -6.51 3.67 -27.13
C LEU B 49 -7.22 3.38 -28.45
N PRO B 50 -7.01 4.15 -29.55
CA PRO B 50 -7.60 3.85 -30.86
C PRO B 50 -6.64 3.21 -31.89
N SER B 51 -5.43 2.82 -31.44
CA SER B 51 -4.31 2.40 -32.31
C SER B 51 -4.12 0.87 -32.29
N GLY B 52 -5.20 0.10 -32.26
CA GLY B 52 -5.19 -1.35 -32.61
C GLY B 52 -4.71 -2.27 -31.51
N GLN B 53 -4.72 -1.83 -30.25
CA GLN B 53 -4.41 -2.69 -29.09
C GLN B 53 -5.74 -3.12 -28.48
N SER B 54 -6.46 -2.16 -27.88
CA SER B 54 -7.84 -2.34 -27.37
C SER B 54 -8.82 -1.73 -28.36
N PHE B 55 -9.99 -2.36 -28.52
CA PHE B 55 -11.08 -1.87 -29.40
C PHE B 55 -12.24 -1.36 -28.53
N ARG B 56 -12.01 -1.12 -27.24
CA ARG B 56 -13.10 -0.86 -26.24
C ARG B 56 -13.18 0.64 -25.89
N TRP B 57 -12.43 1.49 -26.58
CA TRP B 57 -12.24 2.93 -26.23
C TRP B 57 -12.66 3.79 -27.42
N ARG B 58 -13.48 4.81 -27.15
CA ARG B 58 -13.93 5.84 -28.12
C ARG B 58 -13.79 7.23 -27.49
N GLU B 59 -13.36 8.19 -28.29
CA GLU B 59 -13.29 9.62 -27.92
C GLU B 59 -14.70 10.24 -28.01
N GLN B 60 -15.56 9.97 -27.02
CA GLN B 60 -17.02 10.29 -27.08
C GLN B 60 -17.22 11.81 -27.00
N SER B 61 -16.30 12.54 -26.37
CA SER B 61 -16.12 14.01 -26.57
C SER B 61 -14.63 14.27 -26.73
N PRO B 62 -14.23 15.40 -27.35
CA PRO B 62 -12.82 15.66 -27.67
C PRO B 62 -11.89 15.44 -26.47
N ALA B 63 -10.81 14.67 -26.69
CA ALA B 63 -9.69 14.40 -25.74
C ALA B 63 -10.19 13.65 -24.50
N HIS B 64 -11.43 13.16 -24.54
CA HIS B 64 -12.02 12.32 -23.47
C HIS B 64 -12.29 10.92 -24.03
N TRP B 65 -11.70 9.88 -23.42
CA TRP B 65 -11.77 8.47 -23.91
C TRP B 65 -12.59 7.64 -22.92
N SER B 66 -13.70 7.06 -23.37
CA SER B 66 -14.56 6.18 -22.54
C SER B 66 -14.51 4.74 -23.03
N GLY B 67 -14.50 3.80 -22.08
CA GLY B 67 -14.43 2.36 -22.32
C GLY B 67 -14.61 1.58 -21.03
N VAL B 68 -14.75 0.27 -21.18
CA VAL B 68 -14.84 -0.69 -20.05
C VAL B 68 -13.40 -1.09 -19.72
N LEU B 69 -13.02 -0.87 -18.46
CA LEU B 69 -11.77 -1.35 -17.84
C LEU B 69 -12.16 -2.05 -16.53
N ALA B 70 -11.86 -3.33 -16.41
CA ALA B 70 -12.03 -4.09 -15.14
C ALA B 70 -13.50 -4.06 -14.71
N ASP B 71 -14.44 -4.31 -15.65
CA ASP B 71 -15.89 -4.56 -15.40
C ASP B 71 -16.65 -3.28 -15.03
N GLN B 72 -16.05 -2.11 -15.28
CA GLN B 72 -16.59 -0.76 -14.95
C GLN B 72 -16.29 0.15 -16.13
N VAL B 73 -17.17 1.11 -16.39
CA VAL B 73 -16.95 2.16 -17.42
C VAL B 73 -16.10 3.26 -16.80
N TRP B 74 -15.11 3.73 -17.57
CA TRP B 74 -14.22 4.88 -17.22
C TRP B 74 -14.22 5.86 -18.36
N THR B 75 -13.90 7.12 -18.05
CA THR B 75 -13.52 8.17 -19.03
C THR B 75 -12.11 8.65 -18.62
N LEU B 76 -11.22 8.80 -19.60
CA LEU B 76 -9.82 9.23 -19.35
C LEU B 76 -9.53 10.44 -20.24
N THR B 77 -8.81 11.40 -19.70
CA THR B 77 -8.38 12.61 -20.43
C THR B 77 -7.06 13.00 -19.77
N GLN B 78 -6.26 13.86 -20.40
CA GLN B 78 -4.93 14.20 -19.83
C GLN B 78 -4.63 15.67 -20.14
N THR B 79 -3.81 16.28 -19.29
CA THR B 79 -3.26 17.65 -19.46
C THR B 79 -1.77 17.46 -19.69
N GLU B 80 -0.95 18.51 -19.67
CA GLU B 80 0.48 18.35 -20.03
C GLU B 80 1.17 17.39 -19.04
N GLU B 81 0.69 17.28 -17.80
CA GLU B 81 1.48 16.60 -16.74
C GLU B 81 0.67 15.56 -15.97
N GLN B 82 -0.63 15.41 -16.23
CA GLN B 82 -1.52 14.52 -15.45
C GLN B 82 -2.42 13.70 -16.39
N LEU B 83 -2.68 12.45 -15.98
CA LEU B 83 -3.76 11.59 -16.51
C LEU B 83 -4.95 11.71 -15.56
N HIS B 84 -6.10 12.16 -16.05
CA HIS B 84 -7.35 12.36 -15.26
C HIS B 84 -8.34 11.22 -15.54
N CYS B 85 -8.82 10.58 -14.49
CA CYS B 85 -9.66 9.36 -14.54
C CYS B 85 -10.97 9.61 -13.76
N THR B 86 -12.08 9.16 -14.34
CA THR B 86 -13.43 9.13 -13.71
C THR B 86 -14.07 7.78 -14.01
N VAL B 87 -14.78 7.23 -13.03
CA VAL B 87 -15.40 5.88 -13.11
C VAL B 87 -16.90 6.02 -12.80
N TYR B 88 -17.73 5.33 -13.57
CA TYR B 88 -19.20 5.32 -13.44
C TYR B 88 -19.59 4.00 -12.76
N ARG B 89 -20.31 4.06 -11.64
CA ARG B 89 -20.65 2.89 -10.79
C ARG B 89 -22.13 2.47 -10.95
N GLY B 90 -23.00 3.35 -11.44
CA GLY B 90 -24.41 3.06 -11.74
C GLY B 90 -25.28 4.31 -11.74
N SER B 93 -25.24 3.57 -6.50
CA SER B 93 -24.53 4.39 -5.47
C SER B 93 -24.54 5.86 -5.90
N GLN B 94 -23.59 6.65 -5.40
CA GLN B 94 -23.52 8.12 -5.58
C GLN B 94 -22.16 8.45 -6.23
N ALA B 95 -22.18 9.34 -7.22
CA ALA B 95 -21.01 9.72 -8.04
C ALA B 95 -19.90 10.22 -7.12
N SER B 96 -18.71 9.63 -7.22
CA SER B 96 -17.47 10.08 -6.54
C SER B 96 -16.25 9.77 -7.39
N ARG B 97 -15.12 10.42 -7.09
CA ARG B 97 -13.85 10.22 -7.83
C ARG B 97 -13.39 8.78 -7.58
N PRO B 98 -12.57 8.21 -8.48
CA PRO B 98 -11.95 6.91 -8.26
C PRO B 98 -11.21 6.90 -6.91
N THR B 99 -11.30 5.80 -6.17
CA THR B 99 -10.50 5.55 -4.95
C THR B 99 -9.07 5.23 -5.39
N PRO B 100 -8.08 5.31 -4.48
CA PRO B 100 -6.71 4.91 -4.80
C PRO B 100 -6.66 3.44 -5.28
N ASP B 101 -7.49 2.57 -4.71
CA ASP B 101 -7.57 1.13 -5.08
C ASP B 101 -8.02 1.02 -6.54
N GLU B 102 -9.05 1.76 -6.93
CA GLU B 102 -9.63 1.72 -8.30
C GLU B 102 -8.61 2.23 -9.31
N LEU B 103 -7.84 3.27 -8.96
CA LEU B 103 -6.81 3.90 -9.84
C LEU B 103 -5.68 2.91 -10.15
N GLU B 104 -5.44 1.91 -9.30
CA GLU B 104 -4.38 0.90 -9.54
C GLU B 104 -4.72 0.13 -10.82
N ALA B 105 -6.00 -0.09 -11.10
CA ALA B 105 -6.47 -0.75 -12.35
C ALA B 105 -5.93 0.03 -13.54
N VAL B 106 -5.98 1.37 -13.48
CA VAL B 106 -5.56 2.26 -14.60
C VAL B 106 -4.03 2.21 -14.71
N ARG B 107 -3.35 2.23 -13.56
CA ARG B 107 -1.87 2.17 -13.50
C ARG B 107 -1.41 0.86 -14.17
N LYS B 108 -2.00 -0.27 -13.78
CA LYS B 108 -1.67 -1.62 -14.31
C LYS B 108 -1.96 -1.71 -15.83
N TYR B 109 -3.14 -1.26 -16.25
CA TYR B 109 -3.61 -1.31 -17.66
C TYR B 109 -2.64 -0.58 -18.59
N PHE B 110 -2.10 0.57 -18.18
CA PHE B 110 -1.14 1.36 -19.01
C PHE B 110 0.30 1.00 -18.64
N GLN B 111 0.49 0.08 -17.70
CA GLN B 111 1.84 -0.39 -17.28
C GLN B 111 2.71 0.82 -16.93
N LEU B 112 2.19 1.73 -16.12
CA LEU B 112 2.87 3.04 -15.86
C LEU B 112 4.14 2.85 -15.01
N ASP B 113 4.31 1.67 -14.38
CA ASP B 113 5.58 1.26 -13.72
C ASP B 113 6.72 1.34 -14.74
N VAL B 114 6.51 0.88 -15.96
CA VAL B 114 7.51 0.97 -17.05
C VAL B 114 7.73 2.46 -17.39
N THR B 115 8.98 2.94 -17.35
CA THR B 115 9.34 4.30 -17.79
C THR B 115 9.77 4.21 -19.26
N LEU B 116 8.98 4.85 -20.12
CA LEU B 116 9.00 4.70 -21.58
C LEU B 116 10.20 5.45 -22.16
N ALA B 117 10.67 6.46 -21.42
CA ALA B 117 11.91 7.25 -21.66
C ALA B 117 13.07 6.34 -22.09
N GLN B 118 13.45 5.36 -21.26
CA GLN B 118 14.63 4.48 -21.53
C GLN B 118 14.38 3.61 -22.77
N LEU B 119 13.17 3.08 -22.90
CA LEU B 119 12.81 2.20 -24.04
C LEU B 119 12.96 3.01 -25.32
N TYR B 120 12.38 4.21 -25.37
CA TYR B 120 12.52 5.16 -26.51
C TYR B 120 14.00 5.45 -26.77
N HIS B 121 14.87 5.56 -25.75
CA HIS B 121 16.32 5.88 -25.95
C HIS B 121 17.05 4.69 -26.58
N HIS B 122 16.88 3.48 -26.02
CA HIS B 122 17.46 2.21 -26.53
C HIS B 122 17.09 2.04 -28.01
N TRP B 123 15.79 2.11 -28.34
CA TRP B 123 15.30 1.79 -29.70
C TRP B 123 15.86 2.82 -30.68
N GLY B 124 15.84 4.10 -30.30
CA GLY B 124 16.41 5.22 -31.08
C GLY B 124 17.90 5.05 -31.31
N SER B 125 18.65 4.60 -30.29
CA SER B 125 20.13 4.41 -30.35
C SER B 125 20.49 3.40 -31.45
N VAL B 126 19.71 2.32 -31.61
CA VAL B 126 20.04 1.24 -32.57
C VAL B 126 19.36 1.49 -33.92
N ASP B 127 18.32 2.32 -33.96
CA ASP B 127 17.48 2.46 -35.19
C ASP B 127 17.29 3.95 -35.44
N SER B 128 17.94 4.47 -36.49
CA SER B 128 17.91 5.90 -36.91
C SER B 128 16.49 6.30 -37.30
N HIS B 129 15.81 5.47 -38.10
CA HIS B 129 14.43 5.74 -38.56
C HIS B 129 13.52 5.83 -37.33
N PHE B 130 13.66 4.89 -36.39
CA PHE B 130 12.85 4.88 -35.15
C PHE B 130 13.03 6.23 -34.45
N GLN B 131 14.28 6.62 -34.24
CA GLN B 131 14.66 7.90 -33.57
C GLN B 131 13.84 9.03 -34.20
N GLU B 132 13.85 9.12 -35.54
CA GLU B 132 13.13 10.14 -36.35
C GLU B 132 11.62 10.12 -35.99
N VAL B 133 10.98 8.96 -36.08
CA VAL B 133 9.51 8.79 -35.82
C VAL B 133 9.23 9.06 -34.33
N ALA B 134 10.10 8.59 -33.42
CA ALA B 134 9.93 8.65 -31.94
C ALA B 134 9.80 10.10 -31.46
N GLN B 135 10.59 11.00 -32.04
CA GLN B 135 10.54 12.46 -31.77
C GLN B 135 9.12 12.99 -31.98
N LYS B 136 8.43 12.56 -33.04
CA LYS B 136 7.08 13.07 -33.41
C LYS B 136 5.98 12.34 -32.63
N PHE B 137 6.22 11.11 -32.13
CA PHE B 137 5.17 10.25 -31.54
C PHE B 137 5.63 9.71 -30.18
N GLN B 138 5.58 10.59 -29.16
CA GLN B 138 5.91 10.27 -27.76
C GLN B 138 4.72 9.53 -27.13
N GLY B 139 4.99 8.74 -26.10
CA GLY B 139 3.96 8.22 -25.19
C GLY B 139 3.14 7.10 -25.80
N VAL B 140 3.69 6.38 -26.79
CA VAL B 140 3.06 5.12 -27.28
C VAL B 140 3.46 3.98 -26.34
N ARG B 141 2.52 3.63 -25.48
CA ARG B 141 2.63 2.57 -24.46
C ARG B 141 1.90 1.33 -24.95
N LEU B 142 2.31 0.17 -24.44
CA LEU B 142 1.56 -1.08 -24.65
C LEU B 142 0.65 -1.33 -23.45
N LEU B 143 -0.66 -1.45 -23.69
CA LEU B 143 -1.65 -1.81 -22.66
C LEU B 143 -1.38 -3.24 -22.19
N ARG B 144 -1.67 -3.53 -20.93
CA ARG B 144 -1.69 -4.92 -20.40
C ARG B 144 -3.16 -5.31 -20.31
N GLN B 145 -3.64 -6.12 -21.26
CA GLN B 145 -5.09 -6.39 -21.43
C GLN B 145 -5.47 -7.71 -20.75
N ASP B 146 -6.76 -7.82 -20.43
CA ASP B 146 -7.36 -9.07 -19.93
C ASP B 146 -7.17 -10.12 -21.02
N PRO B 147 -6.68 -11.34 -20.70
CA PRO B 147 -6.44 -12.36 -21.71
C PRO B 147 -7.68 -12.77 -22.51
N ILE B 148 -8.84 -12.89 -21.87
CA ILE B 148 -10.09 -13.31 -22.56
C ILE B 148 -10.50 -12.21 -23.52
N GLU B 149 -10.52 -10.96 -23.05
CA GLU B 149 -10.91 -9.83 -23.91
C GLU B 149 -9.95 -9.78 -25.10
N CYS B 150 -8.65 -9.90 -24.83
CA CYS B 150 -7.58 -9.82 -25.86
C CYS B 150 -7.75 -10.96 -26.87
N LEU B 151 -7.90 -12.19 -26.42
CA LEU B 151 -7.98 -13.38 -27.31
C LEU B 151 -9.13 -13.19 -28.32
N PHE B 152 -10.34 -12.91 -27.83
CA PHE B 152 -11.57 -12.90 -28.67
C PHE B 152 -11.59 -11.63 -29.53
N SER B 153 -11.03 -10.53 -29.03
CA SER B 153 -10.90 -9.27 -29.80
C SER B 153 -10.01 -9.51 -31.03
N PHE B 154 -8.91 -10.26 -30.86
CA PHE B 154 -7.92 -10.51 -31.94
C PHE B 154 -8.41 -11.64 -32.84
N ILE B 155 -9.19 -12.58 -32.32
CA ILE B 155 -9.94 -13.52 -33.22
C ILE B 155 -10.81 -12.67 -34.15
N CYS B 156 -11.41 -11.58 -33.66
CA CYS B 156 -12.30 -10.73 -34.47
C CYS B 156 -11.47 -9.88 -35.43
N SER B 157 -10.14 -9.82 -35.28
CA SER B 157 -9.24 -8.89 -36.00
C SER B 157 -8.78 -9.44 -37.35
N SER B 158 -8.88 -10.75 -37.61
CA SER B 158 -8.36 -11.38 -38.87
C SER B 158 -8.94 -10.68 -40.10
N ASN B 159 -8.10 -10.28 -41.04
CA ASN B 159 -8.54 -9.70 -42.35
C ASN B 159 -9.60 -8.63 -42.10
N ASN B 160 -9.29 -7.67 -41.23
CA ASN B 160 -10.27 -6.66 -40.74
C ASN B 160 -9.53 -5.36 -40.42
N ASN B 161 -10.20 -4.21 -40.55
CA ASN B 161 -9.65 -2.89 -40.16
C ASN B 161 -10.19 -2.53 -38.76
N ILE B 162 -9.54 -1.56 -38.11
CA ILE B 162 -9.81 -1.19 -36.70
C ILE B 162 -11.29 -0.77 -36.57
N ALA B 163 -11.80 0.08 -37.46
CA ALA B 163 -13.23 0.50 -37.47
C ALA B 163 -14.16 -0.73 -37.39
N ARG B 164 -14.04 -1.68 -38.30
CA ARG B 164 -14.93 -2.87 -38.36
C ARG B 164 -14.71 -3.80 -37.16
N ILE B 165 -13.47 -3.95 -36.69
CA ILE B 165 -13.19 -4.74 -35.46
C ILE B 165 -13.93 -4.10 -34.28
N THR B 166 -13.80 -2.79 -34.14
CA THR B 166 -14.45 -2.04 -33.03
C THR B 166 -15.94 -2.33 -33.03
N GLY B 167 -16.61 -2.22 -34.18
CA GLY B 167 -18.04 -2.56 -34.31
C GLY B 167 -18.31 -4.02 -33.94
N MET B 168 -17.49 -4.94 -34.42
CA MET B 168 -17.74 -6.39 -34.14
C MET B 168 -17.64 -6.65 -32.64
N VAL B 169 -16.64 -6.09 -31.95
CA VAL B 169 -16.43 -6.35 -30.51
C VAL B 169 -17.58 -5.72 -29.71
N GLU B 170 -17.97 -4.49 -30.04
CA GLU B 170 -19.16 -3.85 -29.41
C GLU B 170 -20.41 -4.74 -29.56
N ARG B 171 -20.68 -5.27 -30.75
CA ARG B 171 -21.87 -6.11 -30.99
C ARG B 171 -21.70 -7.44 -30.24
N LEU B 172 -20.50 -8.00 -30.24
CA LEU B 172 -20.17 -9.19 -29.42
C LEU B 172 -20.54 -8.92 -27.95
N CYS B 173 -20.09 -7.79 -27.40
CA CYS B 173 -20.24 -7.49 -25.96
C CYS B 173 -21.71 -7.21 -25.64
N GLN B 174 -22.38 -6.51 -26.56
CA GLN B 174 -23.84 -6.21 -26.51
C GLN B 174 -24.65 -7.50 -26.32
N ALA B 175 -24.38 -8.52 -27.14
CA ALA B 175 -25.22 -9.74 -27.21
C ALA B 175 -24.92 -10.69 -26.04
N PHE B 176 -23.70 -10.76 -25.52
CA PHE B 176 -23.30 -11.85 -24.61
C PHE B 176 -22.63 -11.32 -23.34
N GLY B 177 -22.42 -10.02 -23.21
CA GLY B 177 -21.79 -9.41 -22.03
C GLY B 177 -22.82 -8.71 -21.14
N PRO B 178 -22.61 -8.63 -19.82
CA PRO B 178 -23.59 -7.98 -18.94
C PRO B 178 -23.63 -6.46 -19.19
N ARG B 179 -24.84 -5.89 -19.28
CA ARG B 179 -25.10 -4.43 -19.38
C ARG B 179 -24.54 -3.74 -18.13
N LEU B 180 -23.74 -2.69 -18.29
CA LEU B 180 -23.11 -2.01 -17.12
C LEU B 180 -23.89 -0.74 -16.80
N ILE B 181 -24.09 0.12 -17.80
CA ILE B 181 -24.62 1.50 -17.61
C ILE B 181 -24.82 2.10 -19.01
N GLN B 182 -25.73 3.07 -19.16
CA GLN B 182 -25.91 3.83 -20.43
C GLN B 182 -25.47 5.28 -20.19
N LEU B 183 -24.61 5.79 -21.06
CA LEU B 183 -24.20 7.21 -21.08
C LEU B 183 -24.58 7.75 -22.44
N ASP B 184 -25.38 8.82 -22.49
CA ASP B 184 -25.93 9.34 -23.77
C ASP B 184 -26.57 8.16 -24.51
N ASP B 185 -26.23 7.93 -25.79
CA ASP B 185 -26.88 6.85 -26.58
C ASP B 185 -26.19 5.50 -26.35
N VAL B 186 -25.01 5.48 -25.70
CA VAL B 186 -24.09 4.30 -25.63
C VAL B 186 -24.39 3.44 -24.39
N THR B 187 -24.78 2.18 -24.59
CA THR B 187 -24.92 1.16 -23.52
C THR B 187 -23.60 0.37 -23.44
N TYR B 188 -22.98 0.36 -22.27
CA TYR B 188 -21.68 -0.28 -22.04
C TYR B 188 -21.95 -1.67 -21.50
N HIS B 189 -21.33 -2.68 -22.11
CA HIS B 189 -21.37 -4.09 -21.66
C HIS B 189 -19.99 -4.51 -21.16
N GLY B 190 -19.94 -5.37 -20.16
CA GLY B 190 -18.73 -6.09 -19.77
C GLY B 190 -18.36 -7.08 -20.87
N PHE B 191 -17.12 -7.55 -20.91
CA PHE B 191 -16.68 -8.53 -21.93
C PHE B 191 -17.32 -9.86 -21.58
N PRO B 192 -17.91 -10.58 -22.55
CA PRO B 192 -18.52 -11.87 -22.24
C PRO B 192 -17.55 -12.80 -21.52
N SER B 193 -18.09 -13.64 -20.64
CA SER B 193 -17.38 -14.79 -20.02
C SER B 193 -17.23 -15.91 -21.05
N LEU B 194 -16.24 -16.77 -20.83
CA LEU B 194 -16.08 -18.03 -21.62
C LEU B 194 -17.42 -18.75 -21.72
N GLN B 195 -18.15 -18.86 -20.60
CA GLN B 195 -19.43 -19.61 -20.46
C GLN B 195 -20.50 -19.00 -21.38
N ALA B 196 -20.54 -17.67 -21.51
CA ALA B 196 -21.46 -16.95 -22.40
C ALA B 196 -21.13 -17.27 -23.87
N LEU B 197 -19.86 -17.42 -24.22
CA LEU B 197 -19.41 -17.54 -25.64
C LEU B 197 -19.39 -19.00 -26.08
N ALA B 198 -19.46 -19.93 -25.14
CA ALA B 198 -19.42 -21.40 -25.38
C ALA B 198 -20.84 -21.96 -25.59
N GLY B 199 -21.86 -21.11 -25.59
CA GLY B 199 -23.27 -21.56 -25.72
C GLY B 199 -23.55 -22.21 -27.07
N PRO B 200 -24.53 -23.14 -27.15
CA PRO B 200 -24.91 -23.74 -28.43
C PRO B 200 -25.34 -22.75 -29.55
N GLU B 201 -25.88 -21.59 -29.18
CA GLU B 201 -26.55 -20.62 -30.11
C GLU B 201 -25.60 -19.50 -30.56
N VAL B 202 -24.39 -19.45 -30.01
CA VAL B 202 -23.49 -18.27 -30.11
C VAL B 202 -23.03 -18.05 -31.56
N GLU B 203 -22.53 -19.09 -32.24
CA GLU B 203 -22.00 -18.97 -33.62
C GLU B 203 -23.07 -18.36 -34.55
N ALA B 204 -24.28 -18.93 -34.56
CA ALA B 204 -25.38 -18.45 -35.45
C ALA B 204 -25.65 -16.96 -35.13
N HIS B 205 -25.71 -16.60 -33.85
CA HIS B 205 -26.02 -15.20 -33.43
C HIS B 205 -24.90 -14.27 -33.88
N LEU B 206 -23.62 -14.69 -33.73
CA LEU B 206 -22.47 -13.83 -34.09
C LEU B 206 -22.40 -13.68 -35.62
N ARG B 207 -22.77 -14.69 -36.40
CA ARG B 207 -22.93 -14.56 -37.87
C ARG B 207 -24.00 -13.50 -38.19
N LYS B 208 -25.15 -13.55 -37.52
CA LYS B 208 -26.22 -12.52 -37.68
C LYS B 208 -25.65 -11.13 -37.38
N LEU B 209 -24.68 -11.01 -36.45
CA LEU B 209 -24.08 -9.70 -36.07
C LEU B 209 -22.89 -9.34 -36.96
N GLY B 210 -22.55 -10.16 -37.97
CA GLY B 210 -21.65 -9.75 -39.07
C GLY B 210 -20.20 -10.15 -38.84
N LEU B 211 -19.91 -11.07 -37.92
CA LEU B 211 -18.52 -11.55 -37.64
C LEU B 211 -18.06 -12.50 -38.78
N GLY B 212 -18.95 -12.89 -39.70
CA GLY B 212 -18.65 -13.89 -40.73
C GLY B 212 -18.04 -15.16 -40.15
N TYR B 213 -16.98 -15.65 -40.81
CA TYR B 213 -16.26 -16.88 -40.45
C TYR B 213 -15.73 -16.80 -39.01
N ARG B 214 -15.54 -15.60 -38.48
CA ARG B 214 -14.91 -15.40 -37.13
C ARG B 214 -15.89 -15.89 -36.07
N ALA B 215 -17.19 -15.90 -36.38
CA ALA B 215 -18.24 -16.33 -35.43
C ALA B 215 -17.93 -17.75 -34.94
N ARG B 216 -17.64 -18.67 -35.87
CA ARG B 216 -17.36 -20.10 -35.56
C ARG B 216 -16.11 -20.15 -34.66
N TYR B 217 -15.12 -19.33 -34.95
CA TYR B 217 -13.81 -19.32 -34.22
C TYR B 217 -14.01 -18.95 -32.75
N VAL B 218 -14.73 -17.86 -32.48
CA VAL B 218 -15.08 -17.36 -31.13
C VAL B 218 -15.74 -18.50 -30.36
N SER B 219 -16.84 -19.01 -30.91
CA SER B 219 -17.67 -20.05 -30.25
C SER B 219 -16.81 -21.29 -29.99
N ALA B 220 -16.02 -21.74 -30.99
CA ALA B 220 -15.24 -22.99 -30.92
C ALA B 220 -14.04 -22.81 -29.97
N SER B 221 -13.48 -21.60 -29.89
CA SER B 221 -12.32 -21.33 -29.00
C SER B 221 -12.78 -21.26 -27.54
N ALA B 222 -13.93 -20.64 -27.25
CA ALA B 222 -14.53 -20.56 -25.89
C ALA B 222 -14.76 -21.98 -25.36
N ARG B 223 -15.35 -22.85 -26.18
CA ARG B 223 -15.64 -24.27 -25.82
C ARG B 223 -14.35 -25.04 -25.56
N ALA B 224 -13.36 -24.89 -26.45
CA ALA B 224 -12.06 -25.59 -26.34
C ALA B 224 -11.38 -25.19 -25.03
N ILE B 225 -11.38 -23.91 -24.68
CA ILE B 225 -10.74 -23.39 -23.42
C ILE B 225 -11.47 -23.97 -22.20
N LEU B 226 -12.80 -23.96 -22.18
CA LEU B 226 -13.61 -24.46 -21.03
C LEU B 226 -13.48 -25.98 -20.92
N GLU B 227 -13.60 -26.69 -22.04
CA GLU B 227 -13.82 -28.15 -22.05
C GLU B 227 -12.50 -28.90 -22.10
N GLU B 228 -11.46 -28.36 -22.74
CA GLU B 228 -10.21 -29.12 -23.03
C GLU B 228 -9.02 -28.54 -22.28
N GLN B 229 -8.98 -27.22 -22.04
CA GLN B 229 -7.76 -26.53 -21.52
C GLN B 229 -7.89 -26.18 -20.04
N GLY B 230 -9.09 -26.20 -19.44
CA GLY B 230 -9.29 -25.93 -17.99
C GLY B 230 -9.61 -24.48 -17.66
N GLY B 231 -10.12 -23.71 -18.63
CA GLY B 231 -10.73 -22.40 -18.35
C GLY B 231 -9.71 -21.30 -18.21
N LEU B 232 -10.05 -20.26 -17.44
CA LEU B 232 -9.17 -19.07 -17.22
C LEU B 232 -7.81 -19.51 -16.69
N ALA B 233 -7.78 -20.60 -15.91
CA ALA B 233 -6.52 -21.12 -15.32
C ALA B 233 -5.48 -21.31 -16.44
N TRP B 234 -5.90 -21.68 -17.65
CA TRP B 234 -4.97 -21.90 -18.78
C TRP B 234 -4.33 -20.58 -19.21
N LEU B 235 -5.09 -19.50 -19.30
CA LEU B 235 -4.55 -18.18 -19.72
C LEU B 235 -3.55 -17.67 -18.68
N GLN B 236 -3.76 -17.93 -17.39
CA GLN B 236 -2.77 -17.53 -16.36
C GLN B 236 -1.51 -18.39 -16.52
N GLN B 237 -1.66 -19.69 -16.81
CA GLN B 237 -0.52 -20.59 -17.10
C GLN B 237 0.30 -19.98 -18.24
N LEU B 238 -0.35 -19.57 -19.33
CA LEU B 238 0.32 -18.99 -20.52
C LEU B 238 1.01 -17.68 -20.15
N ARG B 239 0.48 -16.93 -19.19
CA ARG B 239 1.11 -15.68 -18.68
C ARG B 239 2.46 -15.99 -18.01
N GLU B 240 2.58 -17.15 -17.36
CA GLU B 240 3.77 -17.53 -16.56
C GLU B 240 4.74 -18.33 -17.42
N SER B 241 4.36 -18.66 -18.66
CA SER B 241 5.14 -19.50 -19.60
C SER B 241 6.06 -18.63 -20.44
N SER B 242 7.07 -19.25 -21.06
CA SER B 242 7.89 -18.65 -22.14
C SER B 242 6.98 -18.18 -23.28
N TYR B 243 7.47 -17.20 -24.01
CA TYR B 243 6.88 -16.71 -25.28
C TYR B 243 6.65 -17.87 -26.24
N GLU B 244 7.61 -18.79 -26.30
CA GLU B 244 7.62 -19.96 -27.23
C GLU B 244 6.51 -20.93 -26.81
N GLU B 245 6.44 -21.35 -25.54
CA GLU B 245 5.36 -22.28 -25.08
C GLU B 245 3.99 -21.63 -25.31
N ALA B 246 3.81 -20.35 -24.97
CA ALA B 246 2.49 -19.65 -24.99
C ALA B 246 2.00 -19.54 -26.43
N HIS B 247 2.88 -19.05 -27.31
CA HIS B 247 2.59 -18.89 -28.76
C HIS B 247 2.08 -20.23 -29.31
N LYS B 248 2.84 -21.30 -29.07
CA LYS B 248 2.53 -22.66 -29.57
C LYS B 248 1.19 -23.11 -28.98
N ALA B 249 1.03 -22.95 -27.66
CA ALA B 249 -0.19 -23.33 -26.91
C ALA B 249 -1.43 -22.70 -27.55
N LEU B 250 -1.40 -21.40 -27.84
CA LEU B 250 -2.58 -20.63 -28.35
C LEU B 250 -2.97 -21.13 -29.73
N CYS B 251 -1.98 -21.57 -30.52
CA CYS B 251 -2.17 -21.99 -31.93
C CYS B 251 -2.96 -23.29 -32.06
N ILE B 252 -3.37 -23.93 -30.97
CA ILE B 252 -4.33 -25.07 -31.00
C ILE B 252 -5.77 -24.55 -31.16
N LEU B 253 -6.01 -23.26 -30.94
CA LEU B 253 -7.39 -22.69 -30.90
C LEU B 253 -7.87 -22.45 -32.31
N PRO B 254 -9.12 -22.81 -32.65
CA PRO B 254 -9.74 -22.37 -33.90
C PRO B 254 -9.66 -20.84 -34.04
N GLY B 255 -9.14 -20.39 -35.18
CA GLY B 255 -9.00 -18.97 -35.50
C GLY B 255 -7.69 -18.38 -34.99
N VAL B 256 -6.87 -19.13 -34.25
CA VAL B 256 -5.62 -18.58 -33.66
C VAL B 256 -4.44 -19.19 -34.42
N GLY B 257 -3.91 -18.44 -35.39
CA GLY B 257 -2.60 -18.73 -36.01
C GLY B 257 -1.51 -17.85 -35.43
N THR B 258 -0.42 -17.71 -36.16
CA THR B 258 0.82 -17.01 -35.76
C THR B 258 0.52 -15.55 -35.40
N LYS B 259 -0.23 -14.86 -36.26
CA LYS B 259 -0.49 -13.41 -36.16
C LYS B 259 -1.27 -13.14 -34.87
N VAL B 260 -2.38 -13.85 -34.70
CA VAL B 260 -3.30 -13.65 -33.53
C VAL B 260 -2.56 -14.05 -32.25
N ALA B 261 -1.95 -15.23 -32.24
CA ALA B 261 -1.12 -15.73 -31.12
C ALA B 261 -0.09 -14.66 -30.69
N ASP B 262 0.60 -14.04 -31.64
CA ASP B 262 1.62 -12.99 -31.38
C ASP B 262 0.95 -11.76 -30.76
N CYS B 263 -0.22 -11.38 -31.27
CA CYS B 263 -1.00 -10.24 -30.69
C CYS B 263 -1.30 -10.53 -29.22
N ILE B 264 -1.82 -11.72 -28.91
CA ILE B 264 -2.25 -12.08 -27.53
C ILE B 264 -1.01 -12.12 -26.62
N CYS B 265 0.08 -12.73 -27.09
CA CYS B 265 1.37 -12.86 -26.35
C CYS B 265 1.85 -11.46 -25.94
N LEU B 266 1.93 -10.52 -26.87
CA LEU B 266 2.41 -9.13 -26.68
C LEU B 266 1.49 -8.39 -25.71
N MET B 267 0.17 -8.50 -25.91
CA MET B 267 -0.78 -7.49 -25.37
C MET B 267 -1.49 -8.01 -24.12
N ALA B 268 -1.44 -9.31 -23.84
CA ALA B 268 -2.13 -9.86 -22.64
C ALA B 268 -1.27 -10.88 -21.89
N LEU B 269 -0.25 -11.50 -22.51
CA LEU B 269 0.49 -12.57 -21.79
C LEU B 269 1.91 -12.13 -21.43
N ASP B 270 2.21 -10.82 -21.49
CA ASP B 270 3.48 -10.22 -20.98
C ASP B 270 4.69 -10.79 -21.72
N LYS B 271 4.61 -10.87 -23.05
CA LYS B 271 5.71 -11.30 -23.95
C LYS B 271 6.07 -10.09 -24.82
N PRO B 272 6.87 -9.16 -24.27
CA PRO B 272 7.19 -7.90 -24.94
C PRO B 272 7.99 -8.08 -26.24
N GLN B 273 8.55 -9.28 -26.47
CA GLN B 273 9.38 -9.60 -27.67
C GLN B 273 8.51 -10.12 -28.82
N ALA B 274 7.23 -10.39 -28.57
CA ALA B 274 6.30 -10.86 -29.64
C ALA B 274 6.11 -9.73 -30.64
N VAL B 275 6.19 -10.04 -31.94
CA VAL B 275 6.11 -9.05 -33.05
C VAL B 275 5.12 -9.56 -34.09
N PRO B 276 3.81 -9.29 -33.94
CA PRO B 276 2.82 -9.76 -34.92
C PRO B 276 3.20 -9.30 -36.33
N VAL B 277 3.21 -10.21 -37.30
CA VAL B 277 3.63 -9.82 -38.68
C VAL B 277 2.46 -10.08 -39.63
N ASP B 278 1.96 -9.03 -40.29
CA ASP B 278 0.94 -9.11 -41.37
C ASP B 278 1.38 -8.23 -42.52
N VAL B 279 0.52 -8.10 -43.54
CA VAL B 279 0.79 -7.33 -44.78
C VAL B 279 1.18 -5.89 -44.40
N HIS B 280 0.56 -5.33 -43.36
CA HIS B 280 0.79 -3.92 -42.96
C HIS B 280 2.22 -3.75 -42.42
N MET B 281 2.69 -4.67 -41.59
CA MET B 281 4.07 -4.68 -41.03
C MET B 281 5.08 -4.84 -42.18
N TRP B 282 4.73 -5.68 -43.16
CA TRP B 282 5.51 -5.94 -44.39
C TRP B 282 5.73 -4.63 -45.14
N HIS B 283 4.65 -3.85 -45.28
CA HIS B 283 4.67 -2.56 -46.01
C HIS B 283 5.64 -1.62 -45.30
N ILE B 284 5.57 -1.54 -43.96
CA ILE B 284 6.41 -0.67 -43.07
C ILE B 284 7.88 -1.09 -43.20
N ALA B 285 8.15 -2.40 -43.28
CA ALA B 285 9.52 -2.94 -43.39
C ALA B 285 10.11 -2.60 -44.77
N GLN B 286 9.38 -2.86 -45.84
CA GLN B 286 9.84 -2.68 -47.25
C GLN B 286 10.11 -1.20 -47.48
N ARG B 287 9.23 -0.31 -47.01
CA ARG B 287 9.31 1.15 -47.23
C ARG B 287 10.43 1.74 -46.36
N ASP B 288 10.44 1.47 -45.06
CA ASP B 288 11.25 2.23 -44.09
C ASP B 288 12.56 1.52 -43.75
N TYR B 289 12.67 0.22 -44.04
CA TYR B 289 13.87 -0.60 -43.72
C TYR B 289 14.39 -1.33 -44.97
N SER B 290 13.93 -0.94 -46.16
CA SER B 290 14.33 -1.49 -47.49
C SER B 290 14.43 -3.01 -47.42
N TRP B 291 13.56 -3.63 -46.62
CA TRP B 291 13.62 -5.06 -46.23
C TRP B 291 13.00 -5.92 -47.33
N HIS B 292 13.54 -7.13 -47.51
CA HIS B 292 12.93 -8.20 -48.33
C HIS B 292 13.22 -9.54 -47.65
N PRO B 293 12.43 -10.60 -47.95
CA PRO B 293 12.70 -11.93 -47.38
C PRO B 293 13.96 -12.59 -47.97
N THR B 294 14.65 -13.42 -47.17
CA THR B 294 15.85 -14.20 -47.58
C THR B 294 16.11 -15.34 -46.59
N GLY B 300 7.17 -11.87 -50.94
CA GLY B 300 5.73 -12.17 -50.81
C GLY B 300 5.37 -12.73 -49.43
N PRO B 301 4.44 -12.11 -48.65
CA PRO B 301 4.08 -12.62 -47.32
C PRO B 301 3.84 -14.13 -47.32
N SER B 302 4.38 -14.82 -46.31
CA SER B 302 4.26 -16.29 -46.12
C SER B 302 4.74 -16.65 -44.73
N PRO B 303 4.37 -17.83 -44.20
CA PRO B 303 4.82 -18.27 -42.87
C PRO B 303 6.33 -18.07 -42.65
N GLN B 304 7.17 -18.52 -43.58
CA GLN B 304 8.66 -18.47 -43.47
C GLN B 304 9.12 -17.01 -43.50
N THR B 305 8.63 -16.19 -44.43
CA THR B 305 9.07 -14.78 -44.59
C THR B 305 8.56 -13.92 -43.40
N ASN B 306 7.38 -14.24 -42.88
CA ASN B 306 6.74 -13.52 -41.72
C ASN B 306 7.60 -13.75 -40.48
N LYS B 307 8.05 -14.98 -40.25
CA LYS B 307 8.94 -15.31 -39.11
C LYS B 307 10.31 -14.62 -39.28
N GLU B 308 10.82 -14.53 -40.51
CA GLU B 308 12.09 -13.82 -40.79
C GLU B 308 11.94 -12.36 -40.36
N LEU B 309 10.85 -11.73 -40.77
CA LEU B 309 10.58 -10.29 -40.49
C LEU B 309 10.44 -10.09 -38.98
N GLY B 310 9.78 -11.02 -38.27
CA GLY B 310 9.65 -10.97 -36.80
C GLY B 310 11.01 -11.05 -36.15
N ASN B 311 11.84 -11.99 -36.63
CA ASN B 311 13.19 -12.26 -36.08
C ASN B 311 14.08 -11.03 -36.28
N PHE B 312 13.94 -10.36 -37.43
CA PHE B 312 14.69 -9.13 -37.77
C PHE B 312 14.41 -8.07 -36.69
N PHE B 313 13.13 -7.80 -36.43
CA PHE B 313 12.71 -6.71 -35.51
C PHE B 313 13.16 -7.04 -34.09
N ARG B 314 13.13 -8.32 -33.68
CA ARG B 314 13.66 -8.73 -32.35
C ARG B 314 15.19 -8.51 -32.30
N SER B 315 15.91 -8.77 -33.40
CA SER B 315 17.38 -8.53 -33.50
C SER B 315 17.67 -7.04 -33.40
N LEU B 316 16.91 -6.22 -34.12
CA LEU B 316 17.12 -4.76 -34.12
C LEU B 316 16.74 -4.19 -32.76
N TRP B 317 15.49 -4.34 -32.31
CA TRP B 317 14.97 -3.55 -31.17
C TRP B 317 15.30 -4.22 -29.84
N GLY B 318 15.52 -5.54 -29.86
CA GLY B 318 15.80 -6.32 -28.64
C GLY B 318 14.53 -6.79 -27.94
N PRO B 319 14.61 -7.03 -26.62
CA PRO B 319 13.58 -7.81 -25.93
C PRO B 319 12.20 -7.14 -25.74
N TYR B 320 12.05 -5.84 -26.01
CA TYR B 320 10.74 -5.12 -26.01
C TYR B 320 10.37 -4.73 -27.44
N ALA B 321 10.79 -5.55 -28.42
CA ALA B 321 10.58 -5.28 -29.86
C ALA B 321 9.08 -5.04 -30.15
N GLY B 322 8.19 -5.74 -29.47
CA GLY B 322 6.73 -5.57 -29.68
C GLY B 322 6.28 -4.17 -29.30
N TRP B 323 6.88 -3.61 -28.24
CA TRP B 323 6.61 -2.23 -27.77
C TRP B 323 7.11 -1.23 -28.80
N ALA B 324 8.31 -1.45 -29.35
CA ALA B 324 8.85 -0.58 -30.41
C ALA B 324 7.91 -0.64 -31.61
N GLN B 325 7.46 -1.85 -31.97
CA GLN B 325 6.52 -2.01 -33.11
C GLN B 325 5.29 -1.12 -32.88
N ALA B 326 4.73 -1.14 -31.67
CA ALA B 326 3.53 -0.34 -31.30
C ALA B 326 3.74 1.14 -31.67
N VAL B 327 4.92 1.70 -31.42
CA VAL B 327 5.28 3.11 -31.75
C VAL B 327 5.17 3.33 -33.25
N LEU B 328 5.77 2.45 -34.08
CA LEU B 328 5.78 2.63 -35.55
C LEU B 328 4.35 2.44 -36.09
N PHE B 329 3.58 1.52 -35.51
CA PHE B 329 2.21 1.23 -35.98
C PHE B 329 1.33 2.44 -35.66
N SER B 330 1.39 2.92 -34.41
CA SER B 330 0.58 4.08 -33.93
C SER B 330 0.89 5.28 -34.83
N ALA B 331 2.19 5.51 -35.07
CA ALA B 331 2.70 6.63 -35.90
C ALA B 331 2.14 6.51 -37.31
N ASP B 332 2.21 5.30 -37.89
CA ASP B 332 1.76 5.03 -39.27
C ASP B 332 0.24 5.26 -39.38
N LEU B 333 -0.56 4.89 -38.38
CA LEU B 333 -2.03 5.11 -38.43
C LEU B 333 -2.33 6.60 -38.62
N ARG B 334 -1.39 7.50 -38.30
CA ARG B 334 -1.44 8.92 -38.78
C ARG B 334 -0.09 9.33 -39.39
N MET C 21 -10.87 10.78 11.41
CA MET C 21 -12.35 10.84 11.19
C MET C 21 -13.08 10.98 12.54
N GLY C 22 -14.17 11.74 12.59
CA GLY C 22 -14.91 12.01 13.84
C GLY C 22 -16.37 11.59 13.73
N HIS C 23 -17.06 11.42 14.86
CA HIS C 23 -18.52 11.17 14.90
C HIS C 23 -19.20 12.41 14.31
N ARG C 24 -20.21 12.24 13.47
CA ARG C 24 -20.92 13.38 12.83
C ARG C 24 -22.07 13.81 13.73
N THR C 25 -22.43 15.10 13.65
CA THR C 25 -23.73 15.61 14.14
C THR C 25 -24.48 16.15 12.91
N LEU C 26 -25.81 16.30 13.00
CA LEU C 26 -26.67 16.73 11.87
C LEU C 26 -26.26 18.15 11.45
N ALA C 27 -25.89 18.97 12.42
CA ALA C 27 -25.35 20.34 12.23
C ALA C 27 -23.98 20.30 11.54
N SER C 28 -23.06 19.41 11.94
CA SER C 28 -21.61 19.48 11.60
C SER C 28 -21.32 19.02 10.16
N THR C 29 -22.24 18.31 9.48
CA THR C 29 -21.98 17.78 8.12
C THR C 29 -23.30 17.50 7.41
N PRO C 30 -24.14 18.52 7.17
CA PRO C 30 -25.53 18.30 6.72
C PRO C 30 -25.67 17.48 5.43
N ALA C 31 -24.68 17.56 4.54
CA ALA C 31 -24.69 16.93 3.20
C ALA C 31 -24.53 15.41 3.32
N LEU C 32 -24.06 14.90 4.47
CA LEU C 32 -23.76 13.46 4.69
C LEU C 32 -24.94 12.73 5.35
N TRP C 33 -26.05 13.41 5.65
CA TRP C 33 -27.26 12.83 6.28
C TRP C 33 -28.37 12.63 5.26
N ALA C 34 -29.09 11.52 5.35
CA ALA C 34 -30.36 11.30 4.65
C ALA C 34 -31.44 11.10 5.70
N SER C 35 -32.67 11.52 5.39
CA SER C 35 -33.82 11.44 6.31
C SER C 35 -34.75 10.31 5.86
N ILE C 36 -35.40 9.70 6.85
CA ILE C 36 -36.48 8.70 6.69
C ILE C 36 -37.67 9.37 7.35
N PRO C 37 -38.83 9.49 6.65
CA PRO C 37 -40.07 9.91 7.30
C PRO C 37 -40.30 8.98 8.49
N CYS C 38 -40.37 9.54 9.68
CA CYS C 38 -40.44 8.76 10.93
C CYS C 38 -40.73 9.72 12.07
N PRO C 39 -42.02 9.88 12.45
CA PRO C 39 -42.39 10.74 13.57
C PRO C 39 -41.96 10.10 14.89
N ARG C 40 -41.82 10.95 15.91
CA ARG C 40 -41.42 10.61 17.29
C ARG C 40 -42.38 9.57 17.88
N SER C 41 -43.64 9.56 17.43
CA SER C 41 -44.68 8.61 17.89
C SER C 41 -44.36 7.19 17.38
N GLU C 42 -43.67 7.07 16.25
CA GLU C 42 -43.30 5.78 15.63
C GLU C 42 -41.94 5.30 16.16
N LEU C 43 -41.10 6.20 16.69
CA LEU C 43 -39.73 5.83 17.14
C LEU C 43 -39.18 6.88 18.08
N ARG C 44 -38.68 6.44 19.24
CA ARG C 44 -37.79 7.20 20.14
C ARG C 44 -36.48 6.42 20.29
N LEU C 45 -35.44 6.85 19.59
CA LEU C 45 -34.05 6.30 19.65
C LEU C 45 -33.62 6.14 21.11
N ASP C 46 -33.85 7.16 21.93
CA ASP C 46 -33.42 7.20 23.35
C ASP C 46 -34.20 6.16 24.18
N LEU C 47 -35.34 5.66 23.70
CA LEU C 47 -36.14 4.66 24.46
C LEU C 47 -35.90 3.23 23.94
N VAL C 48 -35.26 3.07 22.77
CA VAL C 48 -35.11 1.75 22.11
C VAL C 48 -33.65 1.29 22.14
N LEU C 49 -32.70 2.16 21.76
CA LEU C 49 -31.30 1.73 21.49
C LEU C 49 -30.54 1.39 22.76
N PRO C 50 -30.77 2.02 23.93
CA PRO C 50 -30.10 1.60 25.16
C PRO C 50 -30.94 0.71 26.09
N SER C 51 -32.08 0.19 25.62
CA SER C 51 -33.09 -0.46 26.50
C SER C 51 -33.06 -1.99 26.37
N GLY C 52 -31.87 -2.60 26.22
CA GLY C 52 -31.65 -4.06 26.35
C GLY C 52 -32.24 -4.88 25.21
N GLN C 53 -32.30 -4.34 24.00
CA GLN C 53 -32.55 -5.14 22.77
C GLN C 53 -31.21 -5.37 22.07
N SER C 54 -30.62 -4.31 21.49
CA SER C 54 -29.22 -4.28 21.00
C SER C 54 -28.31 -3.67 22.08
N PHE C 55 -27.08 -4.14 22.20
CA PHE C 55 -26.10 -3.61 23.18
C PHE C 55 -25.00 -2.82 22.47
N ARG C 56 -25.20 -2.47 21.20
CA ARG C 56 -24.11 -1.95 20.33
C ARG C 56 -24.32 -0.48 19.95
N TRP C 57 -25.22 0.24 20.60
CA TRP C 57 -25.47 1.69 20.35
C TRP C 57 -25.09 2.51 21.58
N ARG C 58 -24.35 3.61 21.38
CA ARG C 58 -23.99 4.63 22.40
C ARG C 58 -24.30 6.02 21.87
N GLU C 59 -24.76 6.87 22.78
CA GLU C 59 -25.06 8.29 22.52
C GLU C 59 -23.75 9.07 22.64
N GLN C 60 -22.97 9.10 21.55
CA GLN C 60 -21.59 9.66 21.52
C GLN C 60 -21.62 11.18 21.54
N SER C 61 -22.75 11.78 21.18
CA SER C 61 -23.07 13.21 21.44
C SER C 61 -24.58 13.31 21.65
N PRO C 62 -25.04 14.32 22.44
CA PRO C 62 -26.46 14.51 22.70
C PRO C 62 -27.36 14.20 21.51
N ALA C 63 -28.35 13.33 21.70
CA ALA C 63 -29.41 12.95 20.72
C ALA C 63 -28.83 12.25 19.48
N HIS C 64 -27.54 11.90 19.48
CA HIS C 64 -26.86 11.24 18.32
C HIS C 64 -26.35 9.86 18.73
N TRP C 65 -26.90 8.79 18.12
CA TRP C 65 -26.62 7.37 18.47
C TRP C 65 -25.75 6.72 17.40
N SER C 66 -24.59 6.21 17.78
CA SER C 66 -23.64 5.55 16.87
C SER C 66 -23.53 4.07 17.22
N GLY C 67 -23.45 3.23 16.21
CA GLY C 67 -23.27 1.78 16.41
C GLY C 67 -23.10 1.09 15.09
N VAL C 68 -22.93 -0.23 15.12
CA VAL C 68 -22.69 -1.06 13.92
C VAL C 68 -24.01 -1.68 13.49
N LEU C 69 -24.37 -1.46 12.23
CA LEU C 69 -25.50 -2.15 11.55
C LEU C 69 -24.93 -2.83 10.30
N ALA C 70 -25.02 -4.16 10.24
CA ALA C 70 -24.62 -5.00 9.08
C ALA C 70 -23.19 -4.64 8.69
N ASP C 71 -22.28 -4.64 9.67
CA ASP C 71 -20.83 -4.41 9.49
C ASP C 71 -20.51 -3.08 8.78
N GLN C 72 -21.35 -2.05 8.97
CA GLN C 72 -20.97 -0.62 8.79
C GLN C 72 -21.33 0.14 10.07
N VAL C 73 -20.64 1.24 10.32
CA VAL C 73 -20.98 2.15 11.44
C VAL C 73 -21.97 3.20 10.96
N TRP C 74 -22.95 3.51 11.80
CA TRP C 74 -23.96 4.55 11.54
C TRP C 74 -24.05 5.46 12.75
N THR C 75 -24.50 6.68 12.51
CA THR C 75 -25.01 7.62 13.53
C THR C 75 -26.45 7.93 13.15
N LEU C 76 -27.33 7.97 14.13
CA LEU C 76 -28.77 8.25 13.95
C LEU C 76 -29.12 9.40 14.87
N THR C 77 -30.05 10.24 14.46
CA THR C 77 -30.62 11.33 15.28
C THR C 77 -31.98 11.63 14.68
N GLN C 78 -32.87 12.24 15.45
CA GLN C 78 -34.23 12.47 14.93
C GLN C 78 -34.64 13.90 15.24
N THR C 79 -35.42 14.47 14.33
CA THR C 79 -36.24 15.68 14.51
C THR C 79 -37.67 15.18 14.75
N GLU C 80 -38.68 16.05 14.79
CA GLU C 80 -40.05 15.62 15.22
C GLU C 80 -40.63 14.68 14.16
N GLU C 81 -40.36 14.91 12.87
CA GLU C 81 -40.99 14.22 11.74
C GLU C 81 -40.01 13.26 11.04
N GLN C 82 -38.74 13.22 11.40
CA GLN C 82 -37.73 12.52 10.55
C GLN C 82 -36.68 11.80 11.38
N LEU C 83 -36.20 10.67 10.85
CA LEU C 83 -35.03 9.92 11.37
C LEU C 83 -33.88 10.18 10.40
N HIS C 84 -32.82 10.81 10.89
CA HIS C 84 -31.64 11.24 10.11
C HIS C 84 -30.52 10.21 10.28
N CYS C 85 -29.96 9.75 9.16
CA CYS C 85 -29.00 8.62 9.12
C CYS C 85 -27.73 9.07 8.38
N THR C 86 -26.57 8.77 8.94
CA THR C 86 -25.27 8.90 8.24
C THR C 86 -24.51 7.60 8.43
N VAL C 87 -23.76 7.19 7.41
CA VAL C 87 -22.93 5.95 7.41
C VAL C 87 -21.47 6.31 7.12
N TYR C 88 -20.54 5.68 7.85
CA TYR C 88 -19.08 5.86 7.68
C TYR C 88 -18.56 4.64 6.91
N ARG C 89 -17.87 4.88 5.78
CA ARG C 89 -17.34 3.78 4.93
C ARG C 89 -15.83 3.64 5.18
N GLY C 90 -15.11 4.75 5.31
CA GLY C 90 -13.65 4.77 5.57
C GLY C 90 -12.98 6.00 4.97
N LYS C 92 -11.60 3.64 1.75
CA LYS C 92 -10.83 4.83 1.24
C LYS C 92 -11.68 5.66 0.27
N SER C 93 -13.01 5.59 0.33
CA SER C 93 -13.88 6.35 -0.60
C SER C 93 -14.25 7.70 0.04
N GLN C 94 -14.76 8.62 -0.79
CA GLN C 94 -15.24 9.95 -0.36
C GLN C 94 -16.50 9.74 0.48
N ALA C 95 -16.64 10.50 1.55
CA ALA C 95 -17.82 10.45 2.43
C ALA C 95 -19.03 10.77 1.55
N SER C 96 -20.13 10.05 1.70
CA SER C 96 -21.39 10.39 1.03
C SER C 96 -22.57 9.98 1.90
N ARG C 97 -23.68 10.67 1.67
CA ARG C 97 -25.06 10.36 2.11
C ARG C 97 -25.28 8.86 2.05
N PRO C 98 -26.12 8.25 2.93
CA PRO C 98 -26.54 6.87 2.73
C PRO C 98 -27.25 6.69 1.37
N THR C 99 -26.98 5.57 0.69
CA THR C 99 -27.71 5.18 -0.56
C THR C 99 -29.13 4.76 -0.19
N PRO C 100 -30.09 4.75 -1.15
CA PRO C 100 -31.44 4.23 -0.88
C PRO C 100 -31.44 2.78 -0.37
N ASP C 101 -30.51 1.94 -0.84
CA ASP C 101 -30.30 0.52 -0.38
C ASP C 101 -29.93 0.52 1.11
N GLU C 102 -28.96 1.35 1.48
CA GLU C 102 -28.44 1.46 2.87
C GLU C 102 -29.57 1.94 3.78
N LEU C 103 -30.35 2.95 3.38
CA LEU C 103 -31.48 3.47 4.20
C LEU C 103 -32.51 2.34 4.41
N GLU C 104 -32.64 1.45 3.43
CA GLU C 104 -33.61 0.32 3.48
C GLU C 104 -33.24 -0.60 4.64
N ALA C 105 -31.95 -0.90 4.81
CA ALA C 105 -31.40 -1.66 5.95
C ALA C 105 -31.83 -1.01 7.28
N VAL C 106 -31.81 0.32 7.39
CA VAL C 106 -32.25 1.05 8.62
C VAL C 106 -33.76 0.87 8.80
N ARG C 107 -34.55 1.05 7.74
CA ARG C 107 -36.03 0.92 7.80
C ARG C 107 -36.38 -0.48 8.33
N LYS C 108 -35.75 -1.51 7.78
CA LYS C 108 -35.86 -2.95 8.17
C LYS C 108 -35.47 -3.15 9.64
N TYR C 109 -34.33 -2.62 10.07
CA TYR C 109 -33.82 -2.77 11.47
C TYR C 109 -34.86 -2.25 12.46
N PHE C 110 -35.53 -1.13 12.16
CA PHE C 110 -36.53 -0.47 13.04
C PHE C 110 -37.94 -1.00 12.72
N GLN C 111 -38.08 -1.88 11.72
CA GLN C 111 -39.38 -2.51 11.34
C GLN C 111 -40.42 -1.41 11.11
N LEU C 112 -40.07 -0.37 10.34
CA LEU C 112 -40.89 0.86 10.24
C LEU C 112 -42.15 0.62 9.38
N ASP C 113 -42.29 -0.57 8.77
CA ASP C 113 -43.52 -0.96 8.03
C ASP C 113 -44.63 -1.34 9.02
N VAL C 114 -44.27 -1.67 10.27
CA VAL C 114 -45.23 -1.89 11.38
C VAL C 114 -45.58 -0.50 11.95
N THR C 115 -46.85 -0.08 11.87
CA THR C 115 -47.31 1.22 12.40
C THR C 115 -47.56 1.06 13.89
N LEU C 116 -46.71 1.65 14.71
CA LEU C 116 -46.75 1.52 16.18
C LEU C 116 -48.03 2.16 16.74
N ALA C 117 -48.57 3.19 16.10
CA ALA C 117 -49.76 3.92 16.60
C ALA C 117 -50.93 2.94 16.76
N GLN C 118 -51.14 2.07 15.77
CA GLN C 118 -52.22 1.05 15.76
C GLN C 118 -52.02 0.09 16.95
N LEU C 119 -50.80 -0.41 17.15
CA LEU C 119 -50.48 -1.35 18.25
C LEU C 119 -50.67 -0.66 19.60
N TYR C 120 -50.20 0.58 19.75
CA TYR C 120 -50.34 1.36 21.01
C TYR C 120 -51.83 1.53 21.34
N HIS C 121 -52.67 1.78 20.34
CA HIS C 121 -54.15 1.89 20.51
C HIS C 121 -54.72 0.55 21.00
N HIS C 122 -54.48 -0.56 20.29
CA HIS C 122 -55.04 -1.90 20.65
C HIS C 122 -54.62 -2.26 22.09
N TRP C 123 -53.32 -2.17 22.42
CA TRP C 123 -52.78 -2.58 23.74
C TRP C 123 -53.43 -1.73 24.85
N GLY C 124 -53.56 -0.43 24.62
CA GLY C 124 -54.14 0.51 25.59
C GLY C 124 -55.64 0.29 25.79
N SER C 125 -56.35 -0.07 24.72
CA SER C 125 -57.81 -0.32 24.71
C SER C 125 -58.17 -1.62 25.47
N VAL C 126 -57.26 -2.58 25.60
CA VAL C 126 -57.49 -3.83 26.41
C VAL C 126 -56.77 -3.75 27.76
N ASP C 127 -55.88 -2.77 27.99
CA ASP C 127 -54.99 -2.72 29.17
C ASP C 127 -54.84 -1.26 29.59
N SER C 128 -55.60 -0.84 30.62
CA SER C 128 -55.64 0.54 31.17
C SER C 128 -54.26 0.96 31.66
N HIS C 129 -53.55 0.04 32.33
CA HIS C 129 -52.19 0.30 32.88
C HIS C 129 -51.20 0.57 31.74
N PHE C 130 -51.22 -0.26 30.71
CA PHE C 130 -50.41 -0.04 29.49
C PHE C 130 -50.75 1.37 28.97
N GLN C 131 -52.04 1.69 28.88
CA GLN C 131 -52.49 3.00 28.33
C GLN C 131 -51.84 4.15 29.11
N GLU C 132 -51.81 4.09 30.46
CA GLU C 132 -51.10 5.08 31.33
C GLU C 132 -49.65 5.21 30.85
N VAL C 133 -48.85 4.16 31.07
CA VAL C 133 -47.39 4.09 30.74
C VAL C 133 -47.15 4.58 29.30
N ALA C 134 -47.95 4.09 28.33
CA ALA C 134 -47.80 4.34 26.88
C ALA C 134 -47.81 5.84 26.54
N GLN C 135 -48.60 6.64 27.27
CA GLN C 135 -48.71 8.10 27.05
C GLN C 135 -47.35 8.77 27.28
N LYS C 136 -46.59 8.33 28.28
CA LYS C 136 -45.28 8.91 28.65
C LYS C 136 -44.12 8.28 27.86
N PHE C 137 -44.34 7.15 27.18
CA PHE C 137 -43.28 6.36 26.52
C PHE C 137 -43.73 5.95 25.13
N GLN C 138 -43.81 6.95 24.24
CA GLN C 138 -44.09 6.83 22.78
C GLN C 138 -42.90 6.24 22.03
N GLY C 139 -43.15 5.60 20.91
CA GLY C 139 -42.10 5.24 19.93
C GLY C 139 -41.16 4.14 20.42
N VAL C 140 -41.58 3.30 21.36
CA VAL C 140 -40.80 2.09 21.78
C VAL C 140 -41.15 0.99 20.79
N ARG C 141 -40.23 0.71 19.86
CA ARG C 141 -40.37 -0.31 18.80
C ARG C 141 -39.46 -1.48 19.12
N LEU C 142 -39.64 -2.57 18.39
CA LEU C 142 -38.75 -3.75 18.45
C LEU C 142 -37.82 -3.74 17.24
N LEU C 143 -36.52 -3.74 17.50
CA LEU C 143 -35.51 -3.92 16.44
C LEU C 143 -35.70 -5.32 15.82
N ARG C 144 -35.43 -5.44 14.53
CA ARG C 144 -35.22 -6.74 13.85
C ARG C 144 -33.72 -6.97 13.75
N GLN C 145 -33.17 -7.81 14.63
CA GLN C 145 -31.70 -7.96 14.75
C GLN C 145 -31.22 -9.15 13.93
N ASP C 146 -29.94 -9.11 13.58
CA ASP C 146 -29.23 -10.25 12.98
C ASP C 146 -29.33 -11.41 13.96
N PRO C 147 -29.71 -12.62 13.49
CA PRO C 147 -29.88 -13.76 14.38
C PRO C 147 -28.61 -14.13 15.16
N ILE C 148 -27.45 -14.10 14.50
CA ILE C 148 -26.15 -14.46 15.12
C ILE C 148 -25.84 -13.42 16.19
N GLU C 149 -25.89 -12.13 15.87
CA GLU C 149 -25.59 -11.09 16.88
C GLU C 149 -26.58 -11.24 18.05
N CYS C 150 -27.86 -11.46 17.78
CA CYS C 150 -28.92 -11.55 18.81
C CYS C 150 -28.68 -12.78 19.69
N LEU C 151 -28.43 -13.94 19.06
CA LEU C 151 -28.22 -15.19 19.82
C LEU C 151 -27.04 -15.03 20.79
N PHE C 152 -25.89 -14.59 20.31
CA PHE C 152 -24.66 -14.58 21.16
C PHE C 152 -24.75 -13.46 22.19
N SER C 153 -25.35 -12.32 21.84
CA SER C 153 -25.57 -11.20 22.78
C SER C 153 -26.42 -11.69 23.95
N PHE C 154 -27.45 -12.50 23.70
CA PHE C 154 -28.43 -12.93 24.74
C PHE C 154 -27.87 -14.15 25.48
N ILE C 155 -26.98 -14.95 24.86
CA ILE C 155 -26.14 -15.90 25.64
C ILE C 155 -25.33 -15.08 26.66
N CYS C 156 -24.79 -13.91 26.30
CA CYS C 156 -23.98 -13.09 27.26
C CYS C 156 -24.90 -12.45 28.30
N SER C 157 -26.23 -12.52 28.13
CA SER C 157 -27.23 -11.74 28.92
C SER C 157 -27.64 -12.45 30.22
N SER C 158 -27.47 -13.76 30.34
CA SER C 158 -27.93 -14.51 31.56
C SER C 158 -27.30 -13.90 32.83
N ASN C 159 -28.15 -13.64 33.83
CA ASN C 159 -27.74 -13.20 35.19
C ASN C 159 -26.85 -11.96 35.07
N ASN C 160 -27.28 -10.94 34.35
CA ASN C 160 -26.39 -9.84 33.90
C ASN C 160 -27.25 -8.59 33.67
N ASN C 161 -26.75 -7.41 34.03
CA ASN C 161 -27.45 -6.11 33.76
C ASN C 161 -26.99 -5.59 32.40
N ILE C 162 -27.73 -4.63 31.84
CA ILE C 162 -27.49 -4.04 30.49
C ILE C 162 -26.06 -3.45 30.44
N ALA C 163 -25.63 -2.71 31.47
CA ALA C 163 -24.27 -2.13 31.51
C ALA C 163 -23.22 -3.23 31.31
N ARG C 164 -23.30 -4.34 32.06
CA ARG C 164 -22.27 -5.41 32.06
C ARG C 164 -22.30 -6.16 30.71
N ILE C 165 -23.49 -6.44 30.18
CA ILE C 165 -23.69 -7.12 28.87
C ILE C 165 -23.04 -6.25 27.78
N THR C 166 -23.40 -4.97 27.74
CA THR C 166 -22.84 -3.96 26.80
C THR C 166 -21.32 -4.09 26.81
N GLY C 167 -20.71 -4.03 27.99
CA GLY C 167 -19.26 -4.17 28.15
C GLY C 167 -18.78 -5.49 27.60
N MET C 168 -19.46 -6.59 27.95
CA MET C 168 -19.00 -7.93 27.52
C MET C 168 -19.07 -8.01 25.98
N VAL C 169 -20.16 -7.56 25.37
CA VAL C 169 -20.35 -7.69 23.88
C VAL C 169 -19.28 -6.86 23.17
N GLU C 170 -19.02 -5.65 23.65
CA GLU C 170 -17.99 -4.72 23.14
C GLU C 170 -16.63 -5.45 23.12
N ARG C 171 -16.25 -6.14 24.21
CA ARG C 171 -14.94 -6.84 24.32
C ARG C 171 -14.94 -8.06 23.36
N LEU C 172 -16.05 -8.80 23.31
CA LEU C 172 -16.24 -9.94 22.37
C LEU C 172 -15.96 -9.51 20.93
N CYS C 173 -16.56 -8.40 20.50
CA CYS C 173 -16.42 -7.87 19.12
C CYS C 173 -14.99 -7.39 18.87
N GLN C 174 -14.41 -6.66 19.83
CA GLN C 174 -13.02 -6.17 19.75
C GLN C 174 -12.06 -7.36 19.57
N ALA C 175 -12.28 -8.45 20.30
CA ALA C 175 -11.43 -9.66 20.25
C ALA C 175 -11.65 -10.44 18.96
N PHE C 176 -12.88 -10.68 18.51
CA PHE C 176 -13.13 -11.73 17.48
C PHE C 176 -13.85 -11.20 16.24
N GLY C 177 -14.22 -9.92 16.22
CA GLY C 177 -14.92 -9.33 15.07
C GLY C 177 -13.97 -8.46 14.27
N PRO C 178 -14.24 -8.23 12.97
CA PRO C 178 -13.34 -7.41 12.14
C PRO C 178 -13.35 -5.93 12.56
N ARG C 179 -12.18 -5.32 12.63
CA ARG C 179 -12.03 -3.86 12.79
C ARG C 179 -12.69 -3.18 11.59
N LEU C 180 -13.60 -2.25 11.82
CA LEU C 180 -14.32 -1.57 10.72
C LEU C 180 -13.69 -0.20 10.48
N ILE C 181 -13.57 0.60 11.54
CA ILE C 181 -13.17 2.02 11.43
C ILE C 181 -12.91 2.55 12.84
N GLN C 182 -12.06 3.56 12.93
CA GLN C 182 -11.94 4.39 14.15
C GLN C 182 -12.59 5.74 13.90
N LEU C 183 -13.51 6.13 14.78
CA LEU C 183 -14.13 7.48 14.81
C LEU C 183 -13.72 8.11 16.14
N ASP C 184 -13.02 9.26 16.10
CA ASP C 184 -12.44 9.88 17.30
C ASP C 184 -11.55 8.82 17.96
N ASP C 185 -11.81 8.43 19.21
CA ASP C 185 -10.95 7.46 19.95
C ASP C 185 -11.67 6.11 20.09
N VAL C 186 -12.78 5.92 19.38
CA VAL C 186 -13.62 4.68 19.38
C VAL C 186 -13.30 3.85 18.13
N THR C 187 -12.81 2.63 18.33
CA THR C 187 -12.62 1.62 17.26
C THR C 187 -13.86 0.72 17.22
N TYR C 188 -14.52 0.66 16.07
CA TYR C 188 -15.76 -0.13 15.87
C TYR C 188 -15.37 -1.47 15.24
N HIS C 189 -15.95 -2.54 15.76
CA HIS C 189 -15.76 -3.91 15.21
C HIS C 189 -17.11 -4.48 14.77
N GLY C 190 -17.09 -5.30 13.72
CA GLY C 190 -18.28 -6.06 13.30
C GLY C 190 -18.56 -7.11 14.37
N PHE C 191 -19.78 -7.65 14.42
CA PHE C 191 -20.09 -8.82 15.27
C PHE C 191 -19.34 -10.02 14.73
N PRO C 192 -18.71 -10.86 15.58
CA PRO C 192 -17.95 -11.99 15.07
C PRO C 192 -18.82 -12.96 14.26
N SER C 193 -18.20 -13.55 13.23
CA SER C 193 -18.76 -14.66 12.44
C SER C 193 -18.81 -15.92 13.31
N LEU C 194 -19.67 -16.85 12.92
CA LEU C 194 -19.70 -18.21 13.50
C LEU C 194 -18.29 -18.78 13.52
N GLN C 195 -17.56 -18.70 12.41
CA GLN C 195 -16.23 -19.37 12.26
C GLN C 195 -15.30 -18.82 13.34
N ALA C 196 -15.28 -17.51 13.52
CA ALA C 196 -14.44 -16.84 14.54
C ALA C 196 -14.84 -17.32 15.93
N LEU C 197 -16.14 -17.50 16.22
CA LEU C 197 -16.65 -17.82 17.58
C LEU C 197 -16.45 -19.32 17.84
N ALA C 198 -16.32 -20.12 16.78
CA ALA C 198 -16.01 -21.58 16.84
C ALA C 198 -14.50 -21.83 17.01
N GLY C 199 -13.66 -20.80 17.09
CA GLY C 199 -12.18 -20.96 17.15
C GLY C 199 -11.69 -21.57 18.47
N PRO C 200 -10.41 -21.98 18.52
CA PRO C 200 -9.89 -22.81 19.61
C PRO C 200 -9.51 -22.01 20.86
N GLU C 201 -9.27 -20.70 20.75
CA GLU C 201 -8.85 -19.86 21.90
C GLU C 201 -10.05 -19.06 22.45
N VAL C 202 -11.23 -19.17 21.85
CA VAL C 202 -12.40 -18.28 22.15
C VAL C 202 -12.83 -18.43 23.62
N GLU C 203 -13.12 -19.65 24.06
CA GLU C 203 -13.64 -19.95 25.42
C GLU C 203 -12.66 -19.38 26.47
N ALA C 204 -11.38 -19.68 26.36
CA ALA C 204 -10.35 -19.23 27.32
C ALA C 204 -10.27 -17.69 27.33
N HIS C 205 -10.28 -17.06 26.17
CA HIS C 205 -10.14 -15.59 26.08
C HIS C 205 -11.40 -14.91 26.62
N LEU C 206 -12.59 -15.48 26.33
CA LEU C 206 -13.88 -14.91 26.80
C LEU C 206 -13.92 -14.97 28.33
N ARG C 207 -13.38 -16.04 28.92
CA ARG C 207 -13.20 -16.14 30.40
C ARG C 207 -12.39 -14.94 30.92
N LYS C 208 -11.28 -14.60 30.26
CA LYS C 208 -10.36 -13.51 30.71
C LYS C 208 -11.10 -12.18 30.64
N LEU C 209 -11.99 -12.03 29.66
CA LEU C 209 -12.83 -10.83 29.47
C LEU C 209 -13.99 -10.85 30.46
N GLY C 210 -14.12 -11.90 31.26
CA GLY C 210 -15.06 -11.94 32.41
C GLY C 210 -16.44 -12.42 32.02
N LEU C 211 -16.57 -13.18 30.93
CA LEU C 211 -17.88 -13.77 30.52
C LEU C 211 -18.17 -15.00 31.40
N GLY C 212 -17.18 -15.52 32.12
CA GLY C 212 -17.40 -16.67 33.04
C GLY C 212 -17.97 -17.87 32.32
N TYR C 213 -18.99 -18.51 32.88
CA TYR C 213 -19.61 -19.75 32.35
C TYR C 213 -20.15 -19.53 30.92
N ARG C 214 -20.45 -18.29 30.58
CA ARG C 214 -21.04 -17.89 29.28
C ARG C 214 -20.00 -18.08 28.17
N ALA C 215 -18.70 -17.98 28.49
CA ALA C 215 -17.59 -18.23 27.55
C ALA C 215 -17.77 -19.60 26.87
N ARG C 216 -18.05 -20.65 27.64
CA ARG C 216 -18.22 -22.03 27.11
C ARG C 216 -19.46 -22.09 26.20
N TYR C 217 -20.55 -21.46 26.60
CA TYR C 217 -21.84 -21.42 25.85
C TYR C 217 -21.61 -20.84 24.45
N VAL C 218 -20.87 -19.73 24.36
CA VAL C 218 -20.61 -19.00 23.08
C VAL C 218 -19.85 -19.95 22.14
N SER C 219 -18.74 -20.51 22.61
CA SER C 219 -17.88 -21.45 21.86
C SER C 219 -18.66 -22.69 21.41
N ALA C 220 -19.31 -23.38 22.35
CA ALA C 220 -20.00 -24.66 22.09
C ALA C 220 -21.20 -24.39 21.17
N SER C 221 -21.87 -23.24 21.32
CA SER C 221 -23.07 -22.89 20.50
C SER C 221 -22.62 -22.56 19.08
N ALA C 222 -21.49 -21.86 18.91
CA ALA C 222 -20.94 -21.52 17.57
C ALA C 222 -20.56 -22.81 16.85
N ARG C 223 -19.95 -23.77 17.55
CA ARG C 223 -19.51 -25.06 16.95
C ARG C 223 -20.72 -25.94 16.64
N ALA C 224 -21.73 -25.98 17.52
CA ALA C 224 -22.96 -26.77 17.32
C ALA C 224 -23.65 -26.29 16.04
N ILE C 225 -23.82 -24.98 15.91
CA ILE C 225 -24.54 -24.37 14.76
C ILE C 225 -23.77 -24.71 13.48
N LEU C 226 -22.44 -24.51 13.50
CA LEU C 226 -21.55 -24.79 12.33
C LEU C 226 -21.52 -26.28 12.02
N GLU C 227 -21.29 -27.14 13.00
CA GLU C 227 -20.91 -28.56 12.75
C GLU C 227 -22.14 -29.45 12.74
N GLU C 228 -23.20 -29.08 13.45
CA GLU C 228 -24.38 -29.98 13.63
C GLU C 228 -25.59 -29.45 12.86
N GLN C 229 -25.81 -28.13 12.81
CA GLN C 229 -27.13 -27.58 12.39
C GLN C 229 -27.09 -27.04 10.95
N GLY C 230 -25.92 -26.97 10.32
CA GLY C 230 -25.74 -26.47 8.93
C GLY C 230 -25.54 -24.96 8.83
N GLY C 231 -25.07 -24.32 9.90
CA GLY C 231 -24.62 -22.91 9.85
C GLY C 231 -25.75 -21.90 9.81
N LEU C 232 -25.49 -20.74 9.19
CA LEU C 232 -26.43 -19.59 9.14
C LEU C 232 -27.78 -20.03 8.54
N ALA C 233 -27.79 -20.99 7.61
CA ALA C 233 -29.02 -21.51 6.99
C ALA C 233 -30.03 -21.90 8.06
N TRP C 234 -29.56 -22.39 9.21
CA TRP C 234 -30.46 -22.89 10.29
C TRP C 234 -31.27 -21.74 10.89
N LEU C 235 -30.65 -20.57 11.09
CA LEU C 235 -31.31 -19.43 11.76
C LEU C 235 -32.31 -18.81 10.78
N GLN C 236 -31.99 -18.80 9.48
CA GLN C 236 -32.97 -18.42 8.43
C GLN C 236 -34.17 -19.39 8.45
N GLN C 237 -33.93 -20.68 8.58
CA GLN C 237 -35.00 -21.71 8.70
C GLN C 237 -35.91 -21.37 9.89
N LEU C 238 -35.32 -21.02 11.03
CA LEU C 238 -36.13 -20.73 12.25
C LEU C 238 -36.87 -19.40 12.07
N ARG C 239 -36.29 -18.44 11.34
CA ARG C 239 -36.98 -17.16 11.03
C ARG C 239 -38.31 -17.49 10.34
N GLU C 240 -38.32 -18.53 9.52
CA GLU C 240 -39.46 -18.93 8.65
C GLU C 240 -40.35 -19.96 9.37
N SER C 241 -39.90 -20.55 10.48
CA SER C 241 -40.68 -21.58 11.22
C SER C 241 -41.71 -20.92 12.13
N SER C 242 -42.57 -21.72 12.73
CA SER C 242 -43.50 -21.32 13.81
C SER C 242 -42.70 -20.89 15.03
N TYR C 243 -43.26 -20.02 15.87
CA TYR C 243 -42.69 -19.69 17.20
C TYR C 243 -42.38 -21.00 17.94
N GLU C 244 -43.34 -21.91 17.98
CA GLU C 244 -43.26 -23.16 18.76
C GLU C 244 -42.04 -23.94 18.26
N GLU C 245 -41.89 -24.11 16.94
CA GLU C 245 -40.75 -24.90 16.42
C GLU C 245 -39.45 -24.13 16.71
N ALA C 246 -39.38 -22.82 16.43
CA ALA C 246 -38.13 -22.04 16.55
C ALA C 246 -37.65 -22.07 18.00
N HIS C 247 -38.58 -21.88 18.94
CA HIS C 247 -38.29 -21.86 20.39
C HIS C 247 -37.66 -23.19 20.79
N LYS C 248 -38.34 -24.30 20.50
CA LYS C 248 -37.85 -25.66 20.82
C LYS C 248 -36.50 -25.90 20.10
N ALA C 249 -36.35 -25.49 18.83
CA ALA C 249 -35.10 -25.73 18.07
C ALA C 249 -33.91 -25.05 18.78
N LEU C 250 -34.05 -23.81 19.21
CA LEU C 250 -32.95 -23.01 19.85
C LEU C 250 -32.49 -23.65 21.14
N CYS C 251 -33.39 -24.30 21.87
CA CYS C 251 -33.15 -24.88 23.22
C CYS C 251 -32.23 -26.11 23.15
N ILE C 252 -31.86 -26.61 21.97
CA ILE C 252 -30.81 -27.65 21.87
C ILE C 252 -29.43 -27.01 22.10
N LEU C 253 -29.28 -25.69 22.05
CA LEU C 253 -27.95 -25.03 22.06
C LEU C 253 -27.47 -24.89 23.50
N PRO C 254 -26.17 -25.14 23.78
CA PRO C 254 -25.60 -24.83 25.08
C PRO C 254 -25.81 -23.36 25.48
N GLY C 255 -26.39 -23.14 26.65
CA GLY C 255 -26.65 -21.80 27.20
C GLY C 255 -27.97 -21.21 26.77
N VAL C 256 -28.75 -21.88 25.92
CA VAL C 256 -30.06 -21.35 25.41
C VAL C 256 -31.19 -22.16 26.08
N GLY C 257 -31.77 -21.61 27.15
CA GLY C 257 -33.02 -22.09 27.74
C GLY C 257 -34.22 -21.29 27.24
N THR C 258 -35.33 -21.38 27.95
CA THR C 258 -36.64 -20.71 27.67
C THR C 258 -36.44 -19.20 27.50
N LYS C 259 -35.76 -18.57 28.46
CA LYS C 259 -35.55 -17.10 28.52
C LYS C 259 -34.84 -16.62 27.25
N VAL C 260 -33.65 -17.15 26.97
CA VAL C 260 -32.81 -16.71 25.83
C VAL C 260 -33.50 -17.06 24.51
N ALA C 261 -34.06 -18.27 24.37
CA ALA C 261 -34.85 -18.69 23.20
C ALA C 261 -35.94 -17.66 22.89
N ASP C 262 -36.67 -17.21 23.90
CA ASP C 262 -37.78 -16.24 23.69
C ASP C 262 -37.21 -14.89 23.25
N CYS C 263 -36.09 -14.47 23.81
CA CYS C 263 -35.43 -13.21 23.43
C CYS C 263 -35.11 -13.27 21.94
N ILE C 264 -34.50 -14.35 21.49
CA ILE C 264 -34.05 -14.51 20.07
C ILE C 264 -35.30 -14.55 19.18
N CYS C 265 -36.33 -15.28 19.59
CA CYS C 265 -37.59 -15.45 18.80
C CYS C 265 -38.18 -14.05 18.58
N LEU C 266 -38.28 -13.25 19.64
CA LEU C 266 -38.91 -11.91 19.63
C LEU C 266 -38.10 -10.95 18.74
N MET C 267 -36.79 -10.93 18.93
CA MET C 267 -35.93 -9.79 18.49
C MET C 267 -35.21 -10.11 17.19
N ALA C 268 -35.13 -11.38 16.77
CA ALA C 268 -34.39 -11.74 15.54
C ALA C 268 -35.17 -12.71 14.68
N LEU C 269 -36.10 -13.52 15.20
CA LEU C 269 -36.75 -14.55 14.35
C LEU C 269 -38.21 -14.22 14.05
N ASP C 270 -38.60 -12.95 14.19
CA ASP C 270 -39.92 -12.45 13.72
C ASP C 270 -41.07 -13.19 14.42
N LYS C 271 -40.95 -13.52 15.71
CA LYS C 271 -42.08 -14.05 16.53
C LYS C 271 -42.54 -12.98 17.51
N PRO C 272 -43.41 -12.04 17.07
CA PRO C 272 -43.85 -10.95 17.94
C PRO C 272 -44.62 -11.35 19.21
N GLN C 273 -45.14 -12.58 19.28
CA GLN C 273 -45.91 -13.12 20.43
C GLN C 273 -44.97 -13.66 21.51
N ALA C 274 -43.66 -13.78 21.23
CA ALA C 274 -42.68 -14.31 22.21
C ALA C 274 -42.53 -13.29 23.35
N VAL C 275 -42.61 -13.75 24.59
CA VAL C 275 -42.51 -12.94 25.84
C VAL C 275 -41.47 -13.60 26.75
N PRO C 276 -40.21 -13.16 26.69
CA PRO C 276 -39.21 -13.67 27.62
C PRO C 276 -39.59 -13.33 29.07
N VAL C 277 -39.60 -14.33 29.95
CA VAL C 277 -40.04 -14.11 31.36
C VAL C 277 -38.85 -14.35 32.28
N ASP C 278 -38.44 -13.33 33.02
CA ASP C 278 -37.41 -13.45 34.09
C ASP C 278 -37.97 -12.80 35.36
N VAL C 279 -37.13 -12.66 36.39
CA VAL C 279 -37.55 -12.10 37.71
C VAL C 279 -38.02 -10.66 37.52
N HIS C 280 -37.41 -9.91 36.60
CA HIS C 280 -37.79 -8.51 36.27
C HIS C 280 -39.21 -8.51 35.68
N MET C 281 -39.55 -9.44 34.80
CA MET C 281 -40.94 -9.49 34.24
C MET C 281 -41.90 -9.94 35.35
N TRP C 282 -41.42 -10.76 36.28
CA TRP C 282 -42.20 -11.17 37.49
C TRP C 282 -42.54 -9.94 38.32
N HIS C 283 -41.55 -9.09 38.60
CA HIS C 283 -41.71 -7.87 39.43
C HIS C 283 -42.76 -6.94 38.80
N ILE C 284 -42.74 -6.74 37.47
CA ILE C 284 -43.71 -5.87 36.72
C ILE C 284 -45.11 -6.47 36.81
N ALA C 285 -45.24 -7.77 36.60
CA ALA C 285 -46.53 -8.47 36.62
C ALA C 285 -47.17 -8.34 38.01
N GLN C 286 -46.37 -8.54 39.06
CA GLN C 286 -46.84 -8.59 40.47
C GLN C 286 -47.18 -7.17 40.94
N ARG C 287 -46.29 -6.21 40.70
CA ARG C 287 -46.47 -4.77 41.06
C ARG C 287 -47.66 -4.19 40.27
N ASP C 288 -47.67 -4.29 38.94
CA ASP C 288 -48.57 -3.45 38.08
C ASP C 288 -49.81 -4.25 37.65
N TYR C 289 -49.83 -5.58 37.81
CA TYR C 289 -50.97 -6.42 37.37
C TYR C 289 -51.51 -7.27 38.54
N SER C 290 -50.93 -7.15 39.73
CA SER C 290 -51.28 -7.92 40.95
C SER C 290 -51.42 -9.39 40.59
N TRP C 291 -50.48 -9.88 39.77
CA TRP C 291 -50.52 -11.27 39.22
C TRP C 291 -49.82 -12.22 40.22
N HIS C 292 -50.35 -13.44 40.34
CA HIS C 292 -49.74 -14.61 41.03
C HIS C 292 -49.96 -15.84 40.15
N PRO C 293 -49.16 -16.93 40.28
CA PRO C 293 -49.43 -18.19 39.58
C PRO C 293 -50.63 -18.95 40.18
N THR C 294 -51.21 -19.90 39.43
CA THR C 294 -52.46 -20.63 39.81
C THR C 294 -52.34 -22.12 39.45
N ALA C 298 -46.44 -23.67 44.02
CA ALA C 298 -45.40 -22.81 43.41
C ALA C 298 -45.96 -21.40 43.17
N LYS C 299 -45.54 -20.43 43.98
CA LYS C 299 -45.95 -19.00 43.85
C LYS C 299 -44.78 -18.16 43.29
N GLY C 300 -43.65 -18.80 42.95
CA GLY C 300 -42.39 -18.14 42.56
C GLY C 300 -41.80 -18.70 41.27
N PRO C 301 -40.84 -17.98 40.64
CA PRO C 301 -40.23 -18.39 39.37
C PRO C 301 -39.87 -19.88 39.27
N SER C 302 -40.45 -20.55 38.27
CA SER C 302 -40.17 -21.95 37.86
C SER C 302 -40.59 -22.11 36.40
N PRO C 303 -40.06 -23.11 35.67
CA PRO C 303 -40.53 -23.39 34.31
C PRO C 303 -42.05 -23.22 34.11
N GLN C 304 -42.88 -23.82 34.98
CA GLN C 304 -44.36 -23.84 34.84
C GLN C 304 -44.94 -22.45 35.12
N THR C 305 -44.48 -21.77 36.17
CA THR C 305 -45.01 -20.45 36.57
C THR C 305 -44.60 -19.38 35.53
N ASN C 306 -43.39 -19.50 34.97
CA ASN C 306 -42.85 -18.57 33.93
C ASN C 306 -43.70 -18.71 32.66
N LYS C 307 -44.03 -19.94 32.26
CA LYS C 307 -44.83 -20.23 31.05
C LYS C 307 -46.22 -19.61 31.23
N GLU C 308 -46.77 -19.70 32.44
CA GLU C 308 -48.09 -19.10 32.77
C GLU C 308 -48.02 -17.60 32.53
N LEU C 309 -46.98 -16.95 33.03
CA LEU C 309 -46.84 -15.48 32.89
C LEU C 309 -46.73 -15.14 31.40
N GLY C 310 -45.97 -15.91 30.63
CA GLY C 310 -45.90 -15.71 29.16
C GLY C 310 -47.29 -15.76 28.55
N ASN C 311 -48.09 -16.75 28.95
CA ASN C 311 -49.43 -17.02 28.35
C ASN C 311 -50.39 -15.90 28.76
N PHE C 312 -50.26 -15.38 29.98
CA PHE C 312 -51.11 -14.28 30.53
C PHE C 312 -50.95 -13.04 29.64
N PHE C 313 -49.70 -12.65 29.42
CA PHE C 313 -49.31 -11.49 28.57
C PHE C 313 -49.78 -11.69 27.12
N ARG C 314 -49.65 -12.88 26.51
CA ARG C 314 -50.17 -13.11 25.13
C ARG C 314 -51.70 -12.97 25.12
N SER C 315 -52.37 -13.46 26.16
CA SER C 315 -53.85 -13.46 26.30
C SER C 315 -54.35 -12.02 26.39
N LEU C 316 -53.63 -11.19 27.14
CA LEU C 316 -53.98 -9.76 27.40
C LEU C 316 -53.71 -8.92 26.15
N TRP C 317 -52.50 -9.01 25.59
CA TRP C 317 -51.96 -8.08 24.57
C TRP C 317 -52.21 -8.59 23.14
N GLY C 318 -52.26 -9.91 22.93
CA GLY C 318 -52.52 -10.50 21.59
C GLY C 318 -51.23 -10.84 20.83
N PRO C 319 -51.29 -10.94 19.48
CA PRO C 319 -50.19 -11.45 18.68
C PRO C 319 -48.83 -10.72 18.73
N TYR C 320 -48.80 -9.49 19.26
CA TYR C 320 -47.58 -8.63 19.34
C TYR C 320 -47.23 -8.39 20.81
N ALA C 321 -47.53 -9.37 21.66
CA ALA C 321 -47.34 -9.27 23.12
C ALA C 321 -45.88 -8.91 23.46
N GLY C 322 -44.90 -9.44 22.72
CA GLY C 322 -43.47 -9.15 22.92
C GLY C 322 -43.15 -7.67 22.70
N TRP C 323 -43.81 -7.06 21.71
CA TRP C 323 -43.69 -5.61 21.42
C TRP C 323 -44.26 -4.81 22.59
N ALA C 324 -45.46 -5.16 23.08
CA ALA C 324 -46.09 -4.52 24.26
C ALA C 324 -45.11 -4.58 25.44
N GLN C 325 -44.55 -5.77 25.70
CA GLN C 325 -43.57 -6.00 26.80
C GLN C 325 -42.41 -5.00 26.68
N ALA C 326 -41.96 -4.71 25.47
CA ALA C 326 -40.79 -3.84 25.23
C ALA C 326 -41.10 -2.43 25.75
N VAL C 327 -42.32 -1.97 25.49
CA VAL C 327 -42.81 -0.64 25.99
C VAL C 327 -42.67 -0.63 27.51
N LEU C 328 -43.24 -1.63 28.19
CA LEU C 328 -43.25 -1.68 29.68
C LEU C 328 -41.82 -1.82 30.19
N PHE C 329 -40.97 -2.55 29.48
CA PHE C 329 -39.58 -2.79 29.94
C PHE C 329 -38.82 -1.47 29.80
N SER C 330 -38.94 -0.79 28.66
CA SER C 330 -38.25 0.50 28.40
C SER C 330 -38.73 1.54 29.41
N ALA C 331 -40.04 1.65 29.61
CA ALA C 331 -40.65 2.53 30.63
C ALA C 331 -40.01 2.22 32.00
N ASP C 332 -39.93 0.95 32.37
CA ASP C 332 -39.49 0.51 33.71
C ASP C 332 -38.02 0.91 33.96
N LEU C 333 -37.16 0.91 32.92
CA LEU C 333 -35.75 1.39 33.08
C LEU C 333 -35.76 2.91 33.28
N ARG C 334 -36.68 3.61 32.59
CA ARG C 334 -36.95 5.08 32.64
C ARG C 334 -36.13 5.79 31.56
N MET D 21 4.52 53.43 27.82
CA MET D 21 3.35 52.86 27.06
C MET D 21 3.37 51.33 27.18
N GLY D 22 2.20 50.73 27.40
CA GLY D 22 2.02 49.29 27.63
C GLY D 22 1.24 48.64 26.51
N HIS D 23 1.38 47.32 26.34
CA HIS D 23 0.48 46.53 25.48
C HIS D 23 -0.95 46.71 26.01
N ARG D 24 -1.93 46.85 25.12
CA ARG D 24 -3.34 47.08 25.48
C ARG D 24 -4.08 45.75 25.50
N THR D 25 -5.11 45.64 26.35
CA THR D 25 -6.13 44.57 26.27
C THR D 25 -7.47 45.24 26.02
N LEU D 26 -8.39 44.51 25.40
CA LEU D 26 -9.76 44.98 25.11
C LEU D 26 -10.42 45.51 26.39
N ALA D 27 -10.26 44.82 27.52
CA ALA D 27 -10.82 45.19 28.84
C ALA D 27 -10.31 46.56 29.30
N SER D 28 -9.01 46.83 29.15
CA SER D 28 -8.22 47.82 29.91
C SER D 28 -8.24 49.21 29.25
N THR D 29 -8.46 49.26 27.94
CA THR D 29 -8.55 50.54 27.17
C THR D 29 -9.65 50.39 26.11
N PRO D 30 -10.92 50.13 26.53
CA PRO D 30 -12.01 49.88 25.59
C PRO D 30 -12.17 50.88 24.44
N ALA D 31 -11.96 52.17 24.68
CA ALA D 31 -12.22 53.25 23.69
C ALA D 31 -11.19 53.22 22.55
N LEU D 32 -10.08 52.50 22.69
CA LEU D 32 -8.95 52.58 21.71
C LEU D 32 -9.06 51.45 20.69
N TRP D 33 -10.11 50.63 20.79
CA TRP D 33 -10.34 49.46 19.91
C TRP D 33 -11.44 49.78 18.88
N ALA D 34 -11.18 49.50 17.60
CA ALA D 34 -12.19 49.43 16.53
C ALA D 34 -12.55 47.96 16.35
N SER D 35 -13.76 47.69 15.87
CA SER D 35 -14.31 46.33 15.70
C SER D 35 -14.69 46.12 14.23
N ILE D 36 -14.34 44.95 13.70
CA ILE D 36 -14.64 44.49 12.32
C ILE D 36 -15.52 43.28 12.51
N PRO D 37 -16.69 43.19 11.82
CA PRO D 37 -17.45 41.96 11.77
C PRO D 37 -16.57 40.83 11.24
N CYS D 38 -16.43 39.76 12.00
CA CYS D 38 -15.48 38.65 11.73
C CYS D 38 -15.76 37.50 12.68
N PRO D 39 -16.63 36.53 12.33
CA PRO D 39 -16.83 35.36 13.20
C PRO D 39 -15.60 34.44 13.22
N ARG D 40 -15.57 33.50 14.16
CA ARG D 40 -14.47 32.50 14.28
C ARG D 40 -14.43 31.63 13.02
N SER D 41 -15.55 31.47 12.31
CA SER D 41 -15.63 30.74 11.02
C SER D 41 -14.77 31.45 9.95
N GLU D 42 -14.66 32.78 10.04
CA GLU D 42 -13.87 33.61 9.12
C GLU D 42 -12.40 33.74 9.60
N LEU D 43 -12.09 33.63 10.89
CA LEU D 43 -10.71 33.91 11.37
C LEU D 43 -10.48 33.38 12.79
N ARG D 44 -9.43 32.60 12.98
CA ARG D 44 -8.88 32.23 14.31
C ARG D 44 -7.44 32.72 14.36
N LEU D 45 -7.21 33.87 15.00
CA LEU D 45 -5.89 34.49 15.20
C LEU D 45 -4.87 33.44 15.65
N ASP D 46 -5.25 32.58 16.60
CA ASP D 46 -4.33 31.62 17.26
C ASP D 46 -3.89 30.54 16.24
N LEU D 47 -4.66 30.37 15.15
CA LEU D 47 -4.36 29.34 14.14
C LEU D 47 -3.63 29.96 12.95
N VAL D 48 -3.57 31.28 12.84
CA VAL D 48 -3.01 31.97 11.65
C VAL D 48 -1.66 32.63 12.00
N LEU D 49 -1.63 33.50 13.00
CA LEU D 49 -0.51 34.45 13.23
C LEU D 49 0.77 33.73 13.63
N PRO D 50 0.74 32.62 14.38
CA PRO D 50 1.96 31.90 14.76
C PRO D 50 2.20 30.65 13.89
N SER D 51 1.46 30.47 12.80
CA SER D 51 1.43 29.22 12.00
C SER D 51 2.24 29.36 10.70
N GLY D 52 3.37 30.05 10.71
CA GLY D 52 4.36 29.97 9.63
C GLY D 52 3.97 30.71 8.36
N GLN D 53 3.16 31.76 8.48
CA GLN D 53 2.88 32.71 7.37
C GLN D 53 3.68 33.99 7.64
N SER D 54 3.28 34.74 8.66
CA SER D 54 4.05 35.87 9.22
C SER D 54 4.80 35.37 10.47
N PHE D 55 5.99 35.89 10.72
CA PHE D 55 6.82 35.56 11.89
C PHE D 55 6.88 36.77 12.82
N ARG D 56 6.04 37.79 12.61
CA ARG D 56 6.12 39.10 13.35
C ARG D 56 4.99 39.32 14.36
N TRP D 57 4.24 38.30 14.77
CA TRP D 57 3.16 38.46 15.77
C TRP D 57 3.51 37.65 17.01
N ARG D 58 3.33 38.23 18.20
CA ARG D 58 3.47 37.52 19.49
C ARG D 58 2.23 37.77 20.36
N GLU D 59 1.79 36.73 21.05
CA GLU D 59 0.66 36.78 22.01
C GLU D 59 1.19 37.36 23.31
N GLN D 60 1.35 38.68 23.40
CA GLN D 60 1.99 39.35 24.56
C GLN D 60 1.05 39.37 25.76
N SER D 61 -0.26 39.18 25.55
CA SER D 61 -1.28 38.94 26.62
C SER D 61 -2.15 37.79 26.14
N PRO D 62 -2.75 36.98 27.04
CA PRO D 62 -3.66 35.91 26.59
C PRO D 62 -4.68 36.46 25.57
N ALA D 63 -4.74 35.85 24.38
CA ALA D 63 -5.73 36.08 23.30
C ALA D 63 -5.51 37.43 22.59
N HIS D 64 -4.40 38.13 22.89
CA HIS D 64 -4.05 39.44 22.31
C HIS D 64 -2.72 39.35 21.56
N TRP D 65 -2.77 39.57 20.25
CA TRP D 65 -1.63 39.38 19.31
C TRP D 65 -1.09 40.74 18.89
N SER D 66 0.17 41.05 19.23
CA SER D 66 0.81 42.33 18.86
C SER D 66 1.87 42.06 17.82
N GLY D 67 2.03 42.99 16.89
CA GLY D 67 2.94 42.87 15.75
C GLY D 67 2.93 44.12 14.93
N VAL D 68 3.81 44.15 13.93
CA VAL D 68 3.98 45.32 13.04
C VAL D 68 3.25 45.04 11.72
N LEU D 69 2.38 45.96 11.35
CA LEU D 69 1.64 45.93 10.08
C LEU D 69 1.81 47.31 9.46
N ALA D 70 2.56 47.39 8.35
CA ALA D 70 2.77 48.61 7.56
C ALA D 70 3.32 49.70 8.48
N ASP D 71 4.55 49.49 8.99
CA ASP D 71 5.29 50.43 9.88
C ASP D 71 4.39 51.02 10.99
N GLN D 72 3.42 50.27 11.49
CA GLN D 72 2.67 50.62 12.72
C GLN D 72 2.52 49.36 13.57
N VAL D 73 2.56 49.51 14.88
CA VAL D 73 2.28 48.39 15.80
C VAL D 73 0.77 48.32 16.02
N TRP D 74 0.23 47.10 15.97
CA TRP D 74 -1.18 46.77 16.24
C TRP D 74 -1.23 45.70 17.31
N THR D 75 -2.30 45.71 18.12
CA THR D 75 -2.72 44.55 18.93
C THR D 75 -4.09 44.12 18.40
N LEU D 76 -4.25 42.81 18.18
CA LEU D 76 -5.50 42.23 17.61
C LEU D 76 -6.03 41.24 18.63
N THR D 77 -7.35 41.15 18.77
CA THR D 77 -8.01 40.15 19.65
C THR D 77 -9.42 39.95 19.11
N GLN D 78 -10.05 38.82 19.43
CA GLN D 78 -11.39 38.55 18.87
C GLN D 78 -12.32 38.02 19.96
N THR D 79 -13.58 38.35 19.81
CA THR D 79 -14.73 37.77 20.55
C THR D 79 -15.50 36.95 19.51
N GLU D 80 -16.68 36.47 19.85
CA GLU D 80 -17.34 35.41 19.04
C GLU D 80 -17.58 35.93 17.62
N GLU D 81 -17.94 37.20 17.45
CA GLU D 81 -18.49 37.71 16.17
C GLU D 81 -17.61 38.82 15.61
N GLN D 82 -16.58 39.26 16.34
CA GLN D 82 -15.85 40.50 15.96
C GLN D 82 -14.34 40.31 16.11
N LEU D 83 -13.59 40.95 15.22
CA LEU D 83 -12.13 41.18 15.31
C LEU D 83 -11.94 42.61 15.83
N HIS D 84 -11.24 42.74 16.94
CA HIS D 84 -10.97 44.05 17.59
C HIS D 84 -9.50 44.41 17.35
N CYS D 85 -9.27 45.66 16.95
CA CYS D 85 -7.96 46.19 16.51
C CYS D 85 -7.66 47.51 17.24
N THR D 86 -6.44 47.64 17.74
CA THR D 86 -5.90 48.90 18.29
C THR D 86 -4.54 49.15 17.62
N VAL D 87 -4.22 50.41 17.37
CA VAL D 87 -2.95 50.82 16.72
C VAL D 87 -2.22 51.78 17.66
N TYR D 88 -0.90 51.66 17.77
CA TYR D 88 -0.08 52.52 18.67
C TYR D 88 0.61 53.59 17.81
N ARG D 89 0.48 54.86 18.21
CA ARG D 89 0.99 56.06 17.47
C ARG D 89 2.19 56.70 18.19
N GLY D 90 2.23 56.67 19.52
CA GLY D 90 3.31 57.27 20.33
C GLY D 90 2.82 58.46 21.14
N SER D 93 1.62 61.92 20.46
CA SER D 93 0.22 62.24 20.04
C SER D 93 -0.80 61.41 20.86
N GLN D 94 -1.93 62.04 21.19
CA GLN D 94 -3.12 61.45 21.88
C GLN D 94 -3.54 60.16 21.15
N ALA D 95 -3.81 59.09 21.92
CA ALA D 95 -4.24 57.76 21.41
C ALA D 95 -5.70 57.86 20.96
N SER D 96 -6.05 57.14 19.90
CA SER D 96 -7.42 57.07 19.34
C SER D 96 -7.62 55.71 18.70
N ARG D 97 -8.89 55.34 18.50
CA ARG D 97 -9.30 54.16 17.70
C ARG D 97 -8.58 54.24 16.36
N PRO D 98 -8.32 53.08 15.70
CA PRO D 98 -7.84 53.09 14.32
C PRO D 98 -8.84 53.85 13.45
N THR D 99 -8.33 54.63 12.50
CA THR D 99 -9.14 55.34 11.48
C THR D 99 -9.69 54.32 10.48
N PRO D 100 -10.81 54.60 9.79
CA PRO D 100 -11.28 53.71 8.72
C PRO D 100 -10.19 53.34 7.71
N ASP D 101 -9.32 54.28 7.33
CA ASP D 101 -8.20 54.03 6.37
C ASP D 101 -7.21 53.02 6.98
N GLU D 102 -6.87 53.16 8.26
CA GLU D 102 -5.97 52.22 8.97
C GLU D 102 -6.66 50.85 9.07
N LEU D 103 -7.94 50.81 9.40
CA LEU D 103 -8.71 49.55 9.60
C LEU D 103 -8.76 48.77 8.28
N GLU D 104 -8.79 49.47 7.14
CA GLU D 104 -8.78 48.84 5.80
C GLU D 104 -7.50 48.02 5.61
N ALA D 105 -6.35 48.51 6.06
CA ALA D 105 -5.06 47.79 5.96
C ALA D 105 -5.19 46.43 6.65
N VAL D 106 -5.85 46.37 7.81
CA VAL D 106 -6.14 45.10 8.52
C VAL D 106 -7.07 44.23 7.66
N ARG D 107 -8.16 44.79 7.15
CA ARG D 107 -9.16 44.00 6.38
C ARG D 107 -8.42 43.31 5.23
N LYS D 108 -7.50 44.03 4.59
CA LYS D 108 -6.73 43.59 3.39
C LYS D 108 -5.68 42.54 3.79
N TYR D 109 -4.91 42.77 4.86
CA TYR D 109 -3.97 41.79 5.43
C TYR D 109 -4.65 40.45 5.64
N PHE D 110 -5.87 40.43 6.19
CA PHE D 110 -6.63 39.18 6.46
C PHE D 110 -7.48 38.75 5.25
N GLN D 111 -7.48 39.50 4.14
CA GLN D 111 -8.32 39.23 2.93
C GLN D 111 -9.78 38.95 3.35
N LEU D 112 -10.39 39.78 4.20
CA LEU D 112 -11.74 39.53 4.80
C LEU D 112 -12.86 39.74 3.76
N ASP D 113 -12.57 40.37 2.63
CA ASP D 113 -13.49 40.45 1.46
C ASP D 113 -13.77 39.04 0.93
N VAL D 114 -12.85 38.10 1.14
CA VAL D 114 -13.08 36.67 0.76
C VAL D 114 -13.78 35.98 1.91
N THR D 115 -14.93 35.35 1.64
CA THR D 115 -15.75 34.56 2.60
C THR D 115 -15.14 33.17 2.76
N LEU D 116 -14.39 32.94 3.83
CA LEU D 116 -13.66 31.67 4.06
C LEU D 116 -14.63 30.49 4.23
N ALA D 117 -15.79 30.72 4.87
CA ALA D 117 -16.85 29.70 5.09
C ALA D 117 -17.23 29.07 3.75
N GLN D 118 -17.31 29.88 2.69
CA GLN D 118 -17.69 29.41 1.33
C GLN D 118 -16.56 28.54 0.75
N LEU D 119 -15.28 28.90 0.99
CA LEU D 119 -14.13 28.06 0.51
C LEU D 119 -14.07 26.76 1.31
N TYR D 120 -14.17 26.82 2.64
CA TYR D 120 -14.17 25.60 3.51
C TYR D 120 -15.27 24.64 3.01
N HIS D 121 -16.44 25.17 2.65
CA HIS D 121 -17.58 24.33 2.19
C HIS D 121 -17.24 23.68 0.85
N HIS D 122 -16.69 24.44 -0.11
CA HIS D 122 -16.23 23.89 -1.42
C HIS D 122 -15.19 22.80 -1.17
N TRP D 123 -14.10 23.14 -0.47
CA TRP D 123 -13.00 22.17 -0.20
C TRP D 123 -13.55 20.91 0.46
N GLY D 124 -14.36 21.08 1.52
CA GLY D 124 -14.99 19.97 2.25
C GLY D 124 -15.79 19.07 1.33
N SER D 125 -16.52 19.67 0.39
CA SER D 125 -17.47 18.95 -0.48
C SER D 125 -16.71 18.15 -1.55
N VAL D 126 -15.49 18.56 -1.95
CA VAL D 126 -14.69 17.83 -2.98
C VAL D 126 -13.63 16.93 -2.32
N ASP D 127 -13.40 17.05 -1.01
CA ASP D 127 -12.30 16.34 -0.31
C ASP D 127 -12.76 16.00 1.11
N SER D 128 -13.06 14.72 1.36
CA SER D 128 -13.65 14.20 2.64
C SER D 128 -12.66 14.35 3.79
N HIS D 129 -11.36 14.23 3.52
CA HIS D 129 -10.32 14.40 4.56
C HIS D 129 -10.24 15.88 4.98
N PHE D 130 -10.25 16.80 4.01
CA PHE D 130 -10.27 18.25 4.31
C PHE D 130 -11.46 18.52 5.23
N GLN D 131 -12.65 18.05 4.85
CA GLN D 131 -13.90 18.18 5.63
C GLN D 131 -13.63 17.78 7.09
N GLU D 132 -12.94 16.66 7.35
CA GLU D 132 -12.68 16.13 8.72
C GLU D 132 -11.84 17.14 9.50
N VAL D 133 -10.73 17.58 8.92
CA VAL D 133 -9.74 18.50 9.54
C VAL D 133 -10.40 19.86 9.79
N ALA D 134 -11.12 20.39 8.79
CA ALA D 134 -11.81 21.70 8.82
C ALA D 134 -12.78 21.80 10.02
N GLN D 135 -13.37 20.67 10.44
CA GLN D 135 -14.30 20.57 11.60
C GLN D 135 -13.60 21.12 12.85
N LYS D 136 -12.34 20.78 13.05
CA LYS D 136 -11.60 21.14 14.28
C LYS D 136 -10.82 22.44 14.10
N PHE D 137 -10.58 22.89 12.86
CA PHE D 137 -9.66 24.03 12.57
C PHE D 137 -10.35 25.02 11.64
N GLN D 138 -11.30 25.76 12.21
CA GLN D 138 -12.07 26.85 11.56
C GLN D 138 -11.17 28.08 11.42
N GLY D 139 -11.48 28.95 10.45
CA GLY D 139 -10.92 30.31 10.38
C GLY D 139 -9.42 30.33 10.15
N VAL D 140 -8.86 29.30 9.50
CA VAL D 140 -7.44 29.38 9.05
C VAL D 140 -7.42 30.17 7.74
N ARG D 141 -7.13 31.45 7.83
CA ARG D 141 -7.06 32.40 6.70
C ARG D 141 -5.64 32.40 6.15
N LEU D 142 -5.50 32.78 4.90
CA LEU D 142 -4.17 33.05 4.34
C LEU D 142 -3.97 34.56 4.34
N LEU D 143 -2.93 35.03 5.01
CA LEU D 143 -2.63 36.48 5.08
C LEU D 143 -2.16 36.95 3.70
N ARG D 144 -2.42 38.22 3.42
CA ARG D 144 -1.86 38.96 2.26
C ARG D 144 -0.74 39.85 2.79
N GLN D 145 0.50 39.41 2.60
CA GLN D 145 1.68 40.05 3.24
C GLN D 145 2.31 41.06 2.29
N ASP D 146 3.11 41.98 2.83
CA ASP D 146 3.96 42.89 2.04
C ASP D 146 4.95 42.04 1.26
N PRO D 147 5.15 42.26 -0.06
CA PRO D 147 6.10 41.45 -0.82
C PRO D 147 7.50 41.43 -0.20
N ILE D 148 8.00 42.57 0.27
CA ILE D 148 9.43 42.68 0.73
C ILE D 148 9.56 41.88 2.03
N GLU D 149 8.67 42.11 2.97
CA GLU D 149 8.72 41.39 4.25
C GLU D 149 8.62 39.88 3.98
N CYS D 150 7.67 39.46 3.14
CA CYS D 150 7.43 38.03 2.82
C CYS D 150 8.67 37.45 2.14
N LEU D 151 9.26 38.17 1.16
CA LEU D 151 10.40 37.64 0.39
C LEU D 151 11.56 37.35 1.37
N PHE D 152 11.95 38.33 2.19
CA PHE D 152 13.17 38.23 3.04
C PHE D 152 12.90 37.29 4.22
N SER D 153 11.67 37.27 4.77
CA SER D 153 11.29 36.34 5.84
C SER D 153 11.40 34.90 5.32
N PHE D 154 10.98 34.61 4.09
CA PHE D 154 11.05 33.22 3.57
C PHE D 154 12.48 32.88 3.14
N ILE D 155 13.27 33.85 2.73
CA ILE D 155 14.74 33.61 2.55
C ILE D 155 15.34 33.15 3.90
N CYS D 156 14.86 33.69 5.03
CA CYS D 156 15.33 33.30 6.39
C CYS D 156 14.76 31.95 6.80
N SER D 157 13.81 31.41 6.04
CA SER D 157 12.98 30.25 6.45
C SER D 157 13.69 28.92 6.16
N SER D 158 14.67 28.86 5.25
CA SER D 158 15.29 27.58 4.81
C SER D 158 15.93 26.85 6.00
N ASN D 159 15.68 25.54 6.09
CA ASN D 159 16.30 24.63 7.09
C ASN D 159 16.13 25.20 8.49
N ASN D 160 14.94 25.73 8.76
CA ASN D 160 14.61 26.41 10.04
C ASN D 160 13.22 26.00 10.48
N ASN D 161 12.96 25.96 11.80
CA ASN D 161 11.59 25.86 12.36
C ASN D 161 11.07 27.27 12.62
N ILE D 162 9.78 27.39 12.92
CA ILE D 162 9.06 28.68 13.08
C ILE D 162 9.71 29.49 14.20
N ALA D 163 10.02 28.87 15.33
CA ALA D 163 10.64 29.53 16.51
C ALA D 163 11.93 30.26 16.07
N ARG D 164 12.81 29.58 15.35
CA ARG D 164 14.14 30.13 14.97
C ARG D 164 14.01 31.13 13.80
N ILE D 165 13.12 30.91 12.84
CA ILE D 165 12.78 31.93 11.80
C ILE D 165 12.35 33.21 12.52
N THR D 166 11.43 33.08 13.48
CA THR D 166 10.85 34.20 14.27
C THR D 166 12.03 34.97 14.91
N GLY D 167 12.99 34.27 15.52
CA GLY D 167 14.13 34.96 16.15
C GLY D 167 14.97 35.69 15.12
N MET D 168 15.28 35.03 14.01
CA MET D 168 16.16 35.58 12.96
C MET D 168 15.48 36.82 12.39
N VAL D 169 14.19 36.74 12.09
CA VAL D 169 13.45 37.89 11.50
C VAL D 169 13.43 39.06 12.49
N GLU D 170 13.24 38.79 13.77
CA GLU D 170 13.20 39.85 14.82
C GLU D 170 14.58 40.50 14.95
N ARG D 171 15.66 39.71 14.96
CA ARG D 171 17.05 40.26 15.01
C ARG D 171 17.34 41.04 13.72
N LEU D 172 16.84 40.59 12.56
CA LEU D 172 17.01 41.32 11.27
C LEU D 172 16.36 42.71 11.36
N CYS D 173 15.10 42.77 11.83
CA CYS D 173 14.31 44.03 11.98
C CYS D 173 14.97 44.91 13.05
N GLN D 174 15.34 44.35 14.20
CA GLN D 174 16.08 45.12 15.23
C GLN D 174 17.31 45.78 14.58
N ALA D 175 18.04 45.05 13.72
CA ALA D 175 19.36 45.51 13.21
C ALA D 175 19.20 46.55 12.09
N PHE D 176 18.26 46.39 11.14
CA PHE D 176 18.21 47.26 9.92
C PHE D 176 16.85 47.89 9.72
N GLY D 177 15.89 47.65 10.61
CA GLY D 177 14.57 48.28 10.51
C GLY D 177 14.47 49.54 11.37
N PRO D 178 13.60 50.50 11.02
CA PRO D 178 13.39 51.68 11.85
C PRO D 178 12.72 51.34 13.19
N ARG D 179 13.25 51.91 14.28
CA ARG D 179 12.65 51.80 15.63
C ARG D 179 11.30 52.52 15.60
N LEU D 180 10.19 51.82 15.85
CA LEU D 180 8.86 52.44 15.74
C LEU D 180 8.42 52.91 17.13
N ILE D 181 8.48 52.06 18.15
CA ILE D 181 7.87 52.33 19.48
C ILE D 181 8.34 51.26 20.47
N GLN D 182 8.36 51.59 21.76
CA GLN D 182 8.52 50.59 22.85
C GLN D 182 7.18 50.46 23.57
N LEU D 183 6.68 49.24 23.68
CA LEU D 183 5.53 48.88 24.55
C LEU D 183 6.08 47.96 25.64
N ASP D 184 5.93 48.36 26.90
CA ASP D 184 6.49 47.61 28.05
C ASP D 184 8.00 47.41 27.78
N ASP D 185 8.50 46.18 27.78
CA ASP D 185 9.96 45.90 27.63
C ASP D 185 10.27 45.55 26.16
N VAL D 186 9.29 45.68 25.25
CA VAL D 186 9.43 45.27 23.82
C VAL D 186 9.60 46.52 22.95
N THR D 187 10.65 46.54 22.15
CA THR D 187 10.95 47.59 21.13
C THR D 187 10.60 47.01 19.76
N TYR D 188 9.65 47.65 19.06
CA TYR D 188 9.14 47.19 17.75
C TYR D 188 9.92 47.92 16.66
N HIS D 189 10.34 47.20 15.62
CA HIS D 189 10.99 47.79 14.42
C HIS D 189 10.14 47.48 13.18
N GLY D 190 10.09 48.39 12.23
CA GLY D 190 9.51 48.13 10.91
C GLY D 190 10.37 47.12 10.17
N PHE D 191 9.86 46.54 9.09
CA PHE D 191 10.69 45.65 8.23
C PHE D 191 11.70 46.52 7.48
N PRO D 192 13.00 46.09 7.40
CA PRO D 192 14.00 46.89 6.72
C PRO D 192 13.54 47.16 5.28
N SER D 193 13.83 48.38 4.80
CA SER D 193 13.77 48.80 3.38
C SER D 193 14.78 47.99 2.55
N LEU D 194 14.57 47.90 1.24
CA LEU D 194 15.58 47.33 0.30
C LEU D 194 16.92 48.04 0.47
N GLN D 195 16.91 49.37 0.58
CA GLN D 195 18.12 50.22 0.69
C GLN D 195 18.92 49.77 1.91
N ALA D 196 18.28 49.56 3.06
CA ALA D 196 18.92 49.10 4.31
C ALA D 196 19.49 47.69 4.10
N LEU D 197 18.77 46.82 3.40
CA LEU D 197 19.21 45.40 3.21
C LEU D 197 20.31 45.32 2.14
N ALA D 198 20.45 46.37 1.31
CA ALA D 198 21.49 46.49 0.25
C ALA D 198 22.78 47.09 0.83
N GLY D 199 22.79 47.50 2.09
CA GLY D 199 23.93 48.18 2.74
C GLY D 199 25.20 47.32 2.79
N PRO D 200 26.39 47.93 3.01
CA PRO D 200 27.66 47.22 2.89
C PRO D 200 27.97 46.36 4.12
N GLU D 201 27.26 46.56 5.22
CA GLU D 201 27.56 45.88 6.50
C GLU D 201 26.60 44.71 6.73
N VAL D 202 25.55 44.59 5.90
CA VAL D 202 24.38 43.72 6.20
C VAL D 202 24.82 42.25 6.28
N GLU D 203 25.54 41.75 5.27
CA GLU D 203 25.88 40.31 5.15
C GLU D 203 26.69 39.87 6.39
N ALA D 204 27.74 40.63 6.74
CA ALA D 204 28.65 40.31 7.87
C ALA D 204 27.86 40.30 9.18
N HIS D 205 27.05 41.33 9.39
CA HIS D 205 26.22 41.48 10.61
C HIS D 205 25.18 40.34 10.71
N LEU D 206 24.45 40.04 9.63
CA LEU D 206 23.43 38.96 9.66
C LEU D 206 24.10 37.61 9.98
N ARG D 207 25.34 37.38 9.53
CA ARG D 207 26.11 36.18 9.90
C ARG D 207 26.35 36.18 11.42
N LYS D 208 26.63 37.33 12.02
CA LYS D 208 26.83 37.46 13.49
C LYS D 208 25.52 37.15 14.25
N LEU D 209 24.38 37.44 13.62
CA LEU D 209 23.05 37.27 14.25
C LEU D 209 22.56 35.83 14.03
N GLY D 210 23.38 35.03 13.35
CA GLY D 210 23.17 33.58 13.19
C GLY D 210 22.34 33.21 11.97
N LEU D 211 22.26 34.08 10.96
CA LEU D 211 21.47 33.78 9.72
C LEU D 211 22.30 32.86 8.81
N GLY D 212 23.61 32.72 9.07
CA GLY D 212 24.46 31.80 8.30
C GLY D 212 24.49 32.16 6.82
N TYR D 213 24.38 31.14 5.96
CA TYR D 213 24.35 31.22 4.48
C TYR D 213 23.18 32.10 4.02
N ARG D 214 22.16 32.30 4.87
CA ARG D 214 20.97 33.13 4.52
C ARG D 214 21.35 34.61 4.45
N ALA D 215 22.36 35.02 5.20
CA ALA D 215 22.88 36.40 5.24
C ALA D 215 23.28 36.88 3.83
N ARG D 216 24.06 36.09 3.11
CA ARG D 216 24.47 36.41 1.72
C ARG D 216 23.21 36.54 0.85
N TYR D 217 22.27 35.59 0.95
CA TYR D 217 21.01 35.61 0.15
C TYR D 217 20.26 36.94 0.36
N VAL D 218 20.14 37.39 1.62
CA VAL D 218 19.39 38.66 1.95
C VAL D 218 20.07 39.82 1.23
N SER D 219 21.36 40.05 1.47
CA SER D 219 22.15 41.16 0.89
C SER D 219 22.13 41.09 -0.65
N ALA D 220 22.39 39.93 -1.24
CA ALA D 220 22.51 39.78 -2.71
C ALA D 220 21.12 39.99 -3.36
N SER D 221 20.05 39.52 -2.73
CA SER D 221 18.67 39.69 -3.26
C SER D 221 18.25 41.16 -3.16
N ALA D 222 18.56 41.82 -2.03
CA ALA D 222 18.22 43.24 -1.83
C ALA D 222 18.89 44.07 -2.94
N ARG D 223 20.17 43.83 -3.19
CA ARG D 223 20.94 44.54 -4.24
C ARG D 223 20.39 44.23 -5.63
N ALA D 224 20.09 42.96 -5.95
CA ALA D 224 19.54 42.54 -7.26
C ALA D 224 18.25 43.31 -7.54
N ILE D 225 17.37 43.40 -6.55
CA ILE D 225 16.01 43.98 -6.71
C ILE D 225 16.18 45.47 -6.95
N LEU D 226 17.06 46.10 -6.19
CA LEU D 226 17.23 47.56 -6.17
C LEU D 226 17.98 48.02 -7.43
N GLU D 227 19.08 47.36 -7.81
CA GLU D 227 19.98 47.79 -8.92
C GLU D 227 19.58 47.19 -10.27
N GLU D 228 18.97 46.00 -10.32
CA GLU D 228 18.73 45.29 -11.60
C GLU D 228 17.25 45.29 -11.96
N GLN D 229 16.33 45.22 -11.00
CA GLN D 229 14.89 44.96 -11.28
C GLN D 229 14.07 46.24 -11.10
N GLY D 230 14.64 47.31 -10.58
CA GLY D 230 13.96 48.62 -10.42
C GLY D 230 13.16 48.73 -9.14
N GLY D 231 13.47 47.94 -8.11
CA GLY D 231 12.95 48.13 -6.75
C GLY D 231 11.54 47.59 -6.56
N LEU D 232 10.76 48.20 -5.66
CA LEU D 232 9.45 47.69 -5.18
C LEU D 232 8.50 47.49 -6.36
N ALA D 233 8.59 48.36 -7.38
CA ALA D 233 7.76 48.26 -8.60
C ALA D 233 7.86 46.84 -9.18
N TRP D 234 9.00 46.18 -9.05
CA TRP D 234 9.12 44.79 -9.59
C TRP D 234 8.16 43.86 -8.85
N LEU D 235 8.10 43.96 -7.53
CA LEU D 235 7.29 42.99 -6.75
C LEU D 235 5.81 43.30 -7.03
N GLN D 236 5.46 44.57 -7.25
CA GLN D 236 4.09 44.98 -7.67
C GLN D 236 3.75 44.39 -9.04
N GLN D 237 4.65 44.50 -10.02
CA GLN D 237 4.53 43.84 -11.34
C GLN D 237 4.28 42.33 -11.18
N LEU D 238 4.98 41.63 -10.28
CA LEU D 238 4.77 40.16 -10.16
C LEU D 238 3.41 39.87 -9.53
N ARG D 239 2.91 40.76 -8.66
CA ARG D 239 1.60 40.63 -7.98
C ARG D 239 0.49 40.64 -9.04
N GLU D 240 0.71 41.34 -10.17
CA GLU D 240 -0.27 41.46 -11.27
C GLU D 240 0.07 40.50 -12.40
N SER D 241 1.19 39.79 -12.35
CA SER D 241 1.60 38.86 -13.43
C SER D 241 0.98 37.49 -13.15
N SER D 242 1.08 36.54 -14.09
CA SER D 242 0.63 35.14 -13.88
C SER D 242 1.49 34.48 -12.80
N TYR D 243 0.95 33.46 -12.13
CA TYR D 243 1.70 32.57 -11.21
C TYR D 243 3.00 32.08 -11.88
N GLU D 244 2.90 31.60 -13.12
CA GLU D 244 4.03 31.02 -13.90
C GLU D 244 5.11 32.10 -14.06
N GLU D 245 4.74 33.30 -14.50
CA GLU D 245 5.72 34.42 -14.70
C GLU D 245 6.37 34.75 -13.35
N ALA D 246 5.56 34.90 -12.30
CA ALA D 246 5.97 35.38 -10.96
C ALA D 246 6.97 34.40 -10.34
N HIS D 247 6.64 33.12 -10.37
CA HIS D 247 7.46 32.02 -9.79
C HIS D 247 8.81 32.03 -10.49
N LYS D 248 8.79 32.00 -11.82
CA LYS D 248 10.03 32.00 -12.65
C LYS D 248 10.86 33.24 -12.32
N ALA D 249 10.23 34.42 -12.24
CA ALA D 249 10.91 35.71 -12.00
C ALA D 249 11.61 35.68 -10.62
N LEU D 250 10.95 35.21 -9.57
CA LEU D 250 11.52 35.19 -8.19
C LEU D 250 12.75 34.29 -8.15
N CYS D 251 12.77 33.23 -8.95
CA CYS D 251 13.83 32.19 -8.95
C CYS D 251 15.14 32.69 -9.56
N ILE D 252 15.21 33.94 -10.04
CA ILE D 252 16.51 34.57 -10.41
C ILE D 252 17.24 35.05 -9.16
N LEU D 253 16.54 35.21 -8.01
CA LEU D 253 17.12 35.83 -6.79
C LEU D 253 17.96 34.84 -6.02
N PRO D 254 19.13 35.28 -5.47
CA PRO D 254 19.95 34.41 -4.64
C PRO D 254 19.13 33.90 -3.45
N GLY D 255 19.09 32.57 -3.31
CA GLY D 255 18.45 31.87 -2.20
C GLY D 255 16.97 31.59 -2.44
N VAL D 256 16.40 31.97 -3.58
CA VAL D 256 14.97 31.70 -3.90
C VAL D 256 14.93 30.56 -4.93
N GLY D 257 14.60 29.36 -4.46
CA GLY D 257 14.31 28.16 -5.28
C GLY D 257 12.81 27.95 -5.36
N THR D 258 12.39 26.75 -5.71
CA THR D 258 10.96 26.42 -6.01
C THR D 258 10.09 26.68 -4.77
N LYS D 259 10.52 26.21 -3.59
CA LYS D 259 9.77 26.24 -2.31
C LYS D 259 9.50 27.69 -1.86
N VAL D 260 10.56 28.49 -1.79
CA VAL D 260 10.48 29.91 -1.33
C VAL D 260 9.68 30.73 -2.35
N ALA D 261 9.94 30.55 -3.65
CA ALA D 261 9.16 31.24 -4.71
C ALA D 261 7.68 30.93 -4.53
N ASP D 262 7.32 29.66 -4.31
CA ASP D 262 5.90 29.26 -4.11
C ASP D 262 5.33 29.94 -2.85
N CYS D 263 6.09 30.01 -1.76
CA CYS D 263 5.69 30.71 -0.51
C CYS D 263 5.34 32.16 -0.82
N ILE D 264 6.19 32.84 -1.58
CA ILE D 264 6.02 34.30 -1.82
C ILE D 264 4.82 34.48 -2.77
N CYS D 265 4.67 33.59 -3.75
CA CYS D 265 3.57 33.64 -4.74
C CYS D 265 2.23 33.54 -3.99
N LEU D 266 2.14 32.57 -3.07
CA LEU D 266 0.91 32.30 -2.28
C LEU D 266 0.59 33.48 -1.34
N MET D 267 1.60 33.93 -0.58
CA MET D 267 1.37 34.72 0.65
C MET D 267 1.53 36.22 0.39
N ALA D 268 2.06 36.63 -0.76
CA ALA D 268 2.29 38.07 -1.01
C ALA D 268 1.98 38.50 -2.46
N LEU D 269 2.00 37.59 -3.44
CA LEU D 269 1.79 37.95 -4.87
C LEU D 269 0.44 37.49 -5.38
N ASP D 270 -0.52 37.20 -4.51
CA ASP D 270 -1.93 36.89 -4.89
C ASP D 270 -1.96 35.73 -5.91
N LYS D 271 -1.24 34.65 -5.64
CA LYS D 271 -1.34 33.39 -6.42
C LYS D 271 -1.95 32.34 -5.49
N PRO D 272 -3.29 32.28 -5.37
CA PRO D 272 -3.91 31.36 -4.42
C PRO D 272 -3.70 29.88 -4.74
N GLN D 273 -3.27 29.55 -5.97
CA GLN D 273 -3.08 28.17 -6.49
C GLN D 273 -1.64 27.69 -6.25
N ALA D 274 -0.74 28.56 -5.77
CA ALA D 274 0.65 28.18 -5.40
C ALA D 274 0.62 27.25 -4.18
N VAL D 275 1.28 26.09 -4.29
CA VAL D 275 1.34 25.09 -3.21
C VAL D 275 2.81 24.82 -2.94
N PRO D 276 3.45 25.51 -1.96
CA PRO D 276 4.81 25.18 -1.60
C PRO D 276 4.89 23.73 -1.11
N VAL D 277 5.82 22.96 -1.68
CA VAL D 277 5.95 21.51 -1.34
C VAL D 277 7.34 21.31 -0.74
N ASP D 278 7.38 20.71 0.45
CA ASP D 278 8.61 20.22 1.12
C ASP D 278 8.32 18.83 1.71
N VAL D 279 9.21 18.33 2.54
CA VAL D 279 9.11 16.95 3.12
C VAL D 279 7.84 16.89 3.99
N HIS D 280 7.50 18.01 4.63
CA HIS D 280 6.28 18.16 5.46
C HIS D 280 5.04 17.81 4.61
N MET D 281 4.85 18.49 3.47
CA MET D 281 3.67 18.29 2.58
C MET D 281 3.69 16.87 2.01
N TRP D 282 4.90 16.38 1.71
CA TRP D 282 5.16 15.00 1.28
C TRP D 282 4.53 14.02 2.29
N HIS D 283 4.82 14.20 3.57
CA HIS D 283 4.35 13.35 4.69
C HIS D 283 2.82 13.38 4.75
N ILE D 284 2.22 14.56 4.64
CA ILE D 284 0.75 14.77 4.68
C ILE D 284 0.10 14.01 3.51
N ALA D 285 0.64 14.15 2.30
CA ALA D 285 0.10 13.51 1.07
C ALA D 285 0.12 11.98 1.23
N GLN D 286 1.17 11.44 1.84
CA GLN D 286 1.38 9.98 2.02
C GLN D 286 0.39 9.46 3.05
N ARG D 287 0.34 10.14 4.19
CA ARG D 287 -0.47 9.74 5.37
C ARG D 287 -1.97 9.93 5.07
N ASP D 288 -2.39 11.02 4.41
CA ASP D 288 -3.82 11.41 4.31
C ASP D 288 -4.39 11.24 2.89
N TYR D 289 -3.55 11.09 1.85
CA TYR D 289 -4.02 11.09 0.44
C TYR D 289 -3.48 9.88 -0.35
N SER D 290 -2.80 8.93 0.29
CA SER D 290 -2.26 7.69 -0.34
C SER D 290 -1.24 8.04 -1.42
N TRP D 291 -0.39 9.04 -1.20
CA TRP D 291 0.69 9.45 -2.14
C TRP D 291 1.91 8.52 -1.99
N GLY D 300 11.44 9.18 -2.68
CA GLY D 300 11.50 10.28 -1.70
C GLY D 300 11.05 11.61 -2.29
N PRO D 301 11.22 12.74 -1.58
CA PRO D 301 10.89 14.06 -2.12
C PRO D 301 11.99 14.57 -3.07
N SER D 302 11.64 14.86 -4.32
CA SER D 302 12.57 15.36 -5.38
C SER D 302 11.95 16.54 -6.13
N PRO D 303 12.74 17.31 -6.90
CA PRO D 303 12.19 18.36 -7.76
C PRO D 303 10.96 17.94 -8.60
N GLN D 304 11.02 16.80 -9.30
CA GLN D 304 9.92 16.36 -10.19
C GLN D 304 8.74 15.85 -9.34
N THR D 305 8.99 15.08 -8.26
CA THR D 305 7.91 14.57 -7.36
C THR D 305 7.23 15.73 -6.61
N ASN D 306 8.00 16.73 -6.17
CA ASN D 306 7.48 17.96 -5.50
C ASN D 306 6.51 18.67 -6.45
N LYS D 307 6.88 18.83 -7.71
CA LYS D 307 6.02 19.46 -8.74
C LYS D 307 4.73 18.66 -8.91
N GLU D 308 4.83 17.33 -8.96
CA GLU D 308 3.68 16.41 -9.15
C GLU D 308 2.73 16.58 -7.96
N LEU D 309 3.31 16.76 -6.78
CA LEU D 309 2.53 16.90 -5.53
C LEU D 309 1.76 18.22 -5.61
N GLY D 310 2.42 19.32 -6.02
CA GLY D 310 1.73 20.61 -6.20
C GLY D 310 0.59 20.48 -7.21
N ASN D 311 0.82 19.77 -8.31
CA ASN D 311 -0.20 19.59 -9.38
C ASN D 311 -1.39 18.77 -8.81
N PHE D 312 -1.11 17.80 -7.96
CA PHE D 312 -2.16 16.92 -7.36
C PHE D 312 -3.11 17.76 -6.50
N PHE D 313 -2.55 18.61 -5.63
CA PHE D 313 -3.35 19.45 -4.70
C PHE D 313 -4.14 20.49 -5.49
N ARG D 314 -3.56 21.07 -6.54
CA ARG D 314 -4.27 22.07 -7.39
C ARG D 314 -5.46 21.38 -8.09
N SER D 315 -5.25 20.17 -8.59
CA SER D 315 -6.28 19.33 -9.25
C SER D 315 -7.33 18.90 -8.19
N LEU D 316 -6.91 18.63 -6.95
CA LEU D 316 -7.85 18.21 -5.86
C LEU D 316 -8.71 19.40 -5.40
N TRP D 317 -8.09 20.54 -5.09
CA TRP D 317 -8.76 21.64 -4.35
C TRP D 317 -9.23 22.76 -5.30
N GLY D 318 -8.53 22.93 -6.43
CA GLY D 318 -8.89 23.96 -7.42
C GLY D 318 -8.12 25.25 -7.22
N PRO D 319 -8.63 26.38 -7.75
CA PRO D 319 -7.83 27.60 -7.86
C PRO D 319 -7.32 28.22 -6.54
N TYR D 320 -7.86 27.82 -5.38
CA TYR D 320 -7.40 28.32 -4.06
C TYR D 320 -6.70 27.20 -3.27
N ALA D 321 -5.98 26.30 -3.95
CA ALA D 321 -5.35 25.12 -3.34
C ALA D 321 -4.37 25.53 -2.24
N GLY D 322 -3.65 26.64 -2.44
CA GLY D 322 -2.67 27.13 -1.44
C GLY D 322 -3.36 27.50 -0.12
N TRP D 323 -4.57 28.04 -0.18
CA TRP D 323 -5.32 28.45 1.05
C TRP D 323 -5.78 27.18 1.77
N ALA D 324 -6.23 26.17 1.02
CA ALA D 324 -6.63 24.85 1.56
C ALA D 324 -5.40 24.26 2.26
N GLN D 325 -4.22 24.34 1.62
CA GLN D 325 -2.95 23.83 2.20
C GLN D 325 -2.73 24.47 3.58
N ALA D 326 -3.00 25.78 3.72
CA ALA D 326 -2.73 26.51 4.99
C ALA D 326 -3.57 25.88 6.11
N VAL D 327 -4.80 25.45 5.79
CA VAL D 327 -5.68 24.80 6.81
C VAL D 327 -5.02 23.51 7.29
N LEU D 328 -4.56 22.65 6.38
CA LEU D 328 -3.93 21.35 6.78
C LEU D 328 -2.61 21.61 7.51
N PHE D 329 -1.83 22.59 7.08
CA PHE D 329 -0.51 22.89 7.72
C PHE D 329 -0.76 23.38 9.15
N SER D 330 -1.62 24.39 9.32
CA SER D 330 -2.01 24.96 10.63
C SER D 330 -2.51 23.85 11.55
N ALA D 331 -3.41 22.99 11.05
CA ALA D 331 -3.96 21.84 11.81
C ALA D 331 -2.82 20.90 12.23
N ASP D 332 -1.88 20.65 11.34
CA ASP D 332 -0.76 19.70 11.54
C ASP D 332 0.14 20.21 12.67
N LEU D 333 0.46 21.51 12.68
CA LEU D 333 1.22 22.19 13.76
C LEU D 333 0.51 22.01 15.11
N ARG D 334 -0.83 22.07 15.11
CA ARG D 334 -1.76 21.92 16.28
C ARG D 334 -1.77 23.21 17.11
N MET E 21 32.01 -8.27 20.56
CA MET E 21 33.47 -8.11 20.83
C MET E 21 34.32 -8.66 19.67
N GLY E 22 33.86 -9.65 18.91
CA GLY E 22 34.51 -10.11 17.66
C GLY E 22 33.82 -9.59 16.39
N HIS E 23 34.58 -9.36 15.31
CA HIS E 23 34.04 -9.11 13.94
C HIS E 23 33.25 -10.35 13.49
N ARG E 24 32.06 -10.20 12.91
CA ARG E 24 31.24 -11.37 12.55
C ARG E 24 31.47 -11.74 11.08
N THR E 25 31.33 -13.02 10.76
CA THR E 25 31.22 -13.53 9.36
C THR E 25 29.81 -14.09 9.20
N LEU E 26 29.35 -14.22 7.96
CA LEU E 26 27.98 -14.69 7.65
C LEU E 26 27.82 -16.12 8.18
N ALA E 27 28.91 -16.90 8.15
CA ALA E 27 29.01 -18.29 8.64
C ALA E 27 28.88 -18.33 10.17
N SER E 28 29.73 -17.59 10.89
CA SER E 28 29.90 -17.70 12.37
C SER E 28 28.62 -17.29 13.11
N THR E 29 27.81 -16.36 12.59
CA THR E 29 26.63 -15.83 13.33
C THR E 29 25.47 -15.50 12.39
N PRO E 30 24.91 -16.50 11.66
CA PRO E 30 23.85 -16.27 10.68
C PRO E 30 22.64 -15.46 11.18
N ALA E 31 22.29 -15.62 12.46
CA ALA E 31 21.09 -15.01 13.07
C ALA E 31 21.27 -13.49 13.18
N LEU E 32 22.50 -12.97 13.14
CA LEU E 32 22.76 -11.52 13.39
C LEU E 32 22.81 -10.72 12.08
N TRP E 33 22.51 -11.35 10.94
CA TRP E 33 22.55 -10.75 9.58
C TRP E 33 21.14 -10.50 9.03
N ALA E 34 20.91 -9.33 8.44
CA ALA E 34 19.73 -9.03 7.60
C ALA E 34 20.19 -8.99 6.14
N SER E 35 19.36 -9.46 5.22
CA SER E 35 19.73 -9.52 3.78
C SER E 35 18.88 -8.53 2.99
N ILE E 36 19.51 -7.78 2.10
CA ILE E 36 18.84 -6.86 1.13
C ILE E 36 18.96 -7.51 -0.25
N PRO E 37 17.85 -7.68 -1.00
CA PRO E 37 17.97 -8.14 -2.37
C PRO E 37 18.86 -7.14 -3.11
N CYS E 38 19.91 -7.62 -3.76
CA CYS E 38 20.98 -6.77 -4.34
C CYS E 38 21.95 -7.63 -5.12
N PRO E 39 21.77 -7.79 -6.45
CA PRO E 39 22.72 -8.55 -7.26
C PRO E 39 24.07 -7.85 -7.45
N ARG E 40 25.10 -8.61 -7.83
CA ARG E 40 26.47 -8.12 -8.14
C ARG E 40 26.40 -7.04 -9.23
N SER E 41 25.42 -7.13 -10.14
CA SER E 41 25.18 -6.13 -11.20
C SER E 41 24.76 -4.79 -10.58
N GLU E 42 24.15 -4.82 -9.39
CA GLU E 42 23.75 -3.60 -8.66
C GLU E 42 24.90 -3.13 -7.73
N LEU E 43 25.76 -4.01 -7.23
CA LEU E 43 26.77 -3.64 -6.20
C LEU E 43 27.86 -4.71 -6.11
N ARG E 44 29.11 -4.28 -6.22
CA ARG E 44 30.31 -5.03 -5.80
C ARG E 44 31.00 -4.23 -4.70
N LEU E 45 30.94 -4.73 -3.47
CA LEU E 45 31.55 -4.08 -2.29
C LEU E 45 33.05 -3.88 -2.53
N ASP E 46 33.72 -4.91 -3.08
CA ASP E 46 35.19 -4.88 -3.32
C ASP E 46 35.56 -3.81 -4.35
N LEU E 47 34.65 -3.31 -5.18
CA LEU E 47 34.99 -2.26 -6.18
C LEU E 47 34.52 -0.87 -5.70
N VAL E 48 33.82 -0.77 -4.59
CA VAL E 48 33.23 0.52 -4.15
C VAL E 48 33.89 0.96 -2.84
N LEU E 49 33.92 0.10 -1.82
CA LEU E 49 34.26 0.57 -0.45
C LEU E 49 35.75 0.92 -0.33
N PRO E 50 36.70 0.26 -1.03
CA PRO E 50 38.12 0.63 -0.95
C PRO E 50 38.58 1.52 -2.12
N SER E 51 37.65 2.06 -2.91
CA SER E 51 37.94 2.67 -4.22
C SER E 51 37.82 4.22 -4.17
N GLY E 52 38.24 4.83 -3.06
CA GLY E 52 38.48 6.29 -2.95
C GLY E 52 37.19 7.11 -3.01
N GLN E 53 36.08 6.55 -2.53
CA GLN E 53 34.84 7.30 -2.20
C GLN E 53 34.82 7.53 -0.69
N SER E 54 34.58 6.46 0.06
CA SER E 54 34.68 6.42 1.53
C SER E 54 36.07 5.89 1.90
N PHE E 55 36.67 6.36 3.01
CA PHE E 55 37.95 5.82 3.53
C PHE E 55 37.74 5.05 4.85
N ARG E 56 36.51 4.68 5.19
CA ARG E 56 36.18 4.17 6.53
C ARG E 56 35.83 2.68 6.48
N TRP E 57 36.18 1.97 5.41
CA TRP E 57 35.82 0.54 5.22
C TRP E 57 37.07 -0.31 5.00
N ARG E 58 37.17 -1.42 5.74
CA ARG E 58 38.28 -2.39 5.68
C ARG E 58 37.73 -3.81 5.61
N GLU E 59 38.32 -4.63 4.75
CA GLU E 59 38.02 -6.07 4.61
C GLU E 59 38.69 -6.83 5.77
N GLN E 60 38.18 -6.72 6.99
CA GLN E 60 38.74 -7.37 8.21
C GLN E 60 38.74 -8.90 8.07
N SER E 61 37.80 -9.48 7.34
CA SER E 61 37.75 -10.92 6.96
C SER E 61 37.51 -11.00 5.45
N PRO E 62 37.97 -12.04 4.75
CA PRO E 62 37.75 -12.15 3.31
C PRO E 62 36.26 -11.96 2.98
N ALA E 63 35.95 -10.99 2.10
CA ALA E 63 34.61 -10.66 1.54
C ALA E 63 33.71 -10.00 2.58
N HIS E 64 34.25 -9.62 3.76
CA HIS E 64 33.51 -8.97 4.87
C HIS E 64 34.11 -7.58 5.12
N TRP E 65 33.33 -6.53 4.86
CA TRP E 65 33.75 -5.11 5.01
C TRP E 65 33.15 -4.53 6.28
N SER E 66 33.99 -4.09 7.20
CA SER E 66 33.55 -3.47 8.47
C SER E 66 33.82 -1.97 8.40
N GLY E 67 32.97 -1.15 8.99
CA GLY E 67 33.18 0.31 8.98
C GLY E 67 32.04 1.00 9.70
N VAL E 68 32.14 2.33 9.81
CA VAL E 68 31.16 3.16 10.55
C VAL E 68 30.22 3.79 9.53
N LEU E 69 28.93 3.63 9.74
CA LEU E 69 27.85 4.27 8.98
C LEU E 69 26.91 4.91 10.00
N ALA E 70 26.83 6.24 10.05
CA ALA E 70 25.90 6.98 10.93
C ALA E 70 26.15 6.57 12.38
N ASP E 71 27.39 6.72 12.86
CA ASP E 71 27.84 6.47 14.26
C ASP E 71 27.45 5.06 14.78
N GLN E 72 27.40 4.04 13.93
CA GLN E 72 27.38 2.60 14.37
C GLN E 72 28.36 1.81 13.51
N VAL E 73 28.92 0.73 14.03
CA VAL E 73 29.79 -0.16 13.23
C VAL E 73 28.91 -1.22 12.54
N TRP E 74 29.19 -1.45 11.26
CA TRP E 74 28.54 -2.49 10.41
C TRP E 74 29.60 -3.39 9.78
N THR E 75 29.24 -4.64 9.54
CA THR E 75 29.97 -5.54 8.62
C THR E 75 29.00 -5.85 7.48
N LEU E 76 29.50 -5.77 6.25
CA LEU E 76 28.70 -6.04 5.03
C LEU E 76 29.43 -7.12 4.24
N THR E 77 28.69 -8.06 3.70
CA THR E 77 29.23 -9.13 2.81
C THR E 77 28.15 -9.43 1.80
N GLN E 78 28.48 -10.07 0.70
CA GLN E 78 27.42 -10.32 -0.31
C GLN E 78 27.56 -11.75 -0.86
N THR E 79 26.44 -12.29 -1.28
CA THR E 79 26.34 -13.55 -2.06
C THR E 79 25.93 -13.11 -3.47
N GLU E 80 25.63 -14.06 -4.37
CA GLU E 80 25.37 -13.71 -5.79
C GLU E 80 24.19 -12.73 -5.85
N GLU E 81 23.19 -12.86 -4.97
CA GLU E 81 21.86 -12.19 -5.13
C GLU E 81 21.56 -11.21 -3.98
N GLN E 82 22.35 -11.18 -2.91
CA GLN E 82 21.95 -10.49 -1.64
C GLN E 82 23.15 -9.75 -1.01
N LEU E 83 22.87 -8.58 -0.44
CA LEU E 83 23.75 -7.84 0.49
C LEU E 83 23.35 -8.24 1.90
N HIS E 84 24.27 -8.83 2.64
CA HIS E 84 24.06 -9.22 4.07
C HIS E 84 24.69 -8.16 4.96
N CYS E 85 23.94 -7.64 5.93
CA CYS E 85 24.31 -6.53 6.82
C CYS E 85 24.15 -6.96 8.29
N THR E 86 25.16 -6.67 9.12
CA THR E 86 25.11 -6.88 10.59
C THR E 86 25.55 -5.56 11.21
N VAL E 87 24.96 -5.20 12.35
CA VAL E 87 25.28 -3.94 13.09
C VAL E 87 25.66 -4.30 14.52
N TYR E 88 26.69 -3.62 15.05
CA TYR E 88 27.21 -3.79 16.43
C TYR E 88 26.76 -2.59 17.26
N ARG E 89 26.09 -2.83 18.38
CA ARG E 89 25.45 -1.78 19.22
C ARG E 89 26.34 -1.53 20.45
N GLY E 90 26.64 -2.59 21.22
CA GLY E 90 27.54 -2.54 22.39
C GLY E 90 27.89 -3.92 22.91
N SER E 93 23.93 -3.91 24.98
CA SER E 93 22.70 -4.61 24.50
C SER E 93 23.03 -6.04 24.01
N GLN E 94 22.03 -6.92 24.04
CA GLN E 94 21.99 -8.25 23.37
C GLN E 94 22.06 -8.00 21.85
N ALA E 95 22.92 -8.72 21.13
CA ALA E 95 23.04 -8.64 19.66
C ALA E 95 21.74 -9.15 19.03
N SER E 96 21.29 -8.48 17.98
CA SER E 96 20.14 -8.90 17.15
C SER E 96 20.41 -8.32 15.77
N ARG E 97 19.74 -8.82 14.73
CA ARG E 97 20.06 -8.36 13.37
C ARG E 97 19.55 -6.92 13.23
N PRO E 98 19.99 -6.17 12.20
CA PRO E 98 19.58 -4.77 12.04
C PRO E 98 18.04 -4.63 12.05
N THR E 99 17.53 -3.53 12.61
CA THR E 99 16.10 -3.13 12.51
C THR E 99 15.83 -2.68 11.09
N PRO E 100 14.58 -2.76 10.59
CA PRO E 100 14.23 -2.16 9.28
C PRO E 100 14.65 -0.69 9.17
N ASP E 101 14.54 0.10 10.24
CA ASP E 101 15.01 1.51 10.28
C ASP E 101 16.53 1.56 10.05
N GLU E 102 17.30 0.73 10.76
CA GLU E 102 18.78 0.71 10.62
C GLU E 102 19.11 0.33 9.17
N LEU E 103 18.44 -0.69 8.65
CA LEU E 103 18.69 -1.27 7.31
C LEU E 103 18.42 -0.21 6.22
N GLU E 104 17.58 0.78 6.54
CA GLU E 104 17.24 1.93 5.65
C GLU E 104 18.47 2.82 5.43
N ALA E 105 19.27 3.08 6.46
CA ALA E 105 20.55 3.81 6.36
C ALA E 105 21.43 3.15 5.29
N VAL E 106 21.48 1.80 5.28
CA VAL E 106 22.33 1.03 4.33
C VAL E 106 21.79 1.24 2.92
N ARG E 107 20.47 1.10 2.73
CA ARG E 107 19.82 1.29 1.41
C ARG E 107 20.13 2.71 0.93
N LYS E 108 20.05 3.71 1.81
CA LYS E 108 20.28 5.13 1.45
C LYS E 108 21.77 5.32 1.09
N TYR E 109 22.68 4.77 1.89
CA TYR E 109 24.15 4.91 1.69
C TYR E 109 24.53 4.38 0.31
N PHE E 110 23.98 3.24 -0.11
CA PHE E 110 24.32 2.63 -1.43
C PHE E 110 23.38 3.15 -2.52
N GLN E 111 22.42 4.02 -2.20
CA GLN E 111 21.46 4.62 -3.18
C GLN E 111 20.79 3.50 -3.99
N LEU E 112 20.35 2.41 -3.33
CA LEU E 112 19.85 1.19 -4.00
C LEU E 112 18.51 1.47 -4.70
N ASP E 113 17.85 2.58 -4.38
CA ASP E 113 16.65 3.09 -5.10
C ASP E 113 17.03 3.29 -6.57
N VAL E 114 18.28 3.66 -6.85
CA VAL E 114 18.79 3.86 -8.24
C VAL E 114 19.18 2.50 -8.84
N THR E 115 18.63 2.15 -10.00
CA THR E 115 18.94 0.88 -10.71
C THR E 115 20.18 1.09 -11.59
N LEU E 116 21.34 0.65 -11.13
CA LEU E 116 22.64 0.83 -11.82
C LEU E 116 22.62 0.15 -13.19
N ALA E 117 21.93 -1.00 -13.32
CA ALA E 117 21.78 -1.73 -14.60
C ALA E 117 21.32 -0.76 -15.70
N GLN E 118 20.29 0.03 -15.44
CA GLN E 118 19.77 1.06 -16.40
C GLN E 118 20.86 2.06 -16.75
N LEU E 119 21.66 2.51 -15.78
CA LEU E 119 22.76 3.49 -16.02
C LEU E 119 23.88 2.87 -16.85
N TYR E 120 24.37 1.69 -16.48
CA TYR E 120 25.45 0.97 -17.21
C TYR E 120 25.03 0.77 -18.68
N HIS E 121 23.75 0.45 -18.91
CA HIS E 121 23.20 0.26 -20.28
C HIS E 121 23.25 1.59 -21.04
N HIS E 122 22.80 2.68 -20.39
CA HIS E 122 22.80 4.03 -21.01
C HIS E 122 24.23 4.44 -21.36
N TRP E 123 25.15 4.36 -20.39
CA TRP E 123 26.55 4.75 -20.61
C TRP E 123 27.14 3.90 -21.74
N GLY E 124 26.89 2.58 -21.69
CA GLY E 124 27.36 1.62 -22.70
C GLY E 124 26.89 1.99 -24.10
N SER E 125 25.64 2.39 -24.25
CA SER E 125 24.99 2.60 -25.56
C SER E 125 25.50 3.91 -26.21
N VAL E 126 26.12 4.81 -25.43
CA VAL E 126 26.61 6.12 -25.95
C VAL E 126 28.15 6.20 -25.83
N ASP E 127 28.83 5.13 -25.41
CA ASP E 127 30.31 5.12 -25.21
C ASP E 127 30.80 3.66 -25.24
N SER E 128 31.34 3.23 -26.38
CA SER E 128 31.80 1.85 -26.66
C SER E 128 32.92 1.45 -25.69
N HIS E 129 33.77 2.38 -25.29
CA HIS E 129 34.89 2.06 -24.36
C HIS E 129 34.32 1.77 -22.96
N PHE E 130 33.39 2.59 -22.48
CA PHE E 130 32.71 2.33 -21.18
C PHE E 130 32.20 0.89 -21.16
N GLN E 131 31.36 0.53 -22.15
CA GLN E 131 30.80 -0.83 -22.36
C GLN E 131 31.88 -1.88 -22.14
N GLU E 132 33.10 -1.63 -22.62
CA GLU E 132 34.26 -2.55 -22.55
C GLU E 132 34.69 -2.75 -21.09
N VAL E 133 34.86 -1.65 -20.33
CA VAL E 133 35.26 -1.65 -18.88
C VAL E 133 34.12 -2.25 -18.05
N ALA E 134 32.88 -1.91 -18.40
CA ALA E 134 31.63 -2.28 -17.66
C ALA E 134 31.42 -3.79 -17.70
N GLN E 135 31.96 -4.43 -18.74
CA GLN E 135 32.00 -5.90 -18.95
C GLN E 135 32.66 -6.55 -17.72
N LYS E 136 33.82 -6.03 -17.31
CA LYS E 136 34.70 -6.63 -16.27
C LYS E 136 34.45 -6.00 -14.89
N PHE E 137 33.80 -4.83 -14.81
CA PHE E 137 33.64 -4.08 -13.52
C PHE E 137 32.18 -3.68 -13.34
N GLN E 138 31.36 -4.67 -13.00
CA GLN E 138 29.93 -4.48 -12.67
C GLN E 138 29.81 -3.98 -11.23
N GLY E 139 28.67 -3.35 -10.95
CA GLY E 139 28.25 -3.05 -9.58
C GLY E 139 29.07 -1.95 -8.94
N VAL E 140 29.65 -1.05 -9.75
CA VAL E 140 30.38 0.13 -9.20
C VAL E 140 29.34 1.23 -8.99
N ARG E 141 28.87 1.36 -7.76
CA ARG E 141 27.89 2.39 -7.32
C ARG E 141 28.61 3.61 -6.74
N LEU E 142 27.90 4.71 -6.64
CA LEU E 142 28.33 5.92 -5.93
C LEU E 142 27.62 5.95 -4.58
N LEU E 143 28.37 5.96 -3.50
CA LEU E 143 27.82 6.04 -2.14
C LEU E 143 27.19 7.42 -1.99
N ARG E 144 26.12 7.54 -1.21
CA ARG E 144 25.58 8.82 -0.73
C ARG E 144 26.13 9.03 0.69
N GLN E 145 27.16 9.85 0.81
CA GLN E 145 27.95 10.04 2.04
C GLN E 145 27.37 11.20 2.86
N ASP E 146 27.57 11.15 4.16
CA ASP E 146 27.30 12.28 5.08
C ASP E 146 28.10 13.47 4.57
N PRO E 147 27.48 14.65 4.40
CA PRO E 147 28.21 15.83 3.94
C PRO E 147 29.48 16.15 4.77
N ILE E 148 29.39 16.12 6.08
CA ILE E 148 30.54 16.52 6.97
C ILE E 148 31.68 15.51 6.80
N GLU E 149 31.38 14.21 6.91
CA GLU E 149 32.37 13.13 6.74
C GLU E 149 33.04 13.31 5.36
N CYS E 150 32.24 13.58 4.34
CA CYS E 150 32.70 13.65 2.94
C CYS E 150 33.62 14.87 2.78
N LEU E 151 33.15 16.02 3.25
CA LEU E 151 33.89 17.32 3.18
C LEU E 151 35.26 17.17 3.85
N PHE E 152 35.30 16.74 5.11
CA PHE E 152 36.58 16.71 5.87
C PHE E 152 37.49 15.61 5.34
N SER E 153 36.91 14.52 4.83
CA SER E 153 37.65 13.38 4.25
C SER E 153 38.34 13.83 2.95
N PHE E 154 37.68 14.61 2.11
CA PHE E 154 38.27 15.11 0.84
C PHE E 154 39.18 16.32 1.08
N ILE E 155 39.01 17.07 2.16
CA ILE E 155 40.07 18.05 2.56
C ILE E 155 41.37 17.28 2.84
N CYS E 156 41.30 16.12 3.50
CA CYS E 156 42.48 15.26 3.81
C CYS E 156 43.04 14.58 2.56
N SER E 157 42.36 14.66 1.40
CA SER E 157 42.67 13.82 0.22
C SER E 157 43.74 14.46 -0.66
N SER E 158 44.00 15.76 -0.56
CA SER E 158 44.91 16.48 -1.49
C SER E 158 46.33 15.86 -1.42
N ASN E 159 46.96 15.65 -2.57
CA ASN E 159 48.37 15.21 -2.75
C ASN E 159 48.64 13.98 -1.89
N ASN E 160 47.81 12.97 -2.05
CA ASN E 160 47.68 11.85 -1.09
C ASN E 160 47.11 10.64 -1.84
N ASN E 161 47.60 9.43 -1.58
CA ASN E 161 47.04 8.18 -2.16
C ASN E 161 45.96 7.66 -1.19
N ILE E 162 45.16 6.68 -1.61
CA ILE E 162 44.02 6.14 -0.81
C ILE E 162 44.57 5.54 0.49
N ALA E 163 45.68 4.82 0.43
CA ALA E 163 46.29 4.20 1.63
C ALA E 163 46.51 5.27 2.71
N ARG E 164 47.07 6.41 2.35
CA ARG E 164 47.51 7.45 3.32
C ARG E 164 46.32 8.29 3.79
N ILE E 165 45.34 8.55 2.92
CA ILE E 165 44.09 9.26 3.34
C ILE E 165 43.38 8.40 4.38
N THR E 166 43.29 7.08 4.12
CA THR E 166 42.62 6.10 5.00
C THR E 166 43.26 6.19 6.40
N GLY E 167 44.59 6.30 6.49
CA GLY E 167 45.29 6.43 7.78
C GLY E 167 44.98 7.77 8.46
N MET E 168 45.09 8.87 7.72
CA MET E 168 44.82 10.24 8.22
C MET E 168 43.39 10.31 8.77
N VAL E 169 42.41 9.84 7.99
CA VAL E 169 40.98 9.93 8.39
C VAL E 169 40.77 9.07 9.63
N GLU E 170 41.37 7.88 9.65
CA GLU E 170 41.30 6.98 10.81
C GLU E 170 41.89 7.70 12.04
N ARG E 171 43.03 8.35 11.89
CA ARG E 171 43.71 9.05 13.02
C ARG E 171 42.87 10.26 13.45
N LEU E 172 42.27 10.96 12.48
CA LEU E 172 41.35 12.12 12.70
C LEU E 172 40.18 11.69 13.60
N CYS E 173 39.51 10.57 13.27
CA CYS E 173 38.35 10.03 14.03
C CYS E 173 38.79 9.53 15.41
N GLN E 174 39.92 8.82 15.46
CA GLN E 174 40.51 8.32 16.76
C GLN E 174 40.66 9.52 17.72
N ALA E 175 41.10 10.68 17.22
CA ALA E 175 41.46 11.86 18.04
C ALA E 175 40.23 12.69 18.41
N PHE E 176 39.26 12.88 17.50
CA PHE E 176 38.17 13.87 17.69
C PHE E 176 36.78 13.25 17.57
N GLY E 177 36.65 11.97 17.23
CA GLY E 177 35.35 11.29 17.14
C GLY E 177 35.06 10.42 18.36
N PRO E 178 33.78 10.17 18.70
CA PRO E 178 33.44 9.37 19.87
C PRO E 178 33.85 7.91 19.64
N ARG E 179 34.47 7.31 20.66
CA ARG E 179 34.76 5.87 20.68
C ARG E 179 33.44 5.12 20.60
N LEU E 180 33.28 4.22 19.64
CA LEU E 180 32.00 3.50 19.44
C LEU E 180 32.11 2.13 20.11
N ILE E 181 33.11 1.33 19.77
CA ILE E 181 33.15 -0.10 20.15
C ILE E 181 34.53 -0.66 19.81
N GLN E 182 34.98 -1.69 20.51
CA GLN E 182 36.16 -2.49 20.09
C GLN E 182 35.69 -3.84 19.53
N LEU E 183 36.09 -4.17 18.30
CA LEU E 183 35.91 -5.52 17.71
C LEU E 183 37.30 -6.15 17.52
N ASP E 184 37.56 -7.28 18.17
CA ASP E 184 38.91 -7.89 18.15
C ASP E 184 39.89 -6.79 18.59
N ASP E 185 40.86 -6.44 17.75
CA ASP E 185 41.95 -5.49 18.10
C ASP E 185 41.67 -4.10 17.52
N VAL E 186 40.50 -3.88 16.91
CA VAL E 186 40.19 -2.62 16.19
C VAL E 186 39.17 -1.83 17.02
N THR E 187 39.53 -0.59 17.38
CA THR E 187 38.66 0.37 18.09
C THR E 187 38.04 1.28 17.02
N TYR E 188 36.72 1.34 16.95
CA TYR E 188 35.99 2.18 15.94
C TYR E 188 35.54 3.47 16.60
N HIS E 189 35.77 4.60 15.92
CA HIS E 189 35.33 5.96 16.31
C HIS E 189 34.32 6.48 15.29
N GLY E 190 33.34 7.27 15.76
CA GLY E 190 32.44 8.03 14.89
C GLY E 190 33.21 9.15 14.20
N PHE E 191 32.69 9.67 13.09
CA PHE E 191 33.28 10.87 12.46
C PHE E 191 33.09 12.05 13.41
N PRO E 192 34.10 12.93 13.62
CA PRO E 192 33.95 14.07 14.52
C PRO E 192 32.81 14.99 14.08
N SER E 193 32.12 15.56 15.07
CA SER E 193 31.19 16.70 14.89
C SER E 193 31.99 17.93 14.43
N LEU E 194 31.31 18.92 13.86
CA LEU E 194 31.87 20.27 13.56
C LEU E 194 32.46 20.87 14.83
N GLN E 195 31.72 20.74 15.94
CA GLN E 195 32.04 21.37 17.25
C GLN E 195 33.41 20.86 17.68
N ALA E 196 33.65 19.56 17.51
CA ALA E 196 34.93 18.88 17.85
C ALA E 196 36.03 19.34 16.90
N LEU E 197 35.72 19.60 15.63
CA LEU E 197 36.76 19.99 14.64
C LEU E 197 37.07 21.48 14.73
N ALA E 198 36.23 22.29 15.36
CA ALA E 198 36.37 23.77 15.40
C ALA E 198 37.16 24.25 16.65
N GLY E 199 37.60 23.35 17.54
CA GLY E 199 38.29 23.71 18.79
C GLY E 199 39.66 24.34 18.54
N PRO E 200 40.12 25.30 19.39
CA PRO E 200 41.40 26.01 19.16
C PRO E 200 42.70 25.18 19.29
N GLU E 201 42.61 23.89 19.61
CA GLU E 201 43.77 22.96 19.78
C GLU E 201 43.77 21.87 18.70
N VAL E 202 42.74 21.84 17.83
CA VAL E 202 42.56 20.79 16.78
C VAL E 202 43.74 20.86 15.79
N GLU E 203 44.08 22.06 15.33
CA GLU E 203 45.07 22.27 14.23
C GLU E 203 46.43 21.64 14.59
N ALA E 204 46.98 21.96 15.78
CA ALA E 204 48.32 21.49 16.22
C ALA E 204 48.33 19.97 16.30
N HIS E 205 47.27 19.37 16.86
CA HIS E 205 47.16 17.90 17.07
C HIS E 205 47.17 17.21 15.70
N LEU E 206 46.32 17.66 14.77
CA LEU E 206 46.24 17.08 13.40
C LEU E 206 47.61 17.17 12.69
N ARG E 207 48.38 18.23 12.94
CA ARG E 207 49.80 18.35 12.48
C ARG E 207 50.64 17.20 13.07
N LYS E 208 50.55 16.97 14.39
CA LYS E 208 51.24 15.84 15.07
C LYS E 208 50.91 14.54 14.33
N LEU E 209 49.65 14.41 13.85
CA LEU E 209 49.09 13.17 13.25
C LEU E 209 49.43 13.06 11.77
N GLY E 210 50.23 13.98 11.22
CA GLY E 210 50.77 13.91 9.84
C GLY E 210 49.87 14.57 8.80
N LEU E 211 48.80 15.27 9.20
CA LEU E 211 47.86 15.90 8.22
C LEU E 211 48.55 17.09 7.54
N GLY E 212 49.63 17.64 8.12
CA GLY E 212 50.38 18.73 7.50
C GLY E 212 49.54 19.99 7.35
N TYR E 213 49.57 20.60 6.17
CA TYR E 213 48.88 21.87 5.80
C TYR E 213 47.35 21.68 5.86
N ARG E 214 46.88 20.44 5.69
CA ARG E 214 45.45 20.05 5.66
C ARG E 214 44.84 20.27 7.05
N ALA E 215 45.64 20.20 8.11
CA ALA E 215 45.24 20.43 9.51
C ALA E 215 44.57 21.81 9.68
N ARG E 216 45.16 22.85 9.10
CA ARG E 216 44.60 24.22 9.11
C ARG E 216 43.24 24.23 8.37
N TYR E 217 43.16 23.59 7.21
CA TYR E 217 41.93 23.55 6.37
C TYR E 217 40.79 22.95 7.18
N VAL E 218 41.03 21.84 7.87
CA VAL E 218 40.01 21.09 8.66
C VAL E 218 39.45 22.04 9.74
N SER E 219 40.36 22.59 10.55
CA SER E 219 40.04 23.45 11.72
C SER E 219 39.32 24.72 11.27
N ALA E 220 39.86 25.39 10.24
CA ALA E 220 39.34 26.69 9.77
C ALA E 220 37.98 26.45 9.07
N SER E 221 37.86 25.36 8.32
CA SER E 221 36.60 25.06 7.59
C SER E 221 35.51 24.70 8.59
N ALA E 222 35.81 23.96 9.66
CA ALA E 222 34.82 23.59 10.70
C ALA E 222 34.34 24.86 11.38
N ARG E 223 35.25 25.81 11.65
CA ARG E 223 34.90 27.12 12.27
C ARG E 223 34.02 27.90 11.30
N ALA E 224 34.43 28.04 10.03
CA ALA E 224 33.69 28.80 9.00
C ALA E 224 32.25 28.27 8.92
N ILE E 225 32.08 26.95 8.84
CA ILE E 225 30.74 26.32 8.67
C ILE E 225 29.88 26.67 9.91
N LEU E 226 30.43 26.53 11.11
CA LEU E 226 29.71 26.78 12.39
C LEU E 226 29.41 28.26 12.59
N GLU E 227 30.41 29.13 12.39
CA GLU E 227 30.32 30.54 12.81
C GLU E 227 29.75 31.42 11.69
N GLU E 228 29.93 31.04 10.43
CA GLU E 228 29.59 31.95 9.29
C GLU E 228 28.42 31.39 8.46
N GLN E 229 28.34 30.07 8.27
CA GLN E 229 27.41 29.48 7.26
C GLN E 229 26.19 28.85 7.94
N GLY E 230 26.18 28.70 9.28
CA GLY E 230 24.99 28.28 10.05
C GLY E 230 24.91 26.79 10.28
N GLY E 231 26.04 26.10 10.30
CA GLY E 231 26.11 24.69 10.69
C GLY E 231 25.59 23.77 9.60
N LEU E 232 25.01 22.63 10.01
CA LEU E 232 24.67 21.51 9.10
C LEU E 232 23.54 21.93 8.14
N ALA E 233 22.79 22.95 8.52
CA ALA E 233 21.72 23.55 7.70
C ALA E 233 22.28 23.93 6.32
N TRP E 234 23.50 24.45 6.28
CA TRP E 234 24.19 24.91 5.03
C TRP E 234 24.35 23.74 4.06
N LEU E 235 24.81 22.59 4.56
CA LEU E 235 25.12 21.45 3.66
C LEU E 235 23.80 20.86 3.16
N GLN E 236 22.73 20.93 3.95
CA GLN E 236 21.38 20.54 3.47
C GLN E 236 20.91 21.53 2.39
N GLN E 237 21.13 22.84 2.59
CA GLN E 237 20.88 23.89 1.58
C GLN E 237 21.64 23.56 0.27
N LEU E 238 22.91 23.16 0.36
CA LEU E 238 23.73 22.84 -0.85
C LEU E 238 23.22 21.54 -1.50
N ARG E 239 22.68 20.59 -0.75
CA ARG E 239 22.02 19.39 -1.34
C ARG E 239 20.85 19.82 -2.23
N GLU E 240 20.14 20.87 -1.85
CA GLU E 240 18.91 21.35 -2.55
C GLU E 240 19.24 22.41 -3.59
N SER E 241 20.48 22.92 -3.60
CA SER E 241 20.94 23.93 -4.57
C SER E 241 21.39 23.23 -5.85
N SER E 242 21.52 24.00 -6.93
CA SER E 242 22.13 23.56 -8.21
C SER E 242 23.59 23.16 -7.96
N TYR E 243 24.13 22.31 -8.83
CA TYR E 243 25.56 21.92 -8.89
C TYR E 243 26.44 23.19 -8.92
N GLU E 244 26.10 24.13 -9.82
CA GLU E 244 26.81 25.43 -9.97
C GLU E 244 26.85 26.17 -8.62
N GLU E 245 25.68 26.38 -7.99
CA GLU E 245 25.55 27.03 -6.65
C GLU E 245 26.42 26.28 -5.63
N ALA E 246 26.27 24.96 -5.56
CA ALA E 246 26.88 24.12 -4.50
C ALA E 246 28.40 24.24 -4.60
N HIS E 247 28.92 24.06 -5.82
CA HIS E 247 30.36 24.05 -6.15
C HIS E 247 30.97 25.38 -5.74
N LYS E 248 30.37 26.49 -6.18
CA LYS E 248 30.89 27.84 -5.86
C LYS E 248 30.83 28.05 -4.34
N ALA E 249 29.73 27.72 -3.68
CA ALA E 249 29.57 27.89 -2.21
C ALA E 249 30.70 27.13 -1.47
N LEU E 250 31.00 25.89 -1.85
CA LEU E 250 32.02 25.08 -1.15
C LEU E 250 33.39 25.75 -1.23
N CYS E 251 33.65 26.46 -2.33
CA CYS E 251 34.96 27.07 -2.69
C CYS E 251 35.27 28.29 -1.83
N ILE E 252 34.34 28.77 -1.00
CA ILE E 252 34.67 29.77 0.06
C ILE E 252 35.47 29.10 1.20
N LEU E 253 35.52 27.76 1.31
CA LEU E 253 36.13 27.09 2.50
C LEU E 253 37.64 26.97 2.34
N PRO E 254 38.41 27.26 3.42
CA PRO E 254 39.85 27.01 3.42
C PRO E 254 40.15 25.57 2.96
N GLY E 255 40.97 25.44 1.92
CA GLY E 255 41.41 24.13 1.39
C GLY E 255 40.43 23.52 0.39
N VAL E 256 39.31 24.16 0.10
CA VAL E 256 38.32 23.57 -0.86
C VAL E 256 38.49 24.31 -2.19
N GLY E 257 39.15 23.66 -3.15
CA GLY E 257 39.23 24.11 -4.55
C GLY E 257 38.24 23.37 -5.44
N THR E 258 38.43 23.49 -6.75
CA THR E 258 37.62 22.83 -7.80
C THR E 258 37.53 21.30 -7.54
N LYS E 259 38.66 20.65 -7.29
CA LYS E 259 38.79 19.17 -7.22
C LYS E 259 37.94 18.65 -6.04
N VAL E 260 38.17 19.25 -4.86
CA VAL E 260 37.51 18.85 -3.58
C VAL E 260 36.01 19.17 -3.68
N ALA E 261 35.65 20.37 -4.16
CA ALA E 261 34.26 20.83 -4.29
C ALA E 261 33.51 19.84 -5.18
N ASP E 262 34.14 19.40 -6.27
CA ASP E 262 33.52 18.44 -7.22
C ASP E 262 33.32 17.07 -6.54
N CYS E 263 34.32 16.59 -5.79
CA CYS E 263 34.24 15.33 -4.99
C CYS E 263 33.04 15.41 -4.03
N ILE E 264 32.87 16.52 -3.34
CA ILE E 264 31.78 16.66 -2.33
C ILE E 264 30.44 16.74 -3.08
N CYS E 265 30.40 17.47 -4.18
CA CYS E 265 29.17 17.68 -4.97
C CYS E 265 28.65 16.30 -5.44
N LEU E 266 29.54 15.49 -6.00
CA LEU E 266 29.23 14.15 -6.55
C LEU E 266 28.79 13.20 -5.43
N MET E 267 29.58 13.14 -4.35
CA MET E 267 29.54 12.01 -3.40
C MET E 267 28.70 12.34 -2.15
N ALA E 268 28.32 13.59 -1.92
CA ALA E 268 27.51 13.94 -0.73
C ALA E 268 26.38 14.92 -1.03
N LEU E 269 26.42 15.68 -2.13
CA LEU E 269 25.46 16.80 -2.34
C LEU E 269 24.53 16.51 -3.52
N ASP E 270 24.47 15.25 -3.99
CA ASP E 270 23.49 14.77 -4.98
C ASP E 270 23.64 15.57 -6.28
N LYS E 271 24.87 15.83 -6.71
CA LYS E 271 25.19 16.39 -8.05
C LYS E 271 25.85 15.28 -8.88
N PRO E 272 25.06 14.40 -9.52
CA PRO E 272 25.61 13.26 -10.23
C PRO E 272 26.39 13.66 -11.50
N GLN E 273 26.28 14.93 -11.92
CA GLN E 273 26.98 15.44 -13.13
C GLN E 273 28.34 16.02 -12.75
N ALA E 274 28.67 16.08 -11.45
CA ALA E 274 30.01 16.55 -10.99
C ALA E 274 31.04 15.52 -11.44
N VAL E 275 32.11 15.99 -12.08
CA VAL E 275 33.24 15.14 -12.56
C VAL E 275 34.55 15.74 -12.04
N PRO E 276 35.04 15.36 -10.85
CA PRO E 276 36.33 15.86 -10.37
C PRO E 276 37.48 15.47 -11.31
N VAL E 277 38.25 16.46 -11.76
CA VAL E 277 39.39 16.25 -12.69
C VAL E 277 40.72 16.47 -11.96
N ASP E 278 41.58 15.46 -11.94
CA ASP E 278 43.02 15.57 -11.55
C ASP E 278 43.87 14.90 -12.64
N VAL E 279 45.19 14.84 -12.44
CA VAL E 279 46.18 14.20 -13.37
C VAL E 279 45.67 12.81 -13.77
N HIS E 280 45.10 12.07 -12.82
CA HIS E 280 44.61 10.68 -13.02
C HIS E 280 43.55 10.64 -14.13
N MET E 281 42.59 11.58 -14.11
CA MET E 281 41.46 11.60 -15.07
C MET E 281 41.95 12.06 -16.46
N TRP E 282 43.02 12.85 -16.50
CA TRP E 282 43.80 13.22 -17.72
C TRP E 282 44.34 11.98 -18.42
N HIS E 283 45.18 11.21 -17.72
CA HIS E 283 45.78 9.94 -18.21
C HIS E 283 44.68 9.14 -18.93
N ILE E 284 43.52 8.99 -18.29
CA ILE E 284 42.36 8.21 -18.80
C ILE E 284 41.81 8.86 -20.08
N ALA E 285 41.64 10.19 -20.10
CA ALA E 285 41.11 10.91 -21.28
C ALA E 285 42.06 10.78 -22.47
N GLN E 286 43.38 10.92 -22.25
CA GLN E 286 44.47 10.68 -23.24
C GLN E 286 44.35 9.25 -23.76
N ARG E 287 44.47 8.29 -22.84
CA ARG E 287 44.67 6.85 -23.13
C ARG E 287 43.48 6.32 -23.94
N ASP E 288 42.25 6.69 -23.59
CA ASP E 288 41.03 5.96 -24.00
C ASP E 288 40.02 6.83 -24.76
N TYR E 289 40.21 8.16 -24.83
CA TYR E 289 39.20 9.07 -25.42
C TYR E 289 39.83 10.08 -26.42
N SER E 290 41.11 9.92 -26.77
CA SER E 290 41.78 10.72 -27.83
C SER E 290 41.54 12.21 -27.55
N TRP E 291 42.09 12.73 -26.44
CA TRP E 291 41.70 14.04 -25.87
C TRP E 291 42.60 15.16 -26.39
N PRO E 301 47.72 20.19 -18.17
CA PRO E 301 46.81 20.09 -17.00
C PRO E 301 46.67 21.43 -16.24
N SER E 302 45.78 22.29 -16.70
CA SER E 302 45.49 23.64 -16.13
C SER E 302 44.09 23.69 -15.54
N PRO E 303 43.78 24.67 -14.66
CA PRO E 303 42.39 24.99 -14.35
C PRO E 303 41.47 25.04 -15.58
N GLN E 304 41.94 25.62 -16.70
CA GLN E 304 41.05 25.80 -17.89
C GLN E 304 40.77 24.44 -18.54
N THR E 305 41.78 23.58 -18.67
CA THR E 305 41.67 22.31 -19.43
C THR E 305 40.98 21.26 -18.54
N ASN E 306 41.28 21.24 -17.23
CA ASN E 306 40.53 20.46 -16.20
C ASN E 306 39.04 20.69 -16.43
N LYS E 307 38.62 21.95 -16.51
CA LYS E 307 37.20 22.33 -16.72
C LYS E 307 36.70 21.74 -18.04
N GLU E 308 37.45 21.92 -19.14
CA GLU E 308 37.07 21.42 -20.48
C GLU E 308 36.84 19.92 -20.41
N LEU E 309 37.71 19.21 -19.69
CA LEU E 309 37.64 17.72 -19.53
C LEU E 309 36.34 17.34 -18.78
N GLY E 310 36.03 18.03 -17.69
CA GLY E 310 34.74 17.88 -16.98
C GLY E 310 33.56 18.05 -17.93
N ASN E 311 33.61 19.07 -18.77
CA ASN E 311 32.55 19.41 -19.76
C ASN E 311 32.42 18.28 -20.80
N PHE E 312 33.55 17.73 -21.27
CA PHE E 312 33.58 16.64 -22.27
C PHE E 312 32.78 15.44 -21.71
N PHE E 313 33.15 14.98 -20.51
CA PHE E 313 32.53 13.81 -19.84
C PHE E 313 31.04 14.03 -19.60
N ARG E 314 30.60 15.24 -19.21
CA ARG E 314 29.15 15.51 -19.04
C ARG E 314 28.44 15.35 -20.39
N SER E 315 28.99 15.91 -21.48
CA SER E 315 28.41 15.84 -22.84
C SER E 315 28.42 14.41 -23.36
N LEU E 316 29.42 13.60 -23.00
CA LEU E 316 29.50 12.18 -23.46
C LEU E 316 28.50 11.30 -22.69
N TRP E 317 28.53 11.35 -21.37
CA TRP E 317 27.81 10.40 -20.47
C TRP E 317 26.43 10.94 -20.06
N GLY E 318 26.24 12.26 -20.06
CA GLY E 318 24.99 12.94 -19.64
C GLY E 318 24.94 13.22 -18.13
N PRO E 319 23.73 13.41 -17.55
CA PRO E 319 23.62 14.00 -16.21
C PRO E 319 24.10 13.15 -15.02
N TYR E 320 24.49 11.90 -15.25
CA TYR E 320 25.08 11.00 -14.24
C TYR E 320 26.55 10.71 -14.57
N ALA E 321 27.24 11.69 -15.16
CA ALA E 321 28.61 11.52 -15.65
C ALA E 321 29.58 11.18 -14.50
N GLY E 322 29.39 11.70 -13.29
CA GLY E 322 30.28 11.42 -12.14
C GLY E 322 30.20 9.95 -11.72
N TRP E 323 29.03 9.35 -11.86
CA TRP E 323 28.80 7.90 -11.60
C TRP E 323 29.56 7.09 -12.63
N ALA E 324 29.53 7.50 -13.90
CA ALA E 324 30.26 6.82 -15.00
C ALA E 324 31.75 6.88 -14.67
N GLN E 325 32.21 8.06 -14.25
CA GLN E 325 33.61 8.27 -13.80
C GLN E 325 33.97 7.23 -12.74
N ALA E 326 33.12 7.05 -11.71
CA ALA E 326 33.40 6.10 -10.61
C ALA E 326 33.72 4.74 -11.22
N VAL E 327 32.95 4.32 -12.23
CA VAL E 327 33.14 2.97 -12.87
C VAL E 327 34.56 2.91 -13.43
N LEU E 328 34.95 3.88 -14.27
CA LEU E 328 36.30 3.88 -14.90
C LEU E 328 37.38 3.97 -13.82
N PHE E 329 37.17 4.78 -12.78
CA PHE E 329 38.20 5.01 -11.75
C PHE E 329 38.43 3.73 -10.95
N SER E 330 37.37 3.09 -10.47
CA SER E 330 37.43 1.79 -9.75
C SER E 330 38.18 0.77 -10.62
N ALA E 331 37.78 0.62 -11.88
CA ALA E 331 38.40 -0.32 -12.85
C ALA E 331 39.90 -0.02 -12.92
N ASP E 332 40.26 1.26 -12.97
CA ASP E 332 41.66 1.72 -13.14
C ASP E 332 42.50 1.35 -11.89
N LEU E 333 41.94 1.38 -10.68
CA LEU E 333 42.65 0.90 -9.46
C LEU E 333 42.88 -0.62 -9.55
N ARG E 334 42.20 -1.32 -10.48
CA ARG E 334 42.32 -2.75 -10.83
C ARG E 334 41.86 -3.61 -9.64
#